data_2KPH
#
_entry.id   2KPH
#
_entity_poly.entity_id   1
_entity_poly.type   'polypeptide(L)'
_entity_poly.pdbx_seq_one_letter_code
;SPEIMKDLSINFGKALDTCKKELDLPDSINEDFYKFWKEDYEITNRLTGCAIKCLSEKLEMVDADGKLHHGNAREFAMKH
GADDAMAKQLVDLIHGCEKSIPPNDDRCMEVLSIAMCFKKEIHNLKWAPNMEVVVGEVLAEV
;
_entity_poly.pdbx_strand_id   A
#
# COMPACT_ATOMS: atom_id res chain seq x y z
N SER A 1 -21.30 -6.52 5.88
CA SER A 1 -22.42 -6.18 4.97
C SER A 1 -21.88 -5.45 3.74
N PRO A 2 -21.15 -6.19 2.93
CA PRO A 2 -20.56 -5.66 1.71
C PRO A 2 -21.63 -5.19 0.72
N GLU A 3 -21.35 -5.37 -0.55
CA GLU A 3 -22.32 -4.95 -1.60
C GLU A 3 -22.21 -3.44 -1.86
N ILE A 4 -20.99 -2.99 -1.98
CA ILE A 4 -20.75 -1.55 -2.23
C ILE A 4 -19.86 -1.37 -3.45
N MET A 5 -18.73 -0.80 -3.23
CA MET A 5 -17.78 -0.57 -4.36
C MET A 5 -18.27 0.57 -5.26
N LYS A 6 -18.35 1.74 -4.70
CA LYS A 6 -18.81 2.90 -5.52
C LYS A 6 -17.75 3.31 -6.53
N ASP A 7 -16.52 3.32 -6.10
CA ASP A 7 -15.42 3.70 -7.03
C ASP A 7 -14.06 3.56 -6.36
N LEU A 8 -13.77 2.37 -5.90
CA LEU A 8 -12.47 2.13 -5.23
C LEU A 8 -11.56 1.27 -6.11
N SER A 9 -11.92 0.03 -6.26
CA SER A 9 -11.10 -0.87 -7.10
C SER A 9 -10.86 -0.24 -8.47
N ILE A 10 -11.89 0.41 -8.99
CA ILE A 10 -11.74 1.05 -10.32
C ILE A 10 -10.59 2.05 -10.30
N ASN A 11 -10.66 3.00 -9.41
CA ASN A 11 -9.58 4.00 -9.33
C ASN A 11 -8.24 3.30 -9.23
N PHE A 12 -8.00 2.68 -8.11
CA PHE A 12 -6.72 1.97 -7.92
C PHE A 12 -6.37 1.18 -9.17
N GLY A 13 -7.38 0.82 -9.92
CA GLY A 13 -7.13 0.04 -11.16
C GLY A 13 -6.54 0.95 -12.24
N LYS A 14 -7.23 2.01 -12.55
CA LYS A 14 -6.71 2.93 -13.58
C LYS A 14 -5.30 3.37 -13.24
N ALA A 15 -5.07 3.57 -11.96
CA ALA A 15 -3.72 4.00 -11.53
C ALA A 15 -2.72 2.89 -11.79
N LEU A 16 -3.10 1.68 -11.46
CA LEU A 16 -2.18 0.54 -11.68
C LEU A 16 -1.92 0.37 -13.17
N ASP A 17 -2.92 0.59 -13.97
CA ASP A 17 -2.74 0.45 -15.43
C ASP A 17 -1.72 1.46 -15.92
N THR A 18 -1.98 2.71 -15.64
CA THR A 18 -1.03 3.76 -16.09
C THR A 18 0.39 3.33 -15.78
N CYS A 19 0.57 2.79 -14.61
CA CYS A 19 1.93 2.35 -14.22
C CYS A 19 2.40 1.24 -15.14
N LYS A 20 1.70 0.13 -15.12
CA LYS A 20 2.08 -1.01 -15.99
C LYS A 20 2.57 -0.52 -17.35
N LYS A 21 1.93 0.52 -17.85
CA LYS A 21 2.34 1.06 -19.17
C LYS A 21 3.67 1.80 -19.05
N GLU A 22 3.82 2.51 -17.96
CA GLU A 22 5.08 3.27 -17.77
C GLU A 22 6.14 2.37 -17.15
N LEU A 23 5.70 1.34 -16.48
CA LEU A 23 6.66 0.40 -15.84
C LEU A 23 6.89 -0.82 -16.73
N ASP A 24 5.96 -1.06 -17.62
CA ASP A 24 6.10 -2.23 -18.54
C ASP A 24 5.92 -3.55 -17.77
N LEU A 25 4.87 -3.60 -16.97
CA LEU A 25 4.61 -4.85 -16.20
C LEU A 25 3.54 -5.72 -16.87
N PRO A 26 3.89 -6.96 -17.20
CA PRO A 26 2.93 -7.85 -17.84
C PRO A 26 1.74 -8.07 -16.91
N ASP A 27 0.55 -7.89 -17.44
CA ASP A 27 -0.66 -8.09 -16.60
C ASP A 27 -0.51 -9.27 -15.66
N SER A 28 0.09 -10.33 -16.15
CA SER A 28 0.27 -11.52 -15.28
C SER A 28 0.74 -11.09 -13.90
N ILE A 29 1.59 -10.10 -13.89
CA ILE A 29 2.11 -9.61 -12.60
C ILE A 29 1.05 -8.80 -11.86
N ASN A 30 0.24 -8.09 -12.61
CA ASN A 30 -0.81 -7.28 -11.96
C ASN A 30 -1.65 -8.16 -11.04
N GLU A 31 -1.94 -9.35 -11.51
CA GLU A 31 -2.74 -10.28 -10.68
C GLU A 31 -1.93 -10.78 -9.50
N ASP A 32 -0.82 -11.40 -9.78
CA ASP A 32 0.03 -11.91 -8.67
C ASP A 32 0.26 -10.81 -7.65
N PHE A 33 0.39 -9.61 -8.14
CA PHE A 33 0.62 -8.46 -7.22
C PHE A 33 -0.52 -8.33 -6.22
N TYR A 34 -1.71 -8.28 -6.72
CA TYR A 34 -2.87 -8.15 -5.79
C TYR A 34 -2.82 -9.20 -4.70
N LYS A 35 -2.47 -10.40 -5.07
CA LYS A 35 -2.39 -11.50 -4.07
C LYS A 35 -1.42 -11.15 -2.93
N PHE A 36 -0.27 -10.64 -3.27
CA PHE A 36 0.72 -10.28 -2.21
C PHE A 36 0.07 -9.51 -1.05
N TRP A 37 -0.61 -8.43 -1.37
CA TRP A 37 -1.27 -7.65 -0.29
C TRP A 37 -2.55 -8.31 0.20
N LYS A 38 -2.51 -9.58 0.44
CA LYS A 38 -3.72 -10.28 0.92
C LYS A 38 -3.36 -11.55 1.67
N GLU A 39 -2.34 -12.20 1.19
CA GLU A 39 -1.89 -13.44 1.83
C GLU A 39 -0.58 -13.22 2.59
N ASP A 40 0.43 -13.87 2.14
CA ASP A 40 1.75 -13.72 2.78
C ASP A 40 2.83 -13.96 1.76
N TYR A 41 2.41 -13.90 0.54
CA TYR A 41 3.35 -14.11 -0.58
C TYR A 41 4.27 -12.91 -0.74
N GLU A 42 5.14 -12.97 -1.70
CA GLU A 42 6.07 -11.84 -1.92
C GLU A 42 6.44 -11.71 -3.39
N ILE A 43 6.31 -10.52 -3.90
CA ILE A 43 6.65 -10.31 -5.34
C ILE A 43 8.15 -10.20 -5.50
N THR A 44 8.80 -9.98 -4.39
CA THR A 44 10.29 -9.85 -4.38
C THR A 44 10.85 -9.37 -5.71
N ASN A 45 10.40 -8.22 -6.16
CA ASN A 45 10.91 -7.69 -7.45
C ASN A 45 11.16 -6.19 -7.37
N ARG A 46 12.40 -5.81 -7.44
CA ARG A 46 12.72 -4.37 -7.36
C ARG A 46 11.76 -3.57 -8.23
N LEU A 47 11.23 -4.21 -9.23
CA LEU A 47 10.28 -3.52 -10.13
C LEU A 47 8.96 -3.30 -9.41
N THR A 48 8.30 -4.38 -9.08
CA THR A 48 7.01 -4.25 -8.39
C THR A 48 7.15 -3.24 -7.26
N GLY A 49 8.38 -3.05 -6.82
CA GLY A 49 8.61 -2.08 -5.72
C GLY A 49 8.44 -0.67 -6.26
N CYS A 50 9.15 -0.39 -7.32
CA CYS A 50 9.04 0.95 -7.90
C CYS A 50 7.57 1.25 -8.12
N ALA A 51 6.81 0.20 -8.39
CA ALA A 51 5.36 0.39 -8.62
C ALA A 51 4.76 1.05 -7.41
N ILE A 52 4.94 0.43 -6.26
CA ILE A 52 4.37 1.02 -5.02
C ILE A 52 4.69 2.50 -4.99
N LYS A 53 5.88 2.83 -5.40
CA LYS A 53 6.28 4.25 -5.41
C LYS A 53 5.50 5.02 -6.47
N CYS A 54 5.56 4.53 -7.68
CA CYS A 54 4.83 5.21 -8.77
C CYS A 54 3.41 5.52 -8.32
N LEU A 55 2.76 4.55 -7.74
CA LEU A 55 1.38 4.77 -7.26
C LEU A 55 1.32 5.98 -6.34
N SER A 56 2.25 6.04 -5.41
CA SER A 56 2.26 7.19 -4.47
C SER A 56 2.09 8.48 -5.25
N GLU A 57 2.97 8.71 -6.19
CA GLU A 57 2.88 9.96 -6.99
C GLU A 57 1.52 10.04 -7.68
N LYS A 58 0.92 8.90 -7.88
CA LYS A 58 -0.39 8.87 -8.55
C LYS A 58 -1.51 9.24 -7.58
N LEU A 59 -1.16 9.34 -6.31
CA LEU A 59 -2.16 9.70 -5.25
C LEU A 59 -3.29 10.57 -5.81
N GLU A 60 -2.96 11.44 -6.73
CA GLU A 60 -3.99 12.32 -7.32
C GLU A 60 -5.10 11.49 -7.96
N MET A 61 -4.73 10.46 -8.66
CA MET A 61 -5.74 9.62 -9.32
C MET A 61 -6.19 8.47 -8.40
N VAL A 62 -5.46 8.28 -7.33
CA VAL A 62 -5.84 7.18 -6.38
C VAL A 62 -7.17 7.48 -5.70
N ASP A 63 -7.10 8.17 -4.60
CA ASP A 63 -8.35 8.52 -3.85
C ASP A 63 -8.42 10.01 -3.59
N ALA A 64 -9.15 10.70 -4.43
CA ALA A 64 -9.26 12.17 -4.24
C ALA A 64 -10.34 12.50 -3.21
N ASP A 65 -10.93 11.46 -2.66
CA ASP A 65 -11.99 11.69 -1.65
C ASP A 65 -11.55 12.76 -0.65
N GLY A 66 -10.27 12.98 -0.56
CA GLY A 66 -9.77 14.01 0.38
C GLY A 66 -9.40 13.38 1.72
N LYS A 67 -8.66 12.29 1.65
CA LYS A 67 -8.26 11.61 2.91
C LYS A 67 -6.86 11.02 2.77
N LEU A 68 -6.68 10.20 1.77
CA LEU A 68 -5.35 9.57 1.57
C LEU A 68 -4.38 10.56 0.94
N HIS A 69 -3.35 10.90 1.67
CA HIS A 69 -2.35 11.85 1.13
C HIS A 69 -0.97 11.58 1.71
N HIS A 70 0.04 12.06 1.04
CA HIS A 70 1.41 11.83 1.55
C HIS A 70 1.55 12.25 3.01
N GLY A 71 1.66 11.26 3.86
CA GLY A 71 1.79 11.58 5.31
C GLY A 71 0.41 11.65 5.97
N ASN A 72 -0.57 11.09 5.31
CA ASN A 72 -1.95 11.13 5.88
C ASN A 72 -2.74 9.90 5.52
N ALA A 73 -2.85 9.00 6.46
CA ALA A 73 -3.62 7.75 6.23
C ALA A 73 -4.63 7.58 7.33
N ARG A 74 -4.33 8.21 8.44
CA ARG A 74 -5.24 8.15 9.61
C ARG A 74 -6.70 8.24 9.18
N GLU A 75 -7.00 9.22 8.37
CA GLU A 75 -8.40 9.37 7.91
C GLU A 75 -8.77 8.27 6.93
N PHE A 76 -7.89 7.99 6.02
CA PHE A 76 -8.19 6.93 5.02
C PHE A 76 -8.22 5.56 5.68
N ALA A 77 -7.50 5.42 6.74
CA ALA A 77 -7.48 4.11 7.43
C ALA A 77 -8.60 4.02 8.47
N MET A 78 -9.16 5.15 8.82
CA MET A 78 -10.25 5.14 9.83
C MET A 78 -11.56 4.72 9.18
N LYS A 79 -11.77 5.14 7.97
CA LYS A 79 -13.03 4.77 7.28
C LYS A 79 -13.16 3.26 7.16
N HIS A 80 -12.03 2.58 7.18
CA HIS A 80 -12.08 1.10 7.07
C HIS A 80 -12.20 0.45 8.43
N GLY A 81 -11.34 0.84 9.34
CA GLY A 81 -11.41 0.23 10.70
C GLY A 81 -10.24 0.71 11.57
N ALA A 82 -9.16 1.09 10.95
CA ALA A 82 -8.00 1.56 11.74
C ALA A 82 -8.33 2.88 12.42
N ASP A 83 -8.91 2.79 13.59
CA ASP A 83 -9.28 4.02 14.32
C ASP A 83 -8.05 4.71 14.89
N ASP A 84 -8.27 5.63 15.80
CA ASP A 84 -7.13 6.36 16.40
C ASP A 84 -6.03 5.40 16.82
N ALA A 85 -6.22 4.76 17.94
CA ALA A 85 -5.19 3.80 18.43
C ALA A 85 -4.66 2.96 17.28
N MET A 86 -5.55 2.43 16.49
CA MET A 86 -5.10 1.60 15.34
C MET A 86 -4.26 2.42 14.38
N ALA A 87 -4.89 3.34 13.68
CA ALA A 87 -4.12 4.18 12.72
C ALA A 87 -2.80 4.61 13.33
N LYS A 88 -2.84 5.01 14.57
CA LYS A 88 -1.60 5.44 15.23
C LYS A 88 -0.62 4.28 15.29
N GLN A 89 -1.12 3.14 15.69
CA GLN A 89 -0.23 1.96 15.78
C GLN A 89 0.25 1.58 14.38
N LEU A 90 -0.67 1.63 13.44
CA LEU A 90 -0.30 1.29 12.05
C LEU A 90 0.81 2.19 11.56
N VAL A 91 0.65 3.46 11.80
CA VAL A 91 1.69 4.41 11.35
C VAL A 91 2.94 4.24 12.20
N ASP A 92 2.74 4.04 13.48
CA ASP A 92 3.91 3.86 14.37
C ASP A 92 4.69 2.62 13.99
N LEU A 93 4.02 1.72 13.29
CA LEU A 93 4.71 0.47 12.88
C LEU A 93 5.37 0.66 11.53
N ILE A 94 4.59 0.98 10.53
CA ILE A 94 5.17 1.19 9.19
C ILE A 94 6.40 2.08 9.34
N HIS A 95 6.27 3.05 10.19
CA HIS A 95 7.40 3.96 10.41
C HIS A 95 8.45 3.26 11.25
N GLY A 96 7.99 2.47 12.19
CA GLY A 96 8.96 1.75 13.04
C GLY A 96 9.91 0.97 12.14
N CYS A 97 9.34 0.38 11.11
CA CYS A 97 10.16 -0.40 10.17
C CYS A 97 11.19 0.51 9.55
N GLU A 98 10.74 1.68 9.15
CA GLU A 98 11.70 2.64 8.53
C GLU A 98 12.78 2.98 9.53
N LYS A 99 12.41 3.01 10.78
CA LYS A 99 13.40 3.33 11.82
C LYS A 99 14.27 2.12 12.08
N SER A 100 13.85 1.00 11.55
CA SER A 100 14.63 -0.24 11.74
C SER A 100 15.64 -0.41 10.61
N ILE A 101 15.16 -0.42 9.41
CA ILE A 101 16.08 -0.58 8.26
C ILE A 101 17.18 0.50 8.30
N PRO A 102 18.37 0.15 7.87
CA PRO A 102 19.48 1.10 7.88
C PRO A 102 19.13 2.35 7.07
N PRO A 103 19.73 3.46 7.41
CA PRO A 103 19.47 4.71 6.71
C PRO A 103 19.82 4.57 5.22
N ASN A 104 18.93 3.95 4.49
CA ASN A 104 19.17 3.76 3.04
C ASN A 104 18.44 4.81 2.22
N ASP A 105 18.31 4.55 0.96
CA ASP A 105 17.62 5.50 0.08
C ASP A 105 16.96 4.77 -1.08
N ASP A 106 16.86 3.48 -0.94
CA ASP A 106 16.23 2.68 -2.02
C ASP A 106 14.73 2.56 -1.77
N ARG A 107 14.03 3.62 -2.06
CA ARG A 107 12.55 3.60 -1.86
C ARG A 107 11.97 2.25 -2.28
N CYS A 108 12.32 1.82 -3.45
CA CYS A 108 11.80 0.53 -3.93
C CYS A 108 12.15 -0.61 -2.96
N MET A 109 13.38 -0.62 -2.51
CA MET A 109 13.80 -1.69 -1.57
C MET A 109 13.29 -1.39 -0.17
N GLU A 110 13.36 -0.15 0.21
CA GLU A 110 12.88 0.21 1.56
C GLU A 110 11.37 0.01 1.64
N VAL A 111 10.68 0.41 0.61
CA VAL A 111 9.20 0.27 0.60
C VAL A 111 8.78 -1.19 0.45
N LEU A 112 9.63 -1.99 -0.14
CA LEU A 112 9.29 -3.42 -0.33
C LEU A 112 9.46 -4.19 0.96
N SER A 113 10.62 -4.09 1.53
CA SER A 113 10.88 -4.81 2.80
C SER A 113 9.87 -4.44 3.87
N ILE A 114 9.52 -3.19 3.92
CA ILE A 114 8.53 -2.76 4.96
C ILE A 114 7.17 -3.38 4.71
N ALA A 115 6.73 -3.35 3.48
CA ALA A 115 5.40 -3.94 3.18
C ALA A 115 5.32 -5.35 3.74
N MET A 116 6.35 -6.11 3.52
CA MET A 116 6.36 -7.49 4.03
C MET A 116 6.32 -7.52 5.55
N CYS A 117 6.97 -6.56 6.16
CA CYS A 117 6.98 -6.51 7.65
C CYS A 117 5.68 -5.92 8.20
N PHE A 118 5.38 -4.73 7.79
CA PHE A 118 4.13 -4.08 8.28
C PHE A 118 2.96 -5.06 8.30
N LYS A 119 2.81 -5.80 7.23
CA LYS A 119 1.69 -6.78 7.16
C LYS A 119 1.95 -7.98 8.07
N LYS A 120 3.05 -8.65 7.85
CA LYS A 120 3.38 -9.84 8.68
C LYS A 120 3.06 -9.57 10.15
N GLU A 121 3.66 -8.55 10.69
CA GLU A 121 3.41 -8.23 12.11
C GLU A 121 1.91 -8.08 12.39
N ILE A 122 1.27 -7.20 11.67
CA ILE A 122 -0.18 -7.00 11.89
C ILE A 122 -0.92 -8.32 11.90
N HIS A 123 -0.47 -9.24 11.08
CA HIS A 123 -1.14 -10.56 11.03
C HIS A 123 -1.00 -11.31 12.35
N ASN A 124 0.15 -11.18 12.97
CA ASN A 124 0.36 -11.88 14.26
C ASN A 124 -0.06 -11.03 15.45
N LEU A 125 -0.33 -9.79 15.20
CA LEU A 125 -0.74 -8.89 16.33
C LEU A 125 -2.04 -9.39 16.95
N LYS A 126 -3.11 -9.19 16.26
CA LYS A 126 -4.43 -9.63 16.77
C LYS A 126 -5.49 -9.55 15.67
N TRP A 127 -5.52 -8.42 15.00
CA TRP A 127 -6.51 -8.23 13.90
C TRP A 127 -5.79 -7.94 12.58
N ALA A 128 -6.50 -7.34 11.66
CA ALA A 128 -5.87 -7.02 10.37
C ALA A 128 -6.83 -6.21 9.47
N PRO A 129 -6.45 -4.98 9.13
CA PRO A 129 -7.30 -4.13 8.29
C PRO A 129 -7.46 -4.70 6.88
N ASN A 130 -7.96 -3.89 5.99
CA ASN A 130 -8.14 -4.36 4.59
C ASN A 130 -6.95 -3.98 3.73
N MET A 131 -6.62 -4.83 2.78
CA MET A 131 -5.48 -4.52 1.90
C MET A 131 -5.53 -3.07 1.43
N GLU A 132 -6.68 -2.47 1.52
CA GLU A 132 -6.80 -1.07 1.09
C GLU A 132 -5.98 -0.16 1.99
N VAL A 133 -6.38 -0.07 3.23
CA VAL A 133 -5.63 0.78 4.17
C VAL A 133 -4.13 0.50 4.08
N VAL A 134 -3.79 -0.77 4.10
CA VAL A 134 -2.36 -1.14 4.01
C VAL A 134 -1.68 -0.40 2.87
N VAL A 135 -2.34 -0.35 1.74
CA VAL A 135 -1.74 0.36 0.57
C VAL A 135 -1.60 1.84 0.86
N GLY A 136 -2.71 2.50 1.07
CA GLY A 136 -2.64 3.95 1.36
C GLY A 136 -1.57 4.23 2.41
N GLU A 137 -1.17 3.17 3.09
CA GLU A 137 -0.13 3.34 4.13
C GLU A 137 1.25 3.43 3.50
N VAL A 138 1.68 2.38 2.86
CA VAL A 138 3.02 2.42 2.23
C VAL A 138 3.12 3.62 1.31
N LEU A 139 2.03 3.91 0.63
CA LEU A 139 2.03 5.07 -0.29
C LEU A 139 2.13 6.37 0.49
N ALA A 140 1.12 6.64 1.29
CA ALA A 140 1.14 7.89 2.09
C ALA A 140 2.47 8.06 2.79
N GLU A 141 3.13 6.97 3.05
CA GLU A 141 4.43 7.04 3.73
C GLU A 141 5.37 8.02 3.02
N VAL A 142 5.71 7.70 1.81
CA VAL A 142 6.62 8.59 1.05
C VAL A 142 5.91 9.90 0.70
N SER A 1 -19.40 10.39 -15.68
CA SER A 1 -19.85 9.51 -14.57
C SER A 1 -18.87 9.60 -13.39
N PRO A 2 -18.80 10.77 -12.82
CA PRO A 2 -17.92 11.02 -11.67
C PRO A 2 -18.32 10.20 -10.46
N GLU A 3 -18.81 9.00 -10.71
CA GLU A 3 -19.23 8.12 -9.59
C GLU A 3 -18.71 6.71 -9.78
N ILE A 4 -17.42 6.56 -9.74
CA ILE A 4 -16.83 5.21 -9.93
C ILE A 4 -16.65 4.54 -8.59
N MET A 5 -16.64 5.35 -7.59
CA MET A 5 -16.47 4.84 -6.22
C MET A 5 -17.55 3.83 -5.89
N LYS A 6 -18.54 3.74 -6.74
CA LYS A 6 -19.63 2.77 -6.48
C LYS A 6 -19.02 1.42 -6.18
N ASP A 7 -17.73 1.32 -6.40
CA ASP A 7 -17.03 0.05 -6.16
C ASP A 7 -15.70 0.31 -5.44
N LEU A 8 -14.65 -0.22 -6.00
CA LEU A 8 -13.30 -0.04 -5.39
C LEU A 8 -12.24 -0.70 -6.27
N SER A 9 -12.41 -1.97 -6.52
CA SER A 9 -11.44 -2.70 -7.36
C SER A 9 -11.07 -1.89 -8.60
N ILE A 10 -11.97 -1.86 -9.55
CA ILE A 10 -11.68 -1.10 -10.79
C ILE A 10 -11.04 0.25 -10.45
N ASN A 11 -11.54 0.88 -9.42
CA ASN A 11 -10.98 2.19 -9.04
C ASN A 11 -9.49 2.05 -8.77
N PHE A 12 -9.16 1.38 -7.71
CA PHE A 12 -7.74 1.19 -7.37
C PHE A 12 -7.00 0.60 -8.57
N GLY A 13 -7.71 -0.19 -9.34
CA GLY A 13 -7.07 -0.80 -10.53
C GLY A 13 -6.60 0.28 -11.49
N LYS A 14 -7.44 1.27 -11.70
CA LYS A 14 -7.04 2.36 -12.61
C LYS A 14 -5.63 2.82 -12.28
N ALA A 15 -5.44 3.17 -11.03
CA ALA A 15 -4.10 3.63 -10.62
C ALA A 15 -3.05 2.61 -11.02
N LEU A 16 -3.32 1.37 -10.70
CA LEU A 16 -2.35 0.31 -11.06
C LEU A 16 -2.26 0.21 -12.57
N ASP A 17 -3.39 0.31 -13.22
CA ASP A 17 -3.39 0.23 -14.70
C ASP A 17 -2.53 1.34 -15.27
N THR A 18 -2.73 2.54 -14.76
CA THR A 18 -1.94 3.67 -15.26
C THR A 18 -0.47 3.32 -15.22
N CYS A 19 -0.06 2.70 -14.14
CA CYS A 19 1.37 2.32 -14.02
C CYS A 19 1.70 1.23 -15.02
N LYS A 20 0.90 0.20 -15.04
CA LYS A 20 1.15 -0.91 -15.98
C LYS A 20 1.27 -0.36 -17.40
N LYS A 21 0.64 0.76 -17.64
CA LYS A 21 0.72 1.36 -19.00
C LYS A 21 1.98 2.19 -19.15
N GLU A 22 2.42 2.77 -18.06
CA GLU A 22 3.65 3.59 -18.11
C GLU A 22 4.88 2.73 -17.83
N LEU A 23 4.74 1.83 -16.90
CA LEU A 23 5.88 0.94 -16.56
C LEU A 23 5.91 -0.29 -17.45
N ASP A 24 4.84 -0.49 -18.18
CA ASP A 24 4.78 -1.67 -19.07
C ASP A 24 5.16 -2.94 -18.33
N LEU A 25 4.25 -3.42 -17.52
CA LEU A 25 4.52 -4.67 -16.74
C LEU A 25 3.54 -5.78 -17.13
N PRO A 26 4.05 -6.94 -17.54
CA PRO A 26 3.17 -8.04 -17.92
C PRO A 26 2.30 -8.42 -16.73
N ASP A 27 1.01 -8.52 -16.96
CA ASP A 27 0.10 -8.89 -15.86
C ASP A 27 0.71 -9.92 -14.93
N SER A 28 1.61 -10.70 -15.46
CA SER A 28 2.26 -11.74 -14.63
C SER A 28 2.60 -11.18 -13.25
N ILE A 29 3.36 -10.12 -13.23
CA ILE A 29 3.74 -9.53 -11.93
C ILE A 29 2.57 -8.74 -11.32
N ASN A 30 1.72 -8.21 -12.17
CA ASN A 30 0.58 -7.45 -11.62
C ASN A 30 -0.33 -8.38 -10.84
N GLU A 31 -0.50 -9.56 -11.36
CA GLU A 31 -1.37 -10.54 -10.67
C GLU A 31 -0.77 -10.92 -9.33
N ASP A 32 0.40 -11.48 -9.36
CA ASP A 32 1.06 -11.88 -8.09
C ASP A 32 1.14 -10.68 -7.16
N PHE A 33 1.41 -9.54 -7.74
CA PHE A 33 1.51 -8.32 -6.91
C PHE A 33 0.13 -7.87 -6.43
N TYR A 34 -0.89 -8.41 -7.04
CA TYR A 34 -2.26 -8.02 -6.62
C TYR A 34 -2.62 -8.69 -5.31
N LYS A 35 -2.48 -9.99 -5.27
CA LYS A 35 -2.81 -10.72 -4.03
C LYS A 35 -1.84 -10.35 -2.91
N PHE A 36 -0.65 -9.96 -3.28
CA PHE A 36 0.35 -9.56 -2.26
C PHE A 36 -0.27 -8.67 -1.18
N TRP A 37 -1.18 -7.83 -1.58
CA TRP A 37 -1.82 -6.92 -0.58
C TRP A 37 -3.06 -7.56 0.05
N LYS A 38 -3.28 -8.83 -0.25
CA LYS A 38 -4.47 -9.52 0.32
C LYS A 38 -4.07 -10.49 1.42
N GLU A 39 -3.56 -11.62 1.01
CA GLU A 39 -3.14 -12.63 2.00
C GLU A 39 -1.95 -12.15 2.82
N ASP A 40 -0.79 -12.63 2.47
CA ASP A 40 0.43 -12.21 3.20
C ASP A 40 1.67 -12.61 2.43
N TYR A 41 1.47 -12.83 1.16
CA TYR A 41 2.60 -13.23 0.30
C TYR A 41 3.72 -12.20 0.38
N GLU A 42 4.81 -12.49 -0.29
CA GLU A 42 5.96 -11.54 -0.28
C GLU A 42 6.54 -11.38 -1.67
N ILE A 43 6.29 -10.25 -2.28
CA ILE A 43 6.83 -10.01 -3.63
C ILE A 43 8.30 -9.61 -3.57
N THR A 44 9.09 -10.16 -4.47
CA THR A 44 10.54 -9.83 -4.48
C THR A 44 10.99 -9.38 -5.87
N ASN A 45 10.38 -8.31 -6.33
CA ASN A 45 10.74 -7.78 -7.67
C ASN A 45 10.94 -6.27 -7.60
N ARG A 46 12.16 -5.84 -7.83
CA ARG A 46 12.44 -4.38 -7.78
C ARG A 46 11.31 -3.59 -8.43
N LEU A 47 10.99 -3.93 -9.65
CA LEU A 47 9.91 -3.20 -10.34
C LEU A 47 8.71 -3.02 -9.43
N THR A 48 8.11 -4.12 -9.06
CA THR A 48 6.93 -4.04 -8.16
C THR A 48 7.21 -3.05 -7.04
N GLY A 49 8.47 -2.79 -6.83
CA GLY A 49 8.86 -1.84 -5.75
C GLY A 49 8.76 -0.41 -6.28
N CYS A 50 9.65 -0.07 -7.19
CA CYS A 50 9.60 1.29 -7.75
C CYS A 50 8.16 1.64 -8.09
N ALA A 51 7.41 0.62 -8.42
CA ALA A 51 6.00 0.83 -8.77
C ALA A 51 5.27 1.36 -7.55
N ILE A 52 5.43 0.68 -6.44
CA ILE A 52 4.75 1.15 -5.21
C ILE A 52 4.95 2.65 -5.05
N LYS A 53 6.13 3.09 -5.38
CA LYS A 53 6.42 4.53 -5.26
C LYS A 53 5.46 5.30 -6.16
N CYS A 54 5.36 4.86 -7.39
CA CYS A 54 4.46 5.55 -8.32
C CYS A 54 3.12 5.79 -7.66
N LEU A 55 2.54 4.74 -7.15
CA LEU A 55 1.24 4.90 -6.48
C LEU A 55 1.28 6.09 -5.55
N SER A 56 2.33 6.17 -4.77
CA SER A 56 2.45 7.31 -3.83
C SER A 56 2.40 8.63 -4.59
N GLU A 57 2.97 8.64 -5.77
CA GLU A 57 2.96 9.88 -6.59
C GLU A 57 1.63 10.03 -7.33
N LYS A 58 0.86 8.97 -7.32
CA LYS A 58 -0.44 9.01 -8.02
C LYS A 58 -1.54 9.49 -7.07
N LEU A 59 -1.19 9.61 -5.80
CA LEU A 59 -2.20 10.07 -4.79
C LEU A 59 -3.23 11.02 -5.39
N GLU A 60 -2.81 11.83 -6.32
CA GLU A 60 -3.77 12.76 -6.95
C GLU A 60 -4.93 11.99 -7.54
N MET A 61 -4.63 10.92 -8.22
CA MET A 61 -5.70 10.10 -8.83
C MET A 61 -6.42 9.27 -7.77
N VAL A 62 -5.66 8.80 -6.81
CA VAL A 62 -6.28 7.98 -5.74
C VAL A 62 -7.41 8.74 -5.06
N ASP A 63 -7.06 9.56 -4.09
CA ASP A 63 -8.10 10.34 -3.38
C ASP A 63 -7.56 11.71 -2.98
N ALA A 64 -7.84 12.70 -3.80
CA ALA A 64 -7.36 14.07 -3.49
C ALA A 64 -8.45 14.91 -2.86
N ASP A 65 -9.55 14.28 -2.52
CA ASP A 65 -10.66 15.04 -1.89
C ASP A 65 -10.26 15.56 -0.52
N GLY A 66 -9.02 15.40 -0.18
CA GLY A 66 -8.54 15.88 1.15
C GLY A 66 -8.62 14.75 2.18
N LYS A 67 -7.99 13.65 1.85
CA LYS A 67 -8.01 12.49 2.79
C LYS A 67 -6.68 11.75 2.76
N LEU A 68 -6.40 11.12 1.65
CA LEU A 68 -5.13 10.37 1.55
C LEU A 68 -4.04 11.21 0.87
N HIS A 69 -3.18 11.78 1.67
CA HIS A 69 -2.11 12.61 1.10
C HIS A 69 -0.84 12.49 1.94
N HIS A 70 0.29 12.60 1.30
CA HIS A 70 1.58 12.49 2.03
C HIS A 70 1.52 13.15 3.40
N GLY A 71 1.50 12.32 4.43
CA GLY A 71 1.45 12.87 5.81
C GLY A 71 0.05 12.69 6.43
N ASN A 72 -0.82 12.04 5.70
CA ASN A 72 -2.19 11.84 6.26
C ASN A 72 -2.83 10.56 5.74
N ALA A 73 -2.93 9.59 6.62
CA ALA A 73 -3.54 8.30 6.24
C ALA A 73 -4.73 8.04 7.13
N ARG A 74 -4.75 8.76 8.22
CA ARG A 74 -5.85 8.64 9.19
C ARG A 74 -7.22 8.64 8.51
N GLU A 75 -7.59 9.78 7.99
CA GLU A 75 -8.91 9.87 7.30
C GLU A 75 -9.16 8.66 6.40
N PHE A 76 -8.26 8.43 5.49
CA PHE A 76 -8.43 7.28 4.56
C PHE A 76 -8.42 5.96 5.33
N ALA A 77 -7.40 5.74 6.10
CA ALA A 77 -7.31 4.48 6.87
C ALA A 77 -8.45 4.36 7.88
N MET A 78 -8.93 5.49 8.33
CA MET A 78 -10.05 5.45 9.31
C MET A 78 -11.35 5.06 8.65
N LYS A 79 -11.60 5.62 7.50
CA LYS A 79 -12.87 5.28 6.80
C LYS A 79 -12.71 4.03 5.96
N HIS A 80 -12.20 2.99 6.57
CA HIS A 80 -12.02 1.73 5.81
C HIS A 80 -11.59 0.60 6.72
N GLY A 81 -10.54 0.81 7.48
CA GLY A 81 -10.08 -0.28 8.39
C GLY A 81 -8.89 0.17 9.26
N ALA A 82 -9.17 1.02 10.23
CA ALA A 82 -8.08 1.52 11.13
C ALA A 82 -8.50 2.80 11.82
N ASP A 83 -9.31 2.66 12.85
CA ASP A 83 -9.77 3.87 13.58
C ASP A 83 -8.59 4.72 14.05
N ASP A 84 -8.88 5.84 14.67
CA ASP A 84 -7.78 6.71 15.16
C ASP A 84 -6.66 5.89 15.78
N ALA A 85 -6.92 5.34 16.94
CA ALA A 85 -5.88 4.53 17.61
C ALA A 85 -5.22 3.60 16.60
N MET A 86 -6.02 2.81 15.93
CA MET A 86 -5.47 1.88 14.94
C MET A 86 -4.60 2.63 13.94
N ALA A 87 -5.20 3.58 13.27
CA ALA A 87 -4.43 4.37 12.28
C ALA A 87 -3.06 4.74 12.84
N LYS A 88 -3.07 5.53 13.88
CA LYS A 88 -1.77 5.93 14.48
C LYS A 88 -0.89 4.72 14.67
N GLN A 89 -1.46 3.66 15.17
CA GLN A 89 -0.68 2.42 15.38
C GLN A 89 -0.04 1.98 14.06
N LEU A 90 -0.85 1.83 13.06
CA LEU A 90 -0.33 1.40 11.74
C LEU A 90 0.88 2.24 11.34
N VAL A 91 0.83 3.50 11.65
CA VAL A 91 1.97 4.37 11.30
C VAL A 91 3.19 4.04 12.15
N ASP A 92 2.99 4.02 13.45
CA ASP A 92 4.14 3.71 14.34
C ASP A 92 4.66 2.31 14.06
N LEU A 93 3.86 1.51 13.40
CA LEU A 93 4.31 0.14 13.10
C LEU A 93 5.05 0.11 11.77
N ILE A 94 4.48 0.73 10.78
CA ILE A 94 5.15 0.74 9.46
C ILE A 94 6.54 1.34 9.61
N HIS A 95 6.65 2.25 10.53
CA HIS A 95 7.96 2.89 10.77
C HIS A 95 8.87 1.95 11.54
N GLY A 96 8.33 1.27 12.53
CA GLY A 96 9.18 0.35 13.32
C GLY A 96 10.01 -0.49 12.35
N CYS A 97 9.35 -0.99 11.34
CA CYS A 97 10.06 -1.82 10.34
C CYS A 97 11.13 -1.00 9.67
N GLU A 98 10.76 0.19 9.25
CA GLU A 98 11.74 1.05 8.57
C GLU A 98 13.03 1.11 9.35
N LYS A 99 12.91 1.13 10.65
CA LYS A 99 14.12 1.18 11.48
C LYS A 99 14.59 -0.22 11.82
N SER A 100 13.79 -1.19 11.46
CA SER A 100 14.19 -2.59 11.75
C SER A 100 14.92 -3.17 10.58
N ILE A 101 14.69 -2.59 9.45
CA ILE A 101 15.33 -3.04 8.22
C ILE A 101 16.48 -2.08 7.81
N PRO A 102 17.71 -2.59 7.76
CA PRO A 102 18.87 -1.77 7.38
C PRO A 102 18.68 -1.16 5.98
N PRO A 103 18.85 0.16 5.86
CA PRO A 103 18.70 0.83 4.56
C PRO A 103 19.71 0.33 3.54
N ASN A 104 19.21 -0.17 2.44
CA ASN A 104 20.11 -0.68 1.38
C ASN A 104 20.26 0.36 0.27
N ASP A 105 20.22 1.61 0.67
CA ASP A 105 20.36 2.73 -0.32
C ASP A 105 19.21 2.74 -1.33
N ASP A 106 18.83 1.58 -1.79
CA ASP A 106 17.73 1.53 -2.78
C ASP A 106 16.38 1.72 -2.09
N ARG A 107 15.67 2.73 -2.50
CA ARG A 107 14.35 2.98 -1.90
C ARG A 107 13.36 1.89 -2.31
N CYS A 108 13.44 1.49 -3.55
CA CYS A 108 12.51 0.44 -4.03
C CYS A 108 12.58 -0.80 -3.12
N MET A 109 13.76 -1.12 -2.65
CA MET A 109 13.90 -2.30 -1.76
C MET A 109 13.51 -1.95 -0.34
N GLU A 110 13.90 -0.79 0.09
CA GLU A 110 13.56 -0.35 1.46
C GLU A 110 12.06 -0.16 1.61
N VAL A 111 11.45 0.36 0.57
CA VAL A 111 9.97 0.59 0.62
C VAL A 111 9.20 -0.69 0.31
N LEU A 112 9.74 -1.50 -0.56
CA LEU A 112 9.04 -2.76 -0.89
C LEU A 112 9.14 -3.74 0.25
N SER A 113 10.26 -3.72 0.90
CA SER A 113 10.46 -4.65 2.03
C SER A 113 9.55 -4.27 3.19
N ILE A 114 9.53 -3.02 3.54
CA ILE A 114 8.66 -2.59 4.67
C ILE A 114 7.21 -2.99 4.41
N ALA A 115 6.74 -2.71 3.22
CA ALA A 115 5.34 -3.08 2.90
C ALA A 115 5.09 -4.54 3.26
N MET A 116 5.99 -5.39 2.84
CA MET A 116 5.84 -6.82 3.14
C MET A 116 5.80 -7.06 4.64
N CYS A 117 6.71 -6.42 5.34
CA CYS A 117 6.75 -6.58 6.80
C CYS A 117 5.54 -5.95 7.47
N PHE A 118 5.24 -4.72 7.11
CA PHE A 118 4.08 -4.05 7.72
C PHE A 118 2.88 -4.98 7.79
N LYS A 119 2.59 -5.62 6.69
CA LYS A 119 1.43 -6.55 6.68
C LYS A 119 1.70 -7.76 7.56
N LYS A 120 2.92 -8.22 7.55
CA LYS A 120 3.26 -9.39 8.38
C LYS A 120 3.02 -9.09 9.86
N GLU A 121 3.73 -8.12 10.35
CA GLU A 121 3.56 -7.75 11.79
C GLU A 121 2.09 -7.58 12.14
N ILE A 122 1.43 -6.73 11.42
CA ILE A 122 -0.01 -6.49 11.68
C ILE A 122 -0.74 -7.81 11.93
N HIS A 123 -0.83 -8.60 10.90
CA HIS A 123 -1.53 -9.91 11.03
C HIS A 123 -1.17 -10.58 12.35
N ASN A 124 0.06 -10.45 12.76
CA ASN A 124 0.48 -11.08 14.03
C ASN A 124 0.01 -10.27 15.22
N LEU A 125 -0.21 -9.00 15.01
CA LEU A 125 -0.67 -8.16 16.14
C LEU A 125 -1.85 -8.82 16.84
N LYS A 126 -3.00 -8.72 16.23
CA LYS A 126 -4.21 -9.33 16.83
C LYS A 126 -5.39 -9.19 15.87
N TRP A 127 -5.47 -8.02 15.24
CA TRP A 127 -6.60 -7.79 14.28
C TRP A 127 -6.06 -7.75 12.85
N ALA A 128 -6.78 -7.10 11.96
CA ALA A 128 -6.31 -7.04 10.56
C ALA A 128 -7.04 -5.94 9.75
N PRO A 129 -6.31 -4.90 9.36
CA PRO A 129 -6.91 -3.82 8.58
C PRO A 129 -7.41 -4.32 7.22
N ASN A 130 -7.38 -3.45 6.24
CA ASN A 130 -7.84 -3.85 4.89
C ASN A 130 -6.79 -3.51 3.83
N MET A 131 -6.98 -4.03 2.65
CA MET A 131 -6.01 -3.75 1.56
C MET A 131 -5.86 -2.26 1.31
N GLU A 132 -6.93 -1.64 0.86
CA GLU A 132 -6.86 -0.18 0.60
C GLU A 132 -6.08 0.55 1.68
N VAL A 133 -6.58 0.50 2.88
CA VAL A 133 -5.87 1.20 3.99
C VAL A 133 -4.38 0.89 3.96
N VAL A 134 -4.05 -0.37 4.18
CA VAL A 134 -2.62 -0.77 4.18
C VAL A 134 -1.84 -0.07 3.07
N VAL A 135 -2.36 -0.14 1.87
CA VAL A 135 -1.66 0.52 0.74
C VAL A 135 -1.45 2.00 1.02
N GLY A 136 -2.53 2.74 1.06
CA GLY A 136 -2.41 4.20 1.33
C GLY A 136 -1.41 4.46 2.47
N GLU A 137 -1.20 3.46 3.28
CA GLU A 137 -0.25 3.64 4.41
C GLU A 137 1.19 3.68 3.90
N VAL A 138 1.62 2.60 3.28
CA VAL A 138 3.01 2.58 2.76
C VAL A 138 3.30 3.82 1.95
N LEU A 139 2.32 4.26 1.20
CA LEU A 139 2.52 5.48 0.38
C LEU A 139 2.77 6.69 1.26
N ALA A 140 1.77 7.06 2.02
CA ALA A 140 1.92 8.22 2.93
C ALA A 140 3.28 8.24 3.62
N GLU A 141 3.81 7.07 3.87
CA GLU A 141 5.13 7.00 4.55
C GLU A 141 6.09 8.03 3.96
N VAL A 142 6.70 7.69 2.86
CA VAL A 142 7.66 8.64 2.23
C VAL A 142 6.93 9.89 1.72
N SER A 1 -21.70 2.46 -13.23
CA SER A 1 -22.78 3.10 -12.42
C SER A 1 -22.17 3.91 -11.29
N PRO A 2 -22.91 4.92 -10.83
CA PRO A 2 -22.45 5.78 -9.75
C PRO A 2 -22.08 4.97 -8.51
N GLU A 3 -20.80 4.78 -8.32
CA GLU A 3 -20.33 4.01 -7.13
C GLU A 3 -19.64 4.92 -6.13
N ILE A 4 -19.45 4.42 -4.93
CA ILE A 4 -18.79 5.23 -3.89
C ILE A 4 -17.41 4.70 -3.58
N MET A 5 -17.21 4.39 -2.34
CA MET A 5 -15.89 3.85 -1.90
C MET A 5 -16.08 2.53 -1.15
N LYS A 6 -16.75 1.61 -1.78
CA LYS A 6 -16.98 0.29 -1.12
C LYS A 6 -15.88 -0.69 -1.49
N ASP A 7 -15.66 -0.85 -2.77
CA ASP A 7 -14.60 -1.81 -3.20
C ASP A 7 -13.26 -1.11 -3.30
N LEU A 8 -13.22 -0.05 -4.05
CA LEU A 8 -11.95 0.69 -4.21
C LEU A 8 -10.93 -0.15 -4.96
N SER A 9 -11.03 -1.46 -4.81
CA SER A 9 -10.06 -2.34 -5.52
C SER A 9 -10.02 -1.96 -6.99
N ILE A 10 -11.15 -2.00 -7.62
CA ILE A 10 -11.20 -1.66 -9.06
C ILE A 10 -10.61 -0.28 -9.27
N ASN A 11 -11.02 0.66 -8.45
CA ASN A 11 -10.49 2.03 -8.60
C ASN A 11 -8.97 1.98 -8.51
N PHE A 12 -8.48 1.29 -7.51
CA PHE A 12 -7.02 1.18 -7.36
C PHE A 12 -6.41 0.65 -8.65
N GLY A 13 -7.23 -0.04 -9.40
CA GLY A 13 -6.74 -0.61 -10.68
C GLY A 13 -6.49 0.52 -11.67
N LYS A 14 -7.44 1.40 -11.79
CA LYS A 14 -7.26 2.53 -12.75
C LYS A 14 -5.88 3.13 -12.57
N ALA A 15 -5.56 3.48 -11.34
CA ALA A 15 -4.23 4.06 -11.09
C ALA A 15 -3.14 3.12 -11.59
N LEU A 16 -3.29 1.86 -11.24
CA LEU A 16 -2.28 0.88 -11.69
C LEU A 16 -2.21 0.87 -13.20
N ASP A 17 -3.36 0.99 -13.83
CA ASP A 17 -3.38 0.99 -15.31
C ASP A 17 -2.54 2.13 -15.84
N THR A 18 -2.82 3.32 -15.38
CA THR A 18 -2.04 4.48 -15.85
C THR A 18 -0.56 4.13 -15.84
N CYS A 19 -0.11 3.62 -14.72
CA CYS A 19 1.32 3.24 -14.64
C CYS A 19 1.61 2.18 -15.67
N LYS A 20 0.96 1.04 -15.51
CA LYS A 20 1.19 -0.07 -16.47
C LYS A 20 1.25 0.47 -17.89
N LYS A 21 0.44 1.45 -18.16
CA LYS A 21 0.44 2.03 -19.53
C LYS A 21 1.84 2.49 -19.89
N GLU A 22 2.42 3.25 -19.00
CA GLU A 22 3.80 3.75 -19.26
C GLU A 22 4.85 2.78 -18.72
N LEU A 23 4.50 2.10 -17.66
CA LEU A 23 5.47 1.13 -17.06
C LEU A 23 5.47 -0.18 -17.85
N ASP A 24 4.36 -0.47 -18.49
CA ASP A 24 4.28 -1.72 -19.28
C ASP A 24 4.66 -2.92 -18.44
N LEU A 25 3.76 -3.34 -17.57
CA LEU A 25 4.06 -4.50 -16.70
C LEU A 25 3.26 -5.74 -17.14
N PRO A 26 3.92 -6.89 -17.18
CA PRO A 26 3.24 -8.12 -17.59
C PRO A 26 2.08 -8.38 -16.65
N ASP A 27 0.89 -8.50 -17.20
CA ASP A 27 -0.28 -8.77 -16.33
C ASP A 27 0.05 -9.80 -15.25
N SER A 28 0.91 -10.72 -15.58
CA SER A 28 1.26 -11.75 -14.59
C SER A 28 1.55 -11.08 -13.25
N ILE A 29 2.08 -9.89 -13.33
CA ILE A 29 2.39 -9.16 -12.08
C ILE A 29 1.14 -8.52 -11.52
N ASN A 30 0.33 -7.97 -12.38
CA ASN A 30 -0.92 -7.34 -11.90
C ASN A 30 -1.68 -8.28 -10.98
N GLU A 31 -1.82 -9.50 -11.40
CA GLU A 31 -2.54 -10.50 -10.58
C GLU A 31 -1.75 -10.83 -9.32
N ASP A 32 -0.50 -11.18 -9.50
CA ASP A 32 0.34 -11.52 -8.32
C ASP A 32 0.42 -10.33 -7.36
N PHE A 33 0.62 -9.18 -7.91
CA PHE A 33 0.72 -7.97 -7.06
C PHE A 33 -0.54 -7.78 -6.23
N TYR A 34 -1.66 -8.13 -6.81
CA TYR A 34 -2.94 -7.99 -6.08
C TYR A 34 -3.01 -8.92 -4.88
N LYS A 35 -2.59 -10.13 -5.09
CA LYS A 35 -2.62 -11.13 -3.99
C LYS A 35 -1.51 -10.87 -2.97
N PHE A 36 -0.59 -10.01 -3.30
CA PHE A 36 0.51 -9.73 -2.35
C PHE A 36 0.01 -8.94 -1.14
N TRP A 37 -0.87 -8.01 -1.37
CA TRP A 37 -1.39 -7.19 -0.25
C TRP A 37 -2.61 -7.87 0.39
N LYS A 38 -2.55 -9.16 0.57
CA LYS A 38 -3.71 -9.85 1.19
C LYS A 38 -3.29 -11.11 1.94
N GLU A 39 -3.02 -12.16 1.22
CA GLU A 39 -2.61 -13.42 1.89
C GLU A 39 -1.31 -13.23 2.65
N ASP A 40 -0.24 -13.70 2.09
CA ASP A 40 1.07 -13.56 2.76
C ASP A 40 2.19 -13.78 1.76
N TYR A 41 1.87 -13.55 0.52
CA TYR A 41 2.89 -13.71 -0.55
C TYR A 41 3.95 -12.62 -0.47
N GLU A 42 4.93 -12.70 -1.31
CA GLU A 42 6.00 -11.68 -1.29
C GLU A 42 6.57 -11.48 -2.68
N ILE A 43 6.00 -10.55 -3.42
CA ILE A 43 6.52 -10.31 -4.78
C ILE A 43 8.04 -10.22 -4.76
N THR A 44 8.69 -11.01 -5.58
CA THR A 44 10.18 -10.99 -5.63
C THR A 44 10.69 -10.21 -6.83
N ASN A 45 9.97 -9.19 -7.21
CA ASN A 45 10.40 -8.38 -8.40
C ASN A 45 10.79 -6.97 -7.99
N ARG A 46 12.08 -6.75 -7.80
CA ARG A 46 12.54 -5.40 -7.41
C ARG A 46 11.74 -4.32 -8.11
N LEU A 47 11.32 -4.61 -9.31
CA LEU A 47 10.53 -3.61 -10.06
C LEU A 47 9.25 -3.33 -9.31
N THR A 48 8.62 -4.38 -8.84
CA THR A 48 7.36 -4.20 -8.09
C THR A 48 7.58 -3.14 -7.02
N GLY A 49 8.82 -3.02 -6.61
CA GLY A 49 9.15 -2.01 -5.56
C GLY A 49 9.08 -0.63 -6.17
N CYS A 50 9.80 -0.46 -7.24
CA CYS A 50 9.79 0.86 -7.89
C CYS A 50 8.33 1.27 -8.10
N ALA A 51 7.55 0.35 -8.60
CA ALA A 51 6.13 0.65 -8.85
C ALA A 51 5.53 1.35 -7.64
N ILE A 52 5.62 0.71 -6.48
CA ILE A 52 5.05 1.35 -5.26
C ILE A 52 5.43 2.82 -5.24
N LYS A 53 6.66 3.10 -5.59
CA LYS A 53 7.10 4.52 -5.60
C LYS A 53 6.22 5.33 -6.53
N CYS A 54 6.27 5.01 -7.80
CA CYS A 54 5.44 5.74 -8.76
C CYS A 54 4.00 5.78 -8.27
N LEU A 55 3.50 4.61 -7.95
CA LEU A 55 2.12 4.54 -7.44
C LEU A 55 1.88 5.63 -6.41
N SER A 56 2.93 5.98 -5.69
CA SER A 56 2.80 7.04 -4.67
C SER A 56 2.50 8.35 -5.34
N GLU A 57 3.32 8.71 -6.29
CA GLU A 57 3.10 9.98 -6.99
C GLU A 57 1.64 10.06 -7.45
N LYS A 58 1.03 8.90 -7.56
CA LYS A 58 -0.39 8.86 -8.00
C LYS A 58 -1.33 8.94 -6.80
N LEU A 59 -0.77 8.85 -5.63
CA LEU A 59 -1.62 8.92 -4.39
C LEU A 59 -2.77 9.91 -4.54
N GLU A 60 -2.57 10.90 -5.36
CA GLU A 60 -3.64 11.91 -5.56
C GLU A 60 -4.83 11.30 -6.30
N MET A 61 -4.55 10.34 -7.14
CA MET A 61 -5.64 9.70 -7.89
C MET A 61 -6.24 8.53 -7.12
N VAL A 62 -5.42 7.90 -6.31
CA VAL A 62 -5.92 6.76 -5.52
C VAL A 62 -7.26 7.10 -4.87
N ASP A 63 -7.46 8.37 -4.64
CA ASP A 63 -8.74 8.81 -4.03
C ASP A 63 -9.15 10.19 -4.54
N ALA A 64 -9.99 10.20 -5.53
CA ALA A 64 -10.43 11.50 -6.10
C ALA A 64 -10.79 12.48 -4.99
N ASP A 65 -11.55 12.02 -4.03
CA ASP A 65 -11.95 12.92 -2.92
C ASP A 65 -10.76 13.71 -2.41
N GLY A 66 -9.66 13.02 -2.20
CA GLY A 66 -8.44 13.73 -1.70
C GLY A 66 -8.31 13.55 -0.19
N LYS A 67 -8.04 12.33 0.22
CA LYS A 67 -7.89 12.05 1.68
C LYS A 67 -6.56 11.38 1.97
N LEU A 68 -6.01 10.74 0.97
CA LEU A 68 -4.71 10.06 1.16
C LEU A 68 -3.55 10.93 0.70
N HIS A 69 -2.76 11.38 1.63
CA HIS A 69 -1.62 12.24 1.27
C HIS A 69 -0.47 12.07 2.26
N HIS A 70 0.74 12.20 1.77
CA HIS A 70 1.90 12.03 2.67
C HIS A 70 1.74 12.88 3.93
N GLY A 71 1.52 12.21 5.04
CA GLY A 71 1.35 12.94 6.33
C GLY A 71 -0.11 12.87 6.80
N ASN A 72 -0.96 12.29 5.99
CA ASN A 72 -2.38 12.19 6.39
C ASN A 72 -3.03 10.96 5.78
N ALA A 73 -3.13 9.93 6.58
CA ALA A 73 -3.75 8.67 6.10
C ALA A 73 -5.02 8.41 6.91
N ARG A 74 -5.02 8.94 8.10
CA ARG A 74 -6.18 8.77 8.99
C ARG A 74 -7.51 8.79 8.22
N GLU A 75 -7.89 9.95 7.77
CA GLU A 75 -9.16 10.06 7.00
C GLU A 75 -9.31 8.90 6.01
N PHE A 76 -8.23 8.49 5.44
CA PHE A 76 -8.30 7.37 4.46
C PHE A 76 -8.14 6.03 5.14
N ALA A 77 -7.61 6.05 6.33
CA ALA A 77 -7.42 4.77 7.07
C ALA A 77 -8.64 4.44 7.91
N MET A 78 -9.44 5.44 8.21
CA MET A 78 -10.64 5.18 9.04
C MET A 78 -11.81 4.73 8.18
N LYS A 79 -12.05 5.43 7.10
CA LYS A 79 -13.16 5.03 6.22
C LYS A 79 -12.86 3.71 5.54
N HIS A 80 -12.23 2.82 6.27
CA HIS A 80 -11.90 1.49 5.69
C HIS A 80 -11.91 0.41 6.75
N GLY A 81 -11.19 0.64 7.83
CA GLY A 81 -11.16 -0.40 8.91
C GLY A 81 -10.16 -0.02 10.02
N ALA A 82 -9.23 0.84 9.70
CA ALA A 82 -8.24 1.26 10.74
C ALA A 82 -8.69 2.53 11.43
N ASP A 83 -9.38 2.37 12.53
CA ASP A 83 -9.87 3.56 13.27
C ASP A 83 -8.71 4.36 13.86
N ASP A 84 -8.99 5.07 14.92
CA ASP A 84 -7.91 5.88 15.55
C ASP A 84 -6.76 5.00 16.01
N ALA A 85 -7.00 4.26 17.07
CA ALA A 85 -5.93 3.36 17.58
C ALA A 85 -5.23 2.66 16.44
N MET A 86 -6.02 2.15 15.52
CA MET A 86 -5.42 1.45 14.37
C MET A 86 -4.56 2.38 13.54
N ALA A 87 -5.21 3.32 12.89
CA ALA A 87 -4.46 4.31 12.04
C ALA A 87 -3.13 4.68 12.68
N LYS A 88 -3.18 5.14 13.90
CA LYS A 88 -1.93 5.52 14.57
C LYS A 88 -0.99 4.33 14.63
N GLN A 89 -1.46 3.24 15.16
CA GLN A 89 -0.60 2.05 15.25
C GLN A 89 -0.13 1.63 13.87
N LEU A 90 -1.03 1.58 12.94
CA LEU A 90 -0.65 1.19 11.56
C LEU A 90 0.48 2.09 11.06
N VAL A 91 0.32 3.36 11.27
CA VAL A 91 1.37 4.29 10.81
C VAL A 91 2.56 4.26 11.77
N ASP A 92 2.29 3.95 13.01
CA ASP A 92 3.39 3.90 13.98
C ASP A 92 4.15 2.59 13.80
N LEU A 93 3.46 1.63 13.23
CA LEU A 93 4.10 0.32 13.00
C LEU A 93 4.85 0.34 11.69
N ILE A 94 4.19 0.84 10.66
CA ILE A 94 4.84 0.89 9.35
C ILE A 94 6.13 1.69 9.45
N HIS A 95 6.11 2.65 10.33
CA HIS A 95 7.32 3.47 10.50
C HIS A 95 8.35 2.69 11.29
N GLY A 96 7.89 2.02 12.31
CA GLY A 96 8.85 1.23 13.12
C GLY A 96 9.65 0.34 12.18
N CYS A 97 8.96 -0.24 11.24
CA CYS A 97 9.66 -1.11 10.27
C CYS A 97 10.77 -0.34 9.59
N GLU A 98 10.42 0.80 9.04
CA GLU A 98 11.46 1.60 8.37
C GLU A 98 12.63 1.80 9.31
N LYS A 99 12.32 1.92 10.56
CA LYS A 99 13.39 2.12 11.56
C LYS A 99 14.00 0.77 11.93
N SER A 100 13.38 -0.29 11.47
CA SER A 100 13.91 -1.63 11.79
C SER A 100 14.83 -2.05 10.69
N ILE A 101 14.93 -1.19 9.74
CA ILE A 101 15.79 -1.45 8.60
C ILE A 101 16.37 -0.13 8.04
N PRO A 102 17.66 0.11 8.26
CA PRO A 102 18.30 1.33 7.78
C PRO A 102 18.19 1.45 6.25
N PRO A 103 18.61 2.58 5.75
CA PRO A 103 18.57 2.84 4.31
C PRO A 103 19.43 1.83 3.56
N ASN A 104 18.79 0.85 2.98
CA ASN A 104 19.55 -0.16 2.23
C ASN A 104 20.20 0.47 1.00
N ASP A 105 20.50 -0.35 0.03
CA ASP A 105 21.13 0.19 -1.20
C ASP A 105 20.19 1.17 -1.92
N ASP A 106 18.94 0.80 -2.00
CA ASP A 106 17.95 1.69 -2.69
C ASP A 106 16.62 1.71 -1.93
N ARG A 107 15.76 2.59 -2.34
CA ARG A 107 14.45 2.69 -1.66
C ARG A 107 13.51 1.57 -2.12
N CYS A 108 13.48 1.34 -3.40
CA CYS A 108 12.60 0.26 -3.93
C CYS A 108 12.68 -0.99 -3.06
N MET A 109 13.84 -1.25 -2.51
CA MET A 109 14.01 -2.43 -1.65
C MET A 109 13.39 -2.18 -0.30
N GLU A 110 13.84 -1.13 0.33
CA GLU A 110 13.28 -0.81 1.66
C GLU A 110 11.78 -0.76 1.58
N VAL A 111 11.28 0.16 0.79
CA VAL A 111 9.81 0.29 0.65
C VAL A 111 9.16 -1.09 0.50
N LEU A 112 9.75 -1.91 -0.32
CA LEU A 112 9.19 -3.26 -0.51
C LEU A 112 9.33 -4.05 0.77
N SER A 113 10.33 -3.72 1.52
CA SER A 113 10.56 -4.43 2.80
C SER A 113 9.63 -3.92 3.88
N ILE A 114 9.28 -2.66 3.79
CA ILE A 114 8.37 -2.09 4.82
C ILE A 114 6.97 -2.64 4.65
N ALA A 115 6.62 -2.92 3.43
CA ALA A 115 5.27 -3.47 3.16
C ALA A 115 5.19 -4.92 3.61
N MET A 116 6.18 -5.69 3.25
CA MET A 116 6.16 -7.12 3.65
C MET A 116 6.21 -7.25 5.17
N CYS A 117 6.97 -6.41 5.80
CA CYS A 117 7.08 -6.48 7.28
C CYS A 117 5.85 -5.90 7.94
N PHE A 118 5.53 -4.69 7.57
CA PHE A 118 4.34 -4.05 8.16
C PHE A 118 3.17 -5.03 8.25
N LYS A 119 2.86 -5.65 7.14
CA LYS A 119 1.75 -6.63 7.14
C LYS A 119 2.05 -7.79 8.08
N LYS A 120 3.22 -8.34 7.96
CA LYS A 120 3.59 -9.49 8.83
C LYS A 120 3.37 -9.13 10.30
N GLU A 121 3.98 -8.06 10.73
CA GLU A 121 3.83 -7.65 12.14
C GLU A 121 2.35 -7.58 12.54
N ILE A 122 1.62 -6.72 11.88
CA ILE A 122 0.18 -6.59 12.19
C ILE A 122 -0.48 -7.96 12.30
N HIS A 123 -0.36 -8.72 11.25
CA HIS A 123 -0.98 -10.07 11.26
C HIS A 123 -0.61 -10.80 12.53
N ASN A 124 0.52 -10.45 13.10
CA ASN A 124 0.94 -11.12 14.34
C ASN A 124 0.16 -10.61 15.53
N LEU A 125 -0.18 -9.35 15.51
CA LEU A 125 -0.95 -8.80 16.64
C LEU A 125 -2.20 -9.64 16.88
N LYS A 126 -2.98 -9.82 15.82
CA LYS A 126 -4.23 -10.65 15.93
C LYS A 126 -5.21 -10.28 14.80
N TRP A 127 -5.38 -9.01 14.57
CA TRP A 127 -6.32 -8.57 13.49
C TRP A 127 -5.55 -8.20 12.23
N ALA A 128 -6.25 -7.76 11.24
CA ALA A 128 -5.58 -7.38 9.97
C ALA A 128 -6.39 -6.30 9.20
N PRO A 129 -5.71 -5.22 8.80
CA PRO A 129 -6.37 -4.15 8.07
C PRO A 129 -6.89 -4.64 6.72
N ASN A 130 -6.97 -3.75 5.76
CA ASN A 130 -7.47 -4.13 4.41
C ASN A 130 -6.40 -3.84 3.36
N MET A 131 -6.80 -3.82 2.12
CA MET A 131 -5.83 -3.54 1.04
C MET A 131 -5.73 -2.04 0.79
N GLU A 132 -6.80 -1.34 1.07
CA GLU A 132 -6.80 0.12 0.86
C GLU A 132 -5.86 0.81 1.85
N VAL A 133 -6.25 0.82 3.09
CA VAL A 133 -5.39 1.47 4.11
C VAL A 133 -3.94 1.07 3.92
N VAL A 134 -3.68 -0.22 4.01
CA VAL A 134 -2.27 -0.70 3.85
C VAL A 134 -1.57 0.06 2.72
N VAL A 135 -1.99 -0.18 1.51
CA VAL A 135 -1.37 0.51 0.37
C VAL A 135 -1.23 2.00 0.67
N GLY A 136 -2.32 2.59 1.07
CA GLY A 136 -2.28 4.05 1.39
C GLY A 136 -1.10 4.37 2.31
N GLU A 137 -0.93 3.60 3.37
CA GLU A 137 0.20 3.88 4.28
C GLU A 137 1.52 3.87 3.52
N VAL A 138 1.89 2.72 2.98
CA VAL A 138 3.17 2.66 2.22
C VAL A 138 3.33 3.88 1.33
N LEU A 139 2.22 4.40 0.88
CA LEU A 139 2.27 5.60 0.01
C LEU A 139 2.42 6.85 0.85
N ALA A 140 1.63 6.92 1.90
CA ALA A 140 1.69 8.11 2.78
C ALA A 140 3.05 8.20 3.47
N GLU A 141 3.81 7.14 3.36
CA GLU A 141 5.16 7.15 4.00
C GLU A 141 6.11 8.10 3.27
N VAL A 142 6.22 7.92 1.99
CA VAL A 142 7.13 8.80 1.21
C VAL A 142 6.41 10.08 0.80
N SER A 1 -28.99 -3.60 -9.20
CA SER A 1 -27.53 -3.81 -9.03
C SER A 1 -26.83 -2.48 -8.79
N PRO A 2 -27.16 -1.86 -7.69
CA PRO A 2 -26.58 -0.57 -7.32
C PRO A 2 -25.07 -0.69 -7.11
N GLU A 3 -24.41 0.42 -6.97
CA GLU A 3 -22.95 0.39 -6.75
C GLU A 3 -22.61 -0.24 -5.41
N ILE A 4 -21.97 -1.38 -5.46
CA ILE A 4 -21.60 -2.06 -4.21
C ILE A 4 -20.15 -1.79 -3.86
N MET A 5 -19.41 -2.83 -3.77
CA MET A 5 -17.96 -2.66 -3.43
C MET A 5 -17.16 -2.24 -4.65
N LYS A 6 -17.83 -2.12 -5.77
CA LYS A 6 -17.12 -1.71 -7.00
C LYS A 6 -16.93 -0.20 -7.04
N ASP A 7 -16.36 0.34 -5.98
CA ASP A 7 -16.13 1.81 -5.92
C ASP A 7 -14.65 2.11 -5.77
N LEU A 8 -13.99 1.33 -4.96
CA LEU A 8 -12.54 1.57 -4.75
C LEU A 8 -11.70 0.66 -5.64
N SER A 9 -12.37 -0.11 -6.45
CA SER A 9 -11.62 -1.02 -7.36
C SER A 9 -11.31 -0.33 -8.68
N ILE A 10 -12.33 0.21 -9.29
CA ILE A 10 -12.12 0.90 -10.60
C ILE A 10 -10.98 1.90 -10.49
N ASN A 11 -10.97 2.64 -9.43
CA ASN A 11 -9.90 3.65 -9.24
C ASN A 11 -8.53 2.98 -9.12
N PHE A 12 -8.39 2.17 -8.10
CA PHE A 12 -7.09 1.48 -7.90
C PHE A 12 -6.57 0.92 -9.22
N GLY A 13 -7.48 0.59 -10.10
CA GLY A 13 -7.06 0.04 -11.42
C GLY A 13 -6.51 1.16 -12.31
N LYS A 14 -7.26 2.22 -12.44
CA LYS A 14 -6.81 3.35 -13.28
C LYS A 14 -5.35 3.66 -13.01
N ALA A 15 -5.03 3.88 -11.76
CA ALA A 15 -3.63 4.20 -11.41
C ALA A 15 -2.70 3.07 -11.84
N LEU A 16 -2.97 1.88 -11.38
CA LEU A 16 -2.12 0.74 -11.75
C LEU A 16 -1.99 0.63 -13.27
N ASP A 17 -3.08 0.88 -13.95
CA ASP A 17 -3.02 0.79 -15.44
C ASP A 17 -1.99 1.77 -15.98
N THR A 18 -2.07 3.00 -15.55
CA THR A 18 -1.10 4.01 -16.04
C THR A 18 0.32 3.47 -15.88
N CYS A 19 0.55 2.78 -14.79
CA CYS A 19 1.90 2.24 -14.55
C CYS A 19 2.20 1.10 -15.53
N LYS A 20 1.23 0.24 -15.71
CA LYS A 20 1.43 -0.89 -16.66
C LYS A 20 1.92 -0.37 -18.01
N LYS A 21 1.56 0.85 -18.31
CA LYS A 21 2.00 1.43 -19.62
C LYS A 21 3.35 2.12 -19.47
N GLU A 22 3.63 2.62 -18.29
CA GLU A 22 4.92 3.31 -18.08
C GLU A 22 5.98 2.32 -17.62
N LEU A 23 5.69 1.60 -16.58
CA LEU A 23 6.66 0.61 -16.08
C LEU A 23 6.62 -0.67 -16.88
N ASP A 24 5.75 -0.70 -17.86
CA ASP A 24 5.64 -1.92 -18.70
C ASP A 24 5.59 -3.17 -17.83
N LEU A 25 4.41 -3.50 -17.37
CA LEU A 25 4.25 -4.70 -16.50
C LEU A 25 3.15 -5.63 -17.04
N PRO A 26 3.51 -6.84 -17.44
CA PRO A 26 2.51 -7.76 -17.95
C PRO A 26 1.48 -8.07 -16.87
N ASP A 27 0.22 -8.01 -17.23
CA ASP A 27 -0.85 -8.29 -16.23
C ASP A 27 -0.42 -9.38 -15.26
N SER A 28 0.31 -10.34 -15.75
CA SER A 28 0.75 -11.43 -14.86
C SER A 28 1.26 -10.85 -13.55
N ILE A 29 2.08 -9.85 -13.65
CA ILE A 29 2.62 -9.23 -12.42
C ILE A 29 1.51 -8.49 -11.70
N ASN A 30 0.59 -7.92 -12.45
CA ASN A 30 -0.52 -7.18 -11.80
C ASN A 30 -1.35 -8.13 -10.95
N GLU A 31 -1.66 -9.27 -11.48
CA GLU A 31 -2.47 -10.25 -10.72
C GLU A 31 -1.76 -10.63 -9.41
N ASP A 32 -0.48 -10.91 -9.52
CA ASP A 32 0.28 -11.27 -8.30
C ASP A 32 0.28 -10.11 -7.32
N PHE A 33 0.46 -8.92 -7.85
CA PHE A 33 0.48 -7.74 -6.98
C PHE A 33 -0.77 -7.69 -6.12
N TYR A 34 -1.86 -8.13 -6.69
CA TYR A 34 -3.13 -8.13 -5.92
C TYR A 34 -3.11 -9.19 -4.84
N LYS A 35 -2.68 -10.37 -5.21
CA LYS A 35 -2.63 -11.47 -4.22
C LYS A 35 -1.70 -11.14 -3.05
N PHE A 36 -0.88 -10.14 -3.22
CA PHE A 36 0.06 -9.76 -2.11
C PHE A 36 -0.68 -9.10 -0.94
N TRP A 37 -1.36 -8.02 -1.20
CA TRP A 37 -2.10 -7.33 -0.09
C TRP A 37 -3.48 -7.97 0.13
N LYS A 38 -3.69 -9.16 -0.37
CA LYS A 38 -5.01 -9.83 -0.20
C LYS A 38 -4.94 -11.03 0.76
N GLU A 39 -4.54 -12.16 0.25
CA GLU A 39 -4.45 -13.36 1.14
C GLU A 39 -3.31 -13.22 2.16
N ASP A 40 -2.12 -13.62 1.77
CA ASP A 40 -0.98 -13.51 2.73
C ASP A 40 0.34 -13.72 2.00
N TYR A 41 0.27 -13.60 0.72
CA TYR A 41 1.49 -13.78 -0.10
C TYR A 41 2.51 -12.71 0.22
N GLU A 42 3.65 -12.78 -0.41
CA GLU A 42 4.70 -11.77 -0.15
C GLU A 42 5.57 -11.57 -1.40
N ILE A 43 5.45 -10.42 -1.99
CA ILE A 43 6.26 -10.15 -3.22
C ILE A 43 7.72 -9.92 -2.86
N THR A 44 8.60 -10.25 -3.76
CA THR A 44 10.04 -10.05 -3.49
C THR A 44 10.79 -9.65 -4.76
N ASN A 45 10.42 -8.53 -5.31
CA ASN A 45 11.09 -8.08 -6.55
C ASN A 45 11.18 -6.56 -6.61
N ARG A 46 12.35 -6.06 -6.94
CA ARG A 46 12.52 -4.58 -7.00
C ARG A 46 11.38 -3.94 -7.77
N LEU A 47 11.07 -4.48 -8.93
CA LEU A 47 9.97 -3.90 -9.73
C LEU A 47 8.77 -3.59 -8.86
N THR A 48 8.14 -4.63 -8.40
CA THR A 48 6.95 -4.42 -7.52
C THR A 48 7.26 -3.34 -6.51
N GLY A 49 8.52 -3.13 -6.26
CA GLY A 49 8.92 -2.09 -5.27
C GLY A 49 8.81 -0.72 -5.91
N CYS A 50 9.61 -0.50 -6.92
CA CYS A 50 9.57 0.81 -7.60
C CYS A 50 8.11 1.16 -7.90
N ALA A 51 7.32 0.14 -8.14
CA ALA A 51 5.89 0.38 -8.45
C ALA A 51 5.24 1.11 -7.29
N ILE A 52 5.27 0.48 -6.13
CA ILE A 52 4.65 1.13 -4.94
C ILE A 52 5.02 2.60 -4.90
N LYS A 53 6.24 2.89 -5.31
CA LYS A 53 6.69 4.31 -5.30
C LYS A 53 5.90 5.13 -6.31
N CYS A 54 6.09 4.85 -7.57
CA CYS A 54 5.35 5.61 -8.61
C CYS A 54 3.88 5.71 -8.21
N LEU A 55 3.33 4.59 -7.83
CA LEU A 55 1.91 4.60 -7.42
C LEU A 55 1.66 5.72 -6.43
N SER A 56 2.58 5.90 -5.53
CA SER A 56 2.41 6.98 -4.51
C SER A 56 2.33 8.33 -5.19
N GLU A 57 3.12 8.52 -6.21
CA GLU A 57 3.09 9.82 -6.92
C GLU A 57 1.75 10.02 -7.62
N LYS A 58 1.07 8.92 -7.86
CA LYS A 58 -0.25 9.01 -8.54
C LYS A 58 -1.40 9.14 -7.54
N LEU A 59 -1.09 9.02 -6.27
CA LEU A 59 -2.15 9.14 -5.22
C LEU A 59 -3.17 10.23 -5.56
N GLU A 60 -2.76 11.18 -6.35
CA GLU A 60 -3.70 12.26 -6.72
C GLU A 60 -4.82 11.72 -7.59
N MET A 61 -4.51 10.70 -8.35
CA MET A 61 -5.54 10.11 -9.23
C MET A 61 -6.27 8.97 -8.52
N VAL A 62 -5.57 8.29 -7.66
CA VAL A 62 -6.19 7.17 -6.91
C VAL A 62 -7.40 7.67 -6.11
N ASP A 63 -7.15 8.07 -4.89
CA ASP A 63 -8.27 8.55 -4.05
C ASP A 63 -8.65 9.96 -4.45
N ALA A 64 -9.92 10.28 -4.30
CA ALA A 64 -10.38 11.64 -4.67
C ALA A 64 -11.39 12.16 -3.66
N ASP A 65 -10.92 12.53 -2.51
CA ASP A 65 -11.83 13.06 -1.47
C ASP A 65 -11.09 14.02 -0.55
N GLY A 66 -9.79 14.04 -0.68
CA GLY A 66 -8.99 14.95 0.18
C GLY A 66 -8.60 14.24 1.47
N LYS A 67 -8.41 12.95 1.37
CA LYS A 67 -8.04 12.15 2.56
C LYS A 67 -6.72 11.41 2.33
N LEU A 68 -6.83 10.19 1.85
CA LEU A 68 -5.61 9.39 1.60
C LEU A 68 -4.52 10.22 0.91
N HIS A 69 -3.68 10.83 1.70
CA HIS A 69 -2.60 11.65 1.12
C HIS A 69 -1.38 11.68 2.04
N HIS A 70 -0.25 12.01 1.50
CA HIS A 70 0.98 12.06 2.33
C HIS A 70 0.71 12.76 3.65
N GLY A 71 0.58 11.97 4.70
CA GLY A 71 0.31 12.56 6.05
C GLY A 71 -1.16 12.39 6.44
N ASN A 72 -1.91 11.72 5.61
CA ASN A 72 -3.35 11.50 5.92
C ASN A 72 -3.79 10.08 5.63
N ALA A 73 -3.85 9.30 6.66
CA ALA A 73 -4.27 7.89 6.49
C ALA A 73 -5.31 7.58 7.54
N ARG A 74 -5.33 8.41 8.54
CA ARG A 74 -6.29 8.25 9.64
C ARG A 74 -7.72 8.13 9.11
N GLU A 75 -8.14 9.12 8.37
CA GLU A 75 -9.52 9.08 7.82
C GLU A 75 -9.69 7.97 6.78
N PHE A 76 -8.80 7.92 5.83
CA PHE A 76 -8.90 6.86 4.79
C PHE A 76 -8.91 5.48 5.44
N ALA A 77 -8.25 5.37 6.56
CA ALA A 77 -8.22 4.07 7.27
C ALA A 77 -9.38 3.91 8.25
N MET A 78 -9.56 4.91 9.08
CA MET A 78 -10.67 4.83 10.07
C MET A 78 -11.96 4.37 9.40
N LYS A 79 -12.14 4.77 8.17
CA LYS A 79 -13.38 4.37 7.47
C LYS A 79 -13.32 2.89 7.11
N HIS A 80 -12.64 2.12 7.91
CA HIS A 80 -12.54 0.67 7.61
C HIS A 80 -12.24 -0.13 8.88
N GLY A 81 -11.28 0.32 9.65
CA GLY A 81 -10.94 -0.43 10.89
C GLY A 81 -9.85 0.27 11.70
N ALA A 82 -8.94 0.93 11.03
CA ALA A 82 -7.86 1.62 11.77
C ALA A 82 -8.36 2.92 12.40
N ASP A 83 -8.84 2.82 13.61
CA ASP A 83 -9.36 4.02 14.29
C ASP A 83 -8.23 4.90 14.83
N ASP A 84 -8.45 5.47 15.99
CA ASP A 84 -7.42 6.34 16.59
C ASP A 84 -6.12 5.58 16.82
N ALA A 85 -6.00 5.00 17.99
CA ALA A 85 -4.76 4.23 18.29
C ALA A 85 -4.35 3.38 17.10
N MET A 86 -5.28 2.64 16.57
CA MET A 86 -4.95 1.79 15.40
C MET A 86 -4.21 2.60 14.35
N ALA A 87 -4.90 3.54 13.75
CA ALA A 87 -4.25 4.37 12.71
C ALA A 87 -2.85 4.76 13.14
N LYS A 88 -2.73 5.26 14.33
CA LYS A 88 -1.40 5.66 14.82
C LYS A 88 -0.49 4.45 14.86
N GLN A 89 -1.03 3.36 15.34
CA GLN A 89 -0.23 2.13 15.41
C GLN A 89 0.24 1.72 14.02
N LEU A 90 -0.69 1.68 13.10
CA LEU A 90 -0.32 1.30 11.71
C LEU A 90 0.88 2.11 11.24
N VAL A 91 0.87 3.37 11.58
CA VAL A 91 2.00 4.23 11.16
C VAL A 91 3.25 3.87 11.97
N ASP A 92 3.10 3.76 13.26
CA ASP A 92 4.26 3.42 14.11
C ASP A 92 4.80 2.06 13.71
N LEU A 93 3.98 1.27 13.06
CA LEU A 93 4.43 -0.07 12.64
C LEU A 93 5.12 0.01 11.30
N ILE A 94 4.49 0.67 10.37
CA ILE A 94 5.11 0.81 9.03
C ILE A 94 6.42 1.56 9.14
N HIS A 95 6.43 2.56 9.98
CA HIS A 95 7.66 3.34 10.15
C HIS A 95 8.68 2.51 10.88
N GLY A 96 8.24 1.77 11.86
CA GLY A 96 9.21 0.94 12.61
C GLY A 96 10.01 0.13 11.61
N CYS A 97 9.31 -0.42 10.66
CA CYS A 97 10.00 -1.23 9.62
C CYS A 97 11.03 -0.37 8.92
N GLU A 98 10.68 0.86 8.70
CA GLU A 98 11.63 1.78 8.03
C GLU A 98 12.83 2.06 8.91
N LYS A 99 12.57 2.57 10.07
CA LYS A 99 13.67 2.88 11.00
C LYS A 99 14.32 1.60 11.53
N SER A 100 13.72 0.48 11.20
CA SER A 100 14.29 -0.81 11.68
C SER A 100 15.41 -1.31 10.78
N ILE A 101 15.14 -1.38 9.50
CA ILE A 101 16.19 -1.85 8.57
C ILE A 101 17.54 -1.13 8.81
N PRO A 102 18.63 -1.85 8.62
CA PRO A 102 19.97 -1.27 8.81
C PRO A 102 20.16 -0.06 7.90
N PRO A 103 21.26 0.63 8.08
CA PRO A 103 21.55 1.80 7.27
C PRO A 103 21.46 1.46 5.78
N ASN A 104 20.28 1.52 5.26
CA ASN A 104 20.07 1.20 3.83
C ASN A 104 18.89 1.99 3.28
N ASP A 105 19.15 3.20 2.89
CA ASP A 105 18.06 4.03 2.35
C ASP A 105 17.86 3.78 0.86
N ASP A 106 17.59 2.55 0.51
CA ASP A 106 17.38 2.22 -0.91
C ASP A 106 15.89 2.32 -1.25
N ARG A 107 15.55 3.36 -1.95
CA ARG A 107 14.13 3.59 -2.35
C ARG A 107 13.36 2.28 -2.60
N CYS A 108 13.62 1.67 -3.70
CA CYS A 108 12.91 0.39 -4.05
C CYS A 108 13.12 -0.76 -3.03
N MET A 109 14.32 -0.92 -2.53
CA MET A 109 14.53 -2.02 -1.57
C MET A 109 13.90 -1.69 -0.24
N GLU A 110 14.13 -0.52 0.24
CA GLU A 110 13.53 -0.15 1.53
C GLU A 110 12.02 -0.35 1.48
N VAL A 111 11.40 0.33 0.55
CA VAL A 111 9.92 0.20 0.42
C VAL A 111 9.47 -1.25 0.37
N LEU A 112 10.29 -2.09 -0.20
CA LEU A 112 9.90 -3.52 -0.29
C LEU A 112 9.97 -4.17 1.09
N SER A 113 10.99 -3.85 1.82
CA SER A 113 11.13 -4.43 3.16
C SER A 113 10.01 -3.97 4.10
N ILE A 114 9.50 -2.80 3.86
CA ILE A 114 8.41 -2.31 4.75
C ILE A 114 7.09 -3.01 4.47
N ALA A 115 6.70 -3.07 3.22
CA ALA A 115 5.43 -3.74 2.89
C ALA A 115 5.38 -5.14 3.48
N MET A 116 6.42 -5.89 3.25
CA MET A 116 6.46 -7.26 3.78
C MET A 116 6.43 -7.25 5.31
N CYS A 117 7.11 -6.30 5.89
CA CYS A 117 7.13 -6.23 7.38
C CYS A 117 5.78 -5.75 7.92
N PHE A 118 5.33 -4.64 7.43
CA PHE A 118 4.03 -4.11 7.90
C PHE A 118 2.97 -5.21 7.98
N LYS A 119 2.94 -6.05 6.98
CA LYS A 119 1.94 -7.16 6.99
C LYS A 119 2.26 -8.17 8.09
N LYS A 120 3.51 -8.49 8.24
CA LYS A 120 3.88 -9.48 9.29
C LYS A 120 3.42 -9.01 10.67
N GLU A 121 4.04 -7.99 11.17
CA GLU A 121 3.65 -7.47 12.50
C GLU A 121 2.14 -7.40 12.64
N ILE A 122 1.48 -6.91 11.62
CA ILE A 122 0.00 -6.80 11.68
C ILE A 122 -0.62 -8.15 11.98
N HIS A 123 -0.09 -9.18 11.40
CA HIS A 123 -0.65 -10.53 11.65
C HIS A 123 -0.30 -11.02 13.05
N ASN A 124 0.68 -10.39 13.65
CA ASN A 124 1.07 -10.82 15.01
C ASN A 124 0.30 -10.07 16.08
N LEU A 125 0.03 -8.83 15.85
CA LEU A 125 -0.72 -8.05 16.86
C LEU A 125 -1.94 -8.82 17.32
N LYS A 126 -2.97 -8.80 16.52
CA LYS A 126 -4.24 -9.52 16.85
C LYS A 126 -5.29 -9.26 15.78
N TRP A 127 -5.15 -8.14 15.12
CA TRP A 127 -6.12 -7.78 14.03
C TRP A 127 -5.40 -7.47 12.73
N ALA A 128 -6.17 -7.13 11.73
CA ALA A 128 -5.56 -6.82 10.43
C ALA A 128 -6.54 -6.01 9.56
N PRO A 129 -6.16 -4.78 9.20
CA PRO A 129 -7.03 -3.93 8.39
C PRO A 129 -7.33 -4.58 7.04
N ASN A 130 -7.98 -3.86 6.17
CA ASN A 130 -8.30 -4.42 4.83
C ASN A 130 -7.23 -4.05 3.81
N MET A 131 -7.13 -4.83 2.78
CA MET A 131 -6.11 -4.55 1.74
C MET A 131 -6.19 -3.09 1.28
N GLU A 132 -7.35 -2.50 1.46
CA GLU A 132 -7.50 -1.08 1.05
C GLU A 132 -6.66 -0.18 1.94
N VAL A 133 -7.01 -0.15 3.20
CA VAL A 133 -6.24 0.71 4.15
C VAL A 133 -4.75 0.46 4.01
N VAL A 134 -4.36 -0.77 4.23
CA VAL A 134 -2.93 -1.12 4.14
C VAL A 134 -2.26 -0.41 2.95
N VAL A 135 -2.80 -0.62 1.78
CA VAL A 135 -2.22 0.04 0.59
C VAL A 135 -2.02 1.52 0.83
N GLY A 136 -3.10 2.21 1.06
CA GLY A 136 -2.99 3.68 1.31
C GLY A 136 -1.91 3.96 2.36
N GLU A 137 -1.78 3.08 3.31
CA GLU A 137 -0.76 3.29 4.37
C GLU A 137 0.63 3.47 3.76
N VAL A 138 1.12 2.43 3.11
CA VAL A 138 2.45 2.54 2.49
C VAL A 138 2.56 3.82 1.66
N LEU A 139 1.49 4.14 0.99
CA LEU A 139 1.49 5.36 0.16
C LEU A 139 1.69 6.61 1.01
N ALA A 140 0.74 6.87 1.88
CA ALA A 140 0.84 8.07 2.76
C ALA A 140 2.26 8.23 3.28
N GLU A 141 2.89 7.13 3.58
CA GLU A 141 4.28 7.21 4.10
C GLU A 141 5.28 7.18 2.95
N VAL A 142 5.60 5.99 2.50
CA VAL A 142 6.58 5.87 1.39
C VAL A 142 7.94 6.41 1.81
N SER A 1 -26.58 -3.19 -16.29
CA SER A 1 -27.17 -1.92 -15.81
C SER A 1 -26.19 -1.21 -14.88
N PRO A 2 -26.30 0.11 -14.80
CA PRO A 2 -25.43 0.91 -13.96
C PRO A 2 -25.48 0.44 -12.49
N GLU A 3 -24.35 0.02 -11.98
CA GLU A 3 -24.32 -0.45 -10.57
C GLU A 3 -22.91 -0.37 -9.99
N ILE A 4 -22.71 0.60 -9.10
CA ILE A 4 -21.37 0.82 -8.44
C ILE A 4 -20.30 -0.13 -8.95
N MET A 5 -19.44 0.42 -9.70
CA MET A 5 -18.33 -0.39 -10.28
C MET A 5 -17.01 0.38 -10.28
N LYS A 6 -17.01 1.51 -10.93
CA LYS A 6 -15.76 2.31 -10.96
C LYS A 6 -15.71 3.29 -9.80
N ASP A 7 -16.17 2.85 -8.66
CA ASP A 7 -16.16 3.74 -7.47
C ASP A 7 -14.94 3.45 -6.59
N LEU A 8 -14.42 2.25 -6.71
CA LEU A 8 -13.24 1.90 -5.89
C LEU A 8 -12.42 0.81 -6.56
N SER A 9 -13.09 -0.11 -7.19
CA SER A 9 -12.36 -1.21 -7.87
C SER A 9 -11.46 -0.66 -8.97
N ILE A 10 -12.04 -0.48 -10.13
CA ILE A 10 -11.25 0.05 -11.27
C ILE A 10 -10.40 1.23 -10.83
N ASN A 11 -10.96 2.07 -10.00
CA ASN A 11 -10.20 3.25 -9.53
C ASN A 11 -8.79 2.85 -9.13
N PHE A 12 -8.68 2.14 -8.04
CA PHE A 12 -7.33 1.71 -7.60
C PHE A 12 -6.55 1.13 -8.78
N GLY A 13 -7.25 0.48 -9.66
CA GLY A 13 -6.56 -0.12 -10.84
C GLY A 13 -6.14 0.99 -11.81
N LYS A 14 -7.02 1.92 -12.04
CA LYS A 14 -6.68 3.02 -12.97
C LYS A 14 -5.29 3.56 -12.67
N ALA A 15 -5.08 3.95 -11.43
CA ALA A 15 -3.75 4.48 -11.05
C ALA A 15 -2.66 3.45 -11.31
N LEU A 16 -2.84 2.27 -10.78
CA LEU A 16 -1.82 1.23 -11.01
C LEU A 16 -1.65 0.94 -12.49
N ASP A 17 -2.75 0.97 -13.21
CA ASP A 17 -2.67 0.71 -14.66
C ASP A 17 -1.79 1.74 -15.34
N THR A 18 -1.95 2.98 -14.94
CA THR A 18 -1.14 4.05 -15.56
C THR A 18 0.34 3.72 -15.41
N CYS A 19 0.77 3.48 -14.19
CA CYS A 19 2.19 3.15 -13.97
C CYS A 19 2.62 1.99 -14.84
N LYS A 20 1.81 0.95 -14.85
CA LYS A 20 2.14 -0.23 -15.66
C LYS A 20 2.32 0.16 -17.13
N LYS A 21 1.62 1.19 -17.52
CA LYS A 21 1.75 1.63 -18.94
C LYS A 21 3.13 2.21 -19.18
N GLU A 22 3.64 2.90 -18.20
CA GLU A 22 4.99 3.49 -18.34
C GLU A 22 6.06 2.49 -17.95
N LEU A 23 5.70 1.59 -17.08
CA LEU A 23 6.68 0.56 -16.63
C LEU A 23 6.57 -0.71 -17.46
N ASP A 24 5.40 -0.93 -18.01
CA ASP A 24 5.21 -2.15 -18.84
C ASP A 24 5.28 -3.41 -17.97
N LEU A 25 4.64 -3.35 -16.83
CA LEU A 25 4.65 -4.52 -15.91
C LEU A 25 3.72 -5.63 -16.43
N PRO A 26 4.23 -6.86 -16.53
CA PRO A 26 3.41 -7.97 -17.02
C PRO A 26 2.20 -8.16 -16.11
N ASP A 27 1.03 -8.20 -16.69
CA ASP A 27 -0.20 -8.39 -15.86
C ASP A 27 0.03 -9.45 -14.79
N SER A 28 0.69 -10.52 -15.16
CA SER A 28 0.94 -11.60 -14.18
C SER A 28 1.41 -10.98 -12.88
N ILE A 29 2.18 -9.93 -13.00
CA ILE A 29 2.69 -9.27 -11.79
C ILE A 29 1.58 -8.41 -11.18
N ASN A 30 0.77 -7.84 -12.03
CA ASN A 30 -0.34 -6.99 -11.52
C ASN A 30 -1.29 -7.81 -10.66
N GLU A 31 -1.68 -8.95 -11.16
CA GLU A 31 -2.60 -9.80 -10.38
C GLU A 31 -1.93 -10.25 -9.07
N ASP A 32 -0.77 -10.84 -9.19
CA ASP A 32 -0.07 -11.30 -7.98
C ASP A 32 0.09 -10.15 -7.00
N PHE A 33 0.08 -8.94 -7.52
CA PHE A 33 0.24 -7.76 -6.65
C PHE A 33 -0.98 -7.61 -5.73
N TYR A 34 -2.13 -7.55 -6.33
CA TYR A 34 -3.36 -7.40 -5.52
C TYR A 34 -3.45 -8.48 -4.44
N LYS A 35 -2.98 -9.66 -4.76
CA LYS A 35 -3.04 -10.75 -3.76
C LYS A 35 -2.08 -10.51 -2.59
N PHE A 36 -0.93 -9.99 -2.90
CA PHE A 36 0.07 -9.71 -1.82
C PHE A 36 -0.55 -8.92 -0.67
N TRP A 37 -1.36 -7.95 -1.00
CA TRP A 37 -1.99 -7.14 0.09
C TRP A 37 -3.31 -7.76 0.53
N LYS A 38 -3.29 -9.04 0.80
CA LYS A 38 -4.55 -9.70 1.22
C LYS A 38 -4.27 -10.82 2.23
N GLU A 39 -4.38 -12.04 1.76
CA GLU A 39 -4.13 -13.18 2.67
C GLU A 39 -2.73 -13.13 3.27
N ASP A 40 -1.83 -13.86 2.68
CA ASP A 40 -0.44 -13.86 3.20
C ASP A 40 0.57 -14.12 2.08
N TYR A 41 0.19 -13.75 0.89
CA TYR A 41 1.11 -13.96 -0.25
C TYR A 41 2.32 -13.02 -0.16
N GLU A 42 3.29 -13.26 -0.99
CA GLU A 42 4.49 -12.38 -0.98
C GLU A 42 5.01 -12.19 -2.39
N ILE A 43 5.03 -10.97 -2.83
CA ILE A 43 5.54 -10.71 -4.21
C ILE A 43 7.04 -10.84 -4.26
N THR A 44 7.64 -10.47 -3.19
CA THR A 44 9.13 -10.56 -3.09
C THR A 44 9.78 -10.26 -4.44
N ASN A 45 9.62 -9.04 -4.90
CA ASN A 45 10.21 -8.66 -6.21
C ASN A 45 10.81 -7.27 -6.14
N ARG A 46 11.62 -6.96 -7.12
CA ARG A 46 12.26 -5.63 -7.15
C ARG A 46 11.30 -4.58 -7.73
N LEU A 47 11.01 -4.72 -8.99
CA LEU A 47 10.09 -3.75 -9.63
C LEU A 47 8.85 -3.55 -8.76
N THR A 48 8.25 -4.63 -8.36
CA THR A 48 7.04 -4.52 -7.51
C THR A 48 7.28 -3.47 -6.43
N GLY A 49 8.52 -3.33 -6.03
CA GLY A 49 8.83 -2.33 -4.98
C GLY A 49 8.77 -0.94 -5.60
N CYS A 50 9.51 -0.74 -6.65
CA CYS A 50 9.50 0.56 -7.30
C CYS A 50 8.06 0.96 -7.59
N ALA A 51 7.22 -0.02 -7.70
CA ALA A 51 5.79 0.26 -7.97
C ALA A 51 5.17 0.92 -6.76
N ILE A 52 5.34 0.31 -5.62
CA ILE A 52 4.77 0.90 -4.38
C ILE A 52 5.08 2.38 -4.35
N LYS A 53 6.26 2.73 -4.78
CA LYS A 53 6.66 4.16 -4.77
C LYS A 53 5.75 4.96 -5.69
N CYS A 54 5.68 4.54 -6.93
CA CYS A 54 4.82 5.26 -7.89
C CYS A 54 3.46 5.58 -7.28
N LEU A 55 2.82 4.58 -6.73
CA LEU A 55 1.50 4.81 -6.11
C LEU A 55 1.58 5.98 -5.13
N SER A 56 2.60 5.96 -4.32
CA SER A 56 2.76 7.06 -3.33
C SER A 56 2.61 8.41 -4.00
N GLU A 57 3.23 8.57 -5.13
CA GLU A 57 3.13 9.86 -5.86
C GLU A 57 1.85 9.91 -6.68
N LYS A 58 1.19 8.79 -6.76
CA LYS A 58 -0.07 8.74 -7.54
C LYS A 58 -1.27 9.07 -6.67
N LEU A 59 -1.04 9.18 -5.37
CA LEU A 59 -2.16 9.51 -4.42
C LEU A 59 -3.24 10.37 -5.07
N GLU A 60 -2.82 11.24 -5.95
CA GLU A 60 -3.80 12.11 -6.64
C GLU A 60 -4.85 11.28 -7.37
N MET A 61 -4.42 10.19 -7.92
CA MET A 61 -5.38 9.31 -8.66
C MET A 61 -5.99 8.29 -7.71
N VAL A 62 -5.21 7.81 -6.77
CA VAL A 62 -5.74 6.82 -5.82
C VAL A 62 -7.09 7.27 -5.25
N ASP A 63 -7.03 8.06 -4.21
CA ASP A 63 -8.31 8.55 -3.62
C ASP A 63 -8.72 9.87 -4.25
N ALA A 64 -9.48 9.77 -5.31
CA ALA A 64 -9.93 11.00 -6.02
C ALA A 64 -10.31 12.10 -5.03
N ASP A 65 -11.42 11.92 -4.35
CA ASP A 65 -11.85 12.95 -3.37
C ASP A 65 -10.66 13.51 -2.61
N GLY A 66 -10.07 12.69 -1.81
CA GLY A 66 -8.89 13.13 -1.04
C GLY A 66 -8.69 12.20 0.15
N LYS A 67 -8.87 12.74 1.32
CA LYS A 67 -8.70 11.94 2.58
C LYS A 67 -7.30 11.32 2.67
N LEU A 68 -6.97 10.54 1.70
CA LEU A 68 -5.64 9.88 1.69
C LEU A 68 -4.56 10.84 1.20
N HIS A 69 -3.64 11.15 2.08
CA HIS A 69 -2.54 12.07 1.71
C HIS A 69 -1.27 11.71 2.46
N HIS A 70 -0.17 12.16 1.95
CA HIS A 70 1.13 11.85 2.62
C HIS A 70 1.12 12.36 4.06
N GLY A 71 1.05 11.45 4.99
CA GLY A 71 1.05 11.85 6.42
C GLY A 71 -0.37 11.95 6.97
N ASN A 72 -1.31 11.47 6.22
CA ASN A 72 -2.72 11.52 6.68
C ASN A 72 -3.54 10.36 6.14
N ALA A 73 -3.73 9.37 6.95
CA ALA A 73 -4.52 8.19 6.54
C ALA A 73 -5.55 7.86 7.60
N ARG A 74 -5.53 8.65 8.64
CA ARG A 74 -6.48 8.46 9.76
C ARG A 74 -7.91 8.33 9.25
N GLU A 75 -8.32 9.27 8.42
CA GLU A 75 -9.70 9.22 7.89
C GLU A 75 -9.85 8.12 6.83
N PHE A 76 -8.84 7.96 6.03
CA PHE A 76 -8.91 6.90 4.98
C PHE A 76 -8.81 5.51 5.59
N ALA A 77 -8.17 5.43 6.72
CA ALA A 77 -8.02 4.11 7.38
C ALA A 77 -9.18 3.84 8.34
N MET A 78 -9.64 4.87 8.98
CA MET A 78 -10.78 4.70 9.94
C MET A 78 -12.06 4.35 9.21
N LYS A 79 -12.36 5.09 8.20
CA LYS A 79 -13.59 4.81 7.44
C LYS A 79 -13.49 3.46 6.73
N HIS A 80 -12.81 2.54 7.34
CA HIS A 80 -12.68 1.21 6.70
C HIS A 80 -12.11 0.16 7.65
N GLY A 81 -11.31 0.57 8.62
CA GLY A 81 -10.76 -0.46 9.55
C GLY A 81 -9.86 0.14 10.65
N ALA A 82 -8.87 0.91 10.28
CA ALA A 82 -7.99 1.51 11.32
C ALA A 82 -8.57 2.81 11.88
N ASP A 83 -9.28 2.68 12.97
CA ASP A 83 -9.89 3.88 13.60
C ASP A 83 -8.81 4.82 14.15
N ASP A 84 -9.11 5.42 15.28
CA ASP A 84 -8.11 6.35 15.88
C ASP A 84 -6.83 5.62 16.26
N ALA A 85 -6.80 5.12 17.47
CA ALA A 85 -5.59 4.39 17.93
C ALA A 85 -5.06 3.48 16.83
N MET A 86 -5.93 2.65 16.32
CA MET A 86 -5.51 1.72 15.23
C MET A 86 -4.66 2.45 14.19
N ALA A 87 -5.29 3.30 13.43
CA ALA A 87 -4.55 4.06 12.39
C ALA A 87 -3.18 4.51 12.89
N LYS A 88 -3.18 5.24 13.97
CA LYS A 88 -1.88 5.72 14.52
C LYS A 88 -0.89 4.57 14.65
N GLN A 89 -1.31 3.53 15.30
CA GLN A 89 -0.39 2.37 15.47
C GLN A 89 0.17 1.94 14.11
N LEU A 90 -0.71 1.68 13.18
CA LEU A 90 -0.25 1.26 11.83
C LEU A 90 0.86 2.15 11.33
N VAL A 91 0.66 3.44 11.46
CA VAL A 91 1.71 4.38 11.00
C VAL A 91 3.02 4.16 11.76
N ASP A 92 2.94 4.16 13.06
CA ASP A 92 4.16 3.95 13.87
C ASP A 92 4.85 2.64 13.48
N LEU A 93 4.09 1.76 12.89
CA LEU A 93 4.68 0.46 12.48
C LEU A 93 5.24 0.56 11.08
N ILE A 94 4.39 0.92 10.15
CA ILE A 94 4.85 1.05 8.76
C ILE A 94 6.10 1.93 8.72
N HIS A 95 6.06 2.98 9.49
CA HIS A 95 7.21 3.89 9.52
C HIS A 95 8.38 3.26 10.26
N GLY A 96 8.07 2.58 11.34
CA GLY A 96 9.16 1.94 12.12
C GLY A 96 10.08 1.20 11.15
N CYS A 97 9.49 0.44 10.27
CA CYS A 97 10.31 -0.32 9.30
C CYS A 97 11.04 0.65 8.38
N GLU A 98 10.39 1.72 8.05
CA GLU A 98 11.04 2.72 7.17
C GLU A 98 12.23 3.37 7.87
N LYS A 99 11.99 3.91 9.01
CA LYS A 99 13.08 4.56 9.75
C LYS A 99 14.11 3.54 10.21
N SER A 100 13.79 2.28 10.02
CA SER A 100 14.75 1.23 10.46
C SER A 100 15.81 0.94 9.39
N ILE A 101 15.38 0.54 8.22
CA ILE A 101 16.37 0.25 7.14
C ILE A 101 17.08 1.53 6.63
N PRO A 102 18.41 1.59 6.79
CA PRO A 102 19.17 2.75 6.33
C PRO A 102 19.26 2.75 4.80
N PRO A 103 19.72 3.84 4.25
CA PRO A 103 19.86 3.95 2.80
C PRO A 103 20.75 2.81 2.28
N ASN A 104 20.13 1.68 2.03
CA ASN A 104 20.92 0.52 1.51
C ASN A 104 21.17 0.61 0.01
N ASP A 105 21.38 -0.53 -0.59
CA ASP A 105 21.63 -0.57 -2.05
C ASP A 105 20.74 0.41 -2.81
N ASP A 106 19.46 0.17 -2.77
CA ASP A 106 18.52 1.08 -3.47
C ASP A 106 17.23 1.26 -2.68
N ARG A 107 16.26 1.88 -3.30
CA ARG A 107 14.97 2.11 -2.60
C ARG A 107 14.03 0.93 -2.81
N CYS A 108 13.88 0.54 -4.05
CA CYS A 108 12.97 -0.60 -4.35
C CYS A 108 13.25 -1.77 -3.40
N MET A 109 14.50 -1.97 -3.05
CA MET A 109 14.83 -3.08 -2.13
C MET A 109 14.41 -2.73 -0.72
N GLU A 110 14.57 -1.48 -0.38
CA GLU A 110 14.20 -1.05 0.98
C GLU A 110 12.68 -1.04 1.13
N VAL A 111 12.01 -0.42 0.19
CA VAL A 111 10.53 -0.37 0.26
C VAL A 111 9.93 -1.76 0.17
N LEU A 112 10.67 -2.67 -0.40
CA LEU A 112 10.16 -4.05 -0.53
C LEU A 112 10.21 -4.73 0.82
N SER A 113 11.28 -4.53 1.53
CA SER A 113 11.40 -5.16 2.86
C SER A 113 10.33 -4.65 3.80
N ILE A 114 9.98 -3.40 3.62
CA ILE A 114 8.94 -2.80 4.50
C ILE A 114 7.58 -3.45 4.24
N ALA A 115 7.17 -3.44 3.00
CA ALA A 115 5.86 -4.06 2.66
C ALA A 115 5.72 -5.42 3.32
N MET A 116 6.75 -6.22 3.21
CA MET A 116 6.70 -7.57 3.83
C MET A 116 6.61 -7.46 5.33
N CYS A 117 7.31 -6.51 5.89
CA CYS A 117 7.28 -6.34 7.37
C CYS A 117 5.90 -5.91 7.85
N PHE A 118 5.50 -4.72 7.48
CA PHE A 118 4.17 -4.24 7.91
C PHE A 118 3.11 -5.34 7.78
N LYS A 119 2.99 -5.88 6.60
CA LYS A 119 1.97 -6.95 6.41
C LYS A 119 2.26 -8.17 7.28
N LYS A 120 3.50 -8.51 7.43
CA LYS A 120 3.83 -9.68 8.27
C LYS A 120 3.50 -9.39 9.73
N GLU A 121 4.03 -8.30 10.23
CA GLU A 121 3.76 -7.95 11.64
C GLU A 121 2.25 -7.88 11.88
N ILE A 122 1.55 -7.28 10.94
CA ILE A 122 0.08 -7.17 11.09
C ILE A 122 -0.51 -8.52 11.46
N HIS A 123 -0.24 -9.50 10.64
CA HIS A 123 -0.76 -10.85 10.93
C HIS A 123 -0.48 -11.24 12.37
N ASN A 124 0.72 -10.97 12.82
CA ASN A 124 1.07 -11.33 14.22
C ASN A 124 0.10 -10.67 15.20
N LEU A 125 -0.30 -9.47 14.90
CA LEU A 125 -1.25 -8.76 15.80
C LEU A 125 -2.64 -9.39 15.73
N LYS A 126 -2.79 -10.32 14.82
CA LYS A 126 -4.11 -10.99 14.67
C LYS A 126 -5.13 -10.10 13.99
N TRP A 127 -5.21 -8.87 14.40
CA TRP A 127 -6.20 -7.95 13.77
C TRP A 127 -5.60 -7.23 12.57
N ALA A 128 -6.43 -6.48 11.91
CA ALA A 128 -5.96 -5.74 10.72
C ALA A 128 -7.11 -4.91 10.14
N PRO A 129 -6.77 -3.83 9.46
CA PRO A 129 -7.78 -2.96 8.86
C PRO A 129 -8.40 -3.60 7.64
N ASN A 130 -7.82 -3.31 6.52
CA ASN A 130 -8.32 -3.87 5.24
C ASN A 130 -7.36 -3.52 4.10
N MET A 131 -7.42 -4.28 3.05
CA MET A 131 -6.52 -4.01 1.88
C MET A 131 -6.40 -2.51 1.61
N GLU A 132 -7.48 -1.91 1.20
CA GLU A 132 -7.46 -0.44 0.90
C GLU A 132 -6.59 0.33 1.88
N VAL A 133 -6.91 0.24 3.14
CA VAL A 133 -6.10 0.96 4.16
C VAL A 133 -4.63 0.58 4.06
N VAL A 134 -4.33 -0.66 4.31
CA VAL A 134 -2.91 -1.13 4.23
C VAL A 134 -2.18 -0.45 3.08
N VAL A 135 -2.73 -0.60 1.90
CA VAL A 135 -2.08 0.03 0.72
C VAL A 135 -1.93 1.53 0.94
N GLY A 136 -3.03 2.20 1.17
CA GLY A 136 -2.96 3.66 1.40
C GLY A 136 -1.86 3.98 2.42
N GLU A 137 -1.63 3.06 3.31
CA GLU A 137 -0.58 3.27 4.33
C GLU A 137 0.78 3.42 3.68
N VAL A 138 1.25 2.36 3.08
CA VAL A 138 2.58 2.42 2.41
C VAL A 138 2.64 3.60 1.46
N LEU A 139 1.47 4.05 1.06
CA LEU A 139 1.42 5.20 0.13
C LEU A 139 1.59 6.50 0.89
N ALA A 140 0.89 6.61 1.99
CA ALA A 140 0.99 7.85 2.79
C ALA A 140 2.35 7.93 3.47
N GLU A 141 3.07 6.85 3.44
CA GLU A 141 4.41 6.85 4.08
C GLU A 141 5.29 7.96 3.50
N VAL A 142 5.90 7.68 2.39
CA VAL A 142 6.77 8.71 1.76
C VAL A 142 5.96 9.65 0.88
N SER A 1 -25.74 -7.97 1.72
CA SER A 1 -24.69 -6.95 1.91
C SER A 1 -24.13 -6.51 0.56
N PRO A 2 -24.98 -5.90 -0.24
CA PRO A 2 -24.59 -5.42 -1.57
C PRO A 2 -23.51 -4.33 -1.49
N GLU A 3 -23.58 -3.39 -2.38
CA GLU A 3 -22.57 -2.29 -2.40
C GLU A 3 -21.15 -2.83 -2.49
N ILE A 4 -20.97 -3.81 -3.32
CA ILE A 4 -19.61 -4.40 -3.47
C ILE A 4 -18.74 -3.47 -4.28
N MET A 5 -19.27 -2.32 -4.54
CA MET A 5 -18.52 -1.31 -5.34
C MET A 5 -17.89 -0.27 -4.42
N LYS A 6 -18.71 0.50 -3.77
CA LYS A 6 -18.18 1.54 -2.86
C LYS A 6 -17.08 2.36 -3.53
N ASP A 7 -17.07 2.33 -4.84
CA ASP A 7 -16.03 3.10 -5.57
C ASP A 7 -14.63 2.77 -5.04
N LEU A 8 -14.03 1.77 -5.61
CA LEU A 8 -12.67 1.37 -5.17
C LEU A 8 -11.97 0.55 -6.24
N SER A 9 -12.75 -0.11 -7.04
CA SER A 9 -12.17 -0.94 -8.12
C SER A 9 -11.57 -0.07 -9.22
N ILE A 10 -12.42 0.47 -10.04
CA ILE A 10 -11.94 1.33 -11.15
C ILE A 10 -10.82 2.25 -10.67
N ASN A 11 -10.99 2.83 -9.52
CA ASN A 11 -9.95 3.74 -8.99
C ASN A 11 -8.58 3.07 -8.96
N PHE A 12 -8.42 2.12 -8.08
CA PHE A 12 -7.12 1.42 -8.00
C PHE A 12 -6.72 0.85 -9.35
N GLY A 13 -7.70 0.62 -10.18
CA GLY A 13 -7.40 0.06 -11.53
C GLY A 13 -6.79 1.14 -12.42
N LYS A 14 -7.29 2.33 -12.30
CA LYS A 14 -6.76 3.44 -13.13
C LYS A 14 -5.30 3.72 -12.78
N ALA A 15 -4.99 3.65 -11.52
CA ALA A 15 -3.59 3.90 -11.10
C ALA A 15 -2.65 2.81 -11.63
N LEU A 16 -2.90 1.60 -11.22
CA LEU A 16 -2.04 0.49 -11.68
C LEU A 16 -1.93 0.49 -13.21
N ASP A 17 -3.02 0.77 -13.87
CA ASP A 17 -3.00 0.80 -15.35
C ASP A 17 -2.03 1.86 -15.86
N THR A 18 -2.11 3.03 -15.28
CA THR A 18 -1.21 4.11 -15.72
C THR A 18 0.25 3.69 -15.53
N CYS A 19 0.54 3.20 -14.35
CA CYS A 19 1.93 2.78 -14.08
C CYS A 19 2.38 1.75 -15.11
N LYS A 20 1.52 0.81 -15.39
CA LYS A 20 1.86 -0.24 -16.39
C LYS A 20 2.37 0.41 -17.68
N LYS A 21 1.72 1.47 -18.09
CA LYS A 21 2.14 2.15 -19.34
C LYS A 21 3.41 2.97 -19.12
N GLU A 22 3.72 3.24 -17.88
CA GLU A 22 4.94 4.03 -17.59
C GLU A 22 6.16 3.12 -17.49
N LEU A 23 6.03 2.08 -16.72
CA LEU A 23 7.18 1.15 -16.55
C LEU A 23 7.02 -0.09 -17.42
N ASP A 24 6.23 0.02 -18.45
CA ASP A 24 6.02 -1.15 -19.33
C ASP A 24 5.73 -2.39 -18.52
N LEU A 25 5.35 -2.17 -17.29
CA LEU A 25 5.04 -3.32 -16.40
C LEU A 25 3.78 -4.08 -16.92
N PRO A 26 3.93 -5.38 -17.22
CA PRO A 26 2.80 -6.19 -17.73
C PRO A 26 1.66 -6.30 -16.73
N ASP A 27 0.80 -7.28 -16.97
CA ASP A 27 -0.36 -7.49 -16.06
C ASP A 27 -0.22 -8.79 -15.28
N SER A 28 0.35 -9.79 -15.90
CA SER A 28 0.52 -11.09 -15.18
C SER A 28 0.96 -10.83 -13.74
N ILE A 29 1.76 -9.82 -13.58
CA ILE A 29 2.24 -9.50 -12.22
C ILE A 29 1.17 -8.75 -11.45
N ASN A 30 0.40 -7.93 -12.15
CA ASN A 30 -0.66 -7.18 -11.44
C ASN A 30 -1.51 -8.16 -10.64
N GLU A 31 -1.72 -9.32 -11.20
CA GLU A 31 -2.52 -10.34 -10.49
C GLU A 31 -1.73 -10.90 -9.33
N ASP A 32 -0.60 -11.50 -9.64
CA ASP A 32 0.22 -12.07 -8.55
C ASP A 32 0.48 -11.00 -7.50
N PHE A 33 0.52 -9.77 -7.96
CA PHE A 33 0.76 -8.65 -7.02
C PHE A 33 -0.40 -8.51 -6.07
N TYR A 34 -1.57 -8.32 -6.62
CA TYR A 34 -2.77 -8.17 -5.75
C TYR A 34 -2.74 -9.20 -4.64
N LYS A 35 -2.25 -10.36 -4.95
CA LYS A 35 -2.18 -11.44 -3.94
C LYS A 35 -1.22 -11.06 -2.81
N PHE A 36 -0.03 -10.63 -3.17
CA PHE A 36 0.97 -10.25 -2.13
C PHE A 36 0.30 -9.52 -0.96
N TRP A 37 -0.68 -8.71 -1.26
CA TRP A 37 -1.37 -7.97 -0.17
C TRP A 37 -2.62 -8.72 0.28
N LYS A 38 -2.46 -9.99 0.56
CA LYS A 38 -3.64 -10.78 1.00
C LYS A 38 -3.23 -11.89 1.96
N GLU A 39 -2.65 -12.92 1.42
CA GLU A 39 -2.22 -14.05 2.29
C GLU A 39 -0.89 -13.75 2.96
N ASP A 40 0.14 -14.40 2.50
CA ASP A 40 1.49 -14.17 3.11
C ASP A 40 2.56 -14.26 2.05
N TYR A 41 2.14 -14.15 0.82
CA TYR A 41 3.11 -14.23 -0.29
C TYR A 41 4.09 -13.06 -0.21
N GLU A 42 5.14 -13.12 -0.98
CA GLU A 42 6.14 -12.02 -0.94
C GLU A 42 6.74 -11.79 -2.33
N ILE A 43 6.49 -10.63 -2.87
CA ILE A 43 7.04 -10.33 -4.21
C ILE A 43 8.54 -10.07 -4.13
N THR A 44 9.20 -10.18 -5.23
CA THR A 44 10.66 -9.94 -5.23
C THR A 44 11.13 -9.42 -6.59
N ASN A 45 10.60 -8.29 -6.97
CA ASN A 45 10.98 -7.71 -8.28
C ASN A 45 11.17 -6.19 -8.16
N ARG A 46 12.31 -5.73 -8.58
CA ARG A 46 12.58 -4.27 -8.51
C ARG A 46 11.39 -3.47 -9.02
N LEU A 47 10.75 -3.98 -10.03
CA LEU A 47 9.59 -3.25 -10.58
C LEU A 47 8.47 -3.19 -9.56
N THR A 48 8.02 -4.32 -9.12
CA THR A 48 6.92 -4.32 -8.13
C THR A 48 7.24 -3.32 -7.03
N GLY A 49 8.51 -3.09 -6.83
CA GLY A 49 8.92 -2.12 -5.78
C GLY A 49 8.59 -0.73 -6.24
N CYS A 50 9.04 -0.41 -7.42
CA CYS A 50 8.75 0.93 -7.94
C CYS A 50 7.25 1.15 -7.97
N ALA A 51 6.53 0.11 -8.34
CA ALA A 51 5.06 0.24 -8.38
C ALA A 51 4.58 0.87 -7.10
N ILE A 52 4.90 0.24 -6.00
CA ILE A 52 4.48 0.81 -4.70
C ILE A 52 4.83 2.29 -4.64
N LYS A 53 6.02 2.61 -5.10
CA LYS A 53 6.44 4.04 -5.08
C LYS A 53 5.65 4.85 -6.11
N CYS A 54 5.68 4.40 -7.34
CA CYS A 54 4.93 5.13 -8.40
C CYS A 54 3.55 5.50 -7.90
N LEU A 55 2.93 4.57 -7.23
CA LEU A 55 1.58 4.85 -6.70
C LEU A 55 1.63 6.00 -5.73
N SER A 56 2.59 5.98 -4.84
CA SER A 56 2.70 7.08 -3.86
C SER A 56 2.58 8.42 -4.55
N GLU A 57 3.12 8.51 -5.74
CA GLU A 57 3.04 9.79 -6.48
C GLU A 57 1.69 9.93 -7.17
N LYS A 58 1.06 8.81 -7.42
CA LYS A 58 -0.28 8.85 -8.08
C LYS A 58 -1.38 9.10 -7.07
N LEU A 59 -1.02 9.07 -5.80
CA LEU A 59 -2.03 9.31 -4.71
C LEU A 59 -3.17 10.22 -5.16
N GLU A 60 -2.85 11.20 -5.96
CA GLU A 60 -3.91 12.12 -6.44
C GLU A 60 -4.99 11.37 -7.21
N MET A 61 -4.58 10.42 -7.99
CA MET A 61 -5.57 9.64 -8.77
C MET A 61 -6.08 8.44 -7.98
N VAL A 62 -5.22 7.89 -7.15
CA VAL A 62 -5.65 6.71 -6.35
C VAL A 62 -7.01 6.97 -5.72
N ASP A 63 -7.02 7.66 -4.62
CA ASP A 63 -8.32 7.94 -3.95
C ASP A 63 -8.96 9.19 -4.55
N ALA A 64 -9.88 8.97 -5.45
CA ALA A 64 -10.56 10.14 -6.09
C ALA A 64 -11.39 10.93 -5.08
N ASP A 65 -11.52 10.40 -3.90
CA ASP A 65 -12.31 11.12 -2.87
C ASP A 65 -11.57 12.37 -2.41
N GLY A 66 -10.43 12.17 -1.81
CA GLY A 66 -9.63 13.35 -1.32
C GLY A 66 -9.11 13.09 0.09
N LYS A 67 -9.15 11.85 0.51
CA LYS A 67 -8.66 11.52 1.86
C LYS A 67 -7.21 11.06 1.83
N LEU A 68 -7.00 9.86 1.35
CA LEU A 68 -5.62 9.34 1.28
C LEU A 68 -4.66 10.40 0.71
N HIS A 69 -3.75 10.84 1.53
CA HIS A 69 -2.79 11.88 1.06
C HIS A 69 -1.42 11.63 1.68
N HIS A 70 -0.41 12.08 1.01
CA HIS A 70 0.97 11.88 1.53
C HIS A 70 1.11 12.49 2.93
N GLY A 71 1.20 11.63 3.92
CA GLY A 71 1.33 12.14 5.32
C GLY A 71 0.00 12.02 6.06
N ASN A 72 -0.99 11.49 5.40
CA ASN A 72 -2.31 11.35 6.07
C ASN A 72 -3.05 10.13 5.55
N ALA A 73 -2.97 9.07 6.31
CA ALA A 73 -3.65 7.82 5.93
C ALA A 73 -4.65 7.48 7.02
N ARG A 74 -4.56 8.24 8.07
CA ARG A 74 -5.46 8.06 9.21
C ARG A 74 -6.92 8.14 8.78
N GLU A 75 -7.20 9.03 7.87
CA GLU A 75 -8.61 9.18 7.40
C GLU A 75 -8.96 8.09 6.39
N PHE A 76 -7.98 7.70 5.61
CA PHE A 76 -8.24 6.64 4.60
C PHE A 76 -8.15 5.27 5.23
N ALA A 77 -7.47 5.19 6.34
CA ALA A 77 -7.33 3.88 7.02
C ALA A 77 -8.46 3.67 8.02
N MET A 78 -8.95 4.75 8.56
CA MET A 78 -10.05 4.63 9.55
C MET A 78 -11.42 4.55 8.87
N LYS A 79 -11.40 4.38 7.56
CA LYS A 79 -12.69 4.29 6.81
C LYS A 79 -12.69 3.10 5.86
N HIS A 80 -11.70 2.24 5.99
CA HIS A 80 -11.66 1.07 5.09
C HIS A 80 -11.02 -0.15 5.76
N GLY A 81 -10.93 -0.12 7.06
CA GLY A 81 -10.32 -1.29 7.75
C GLY A 81 -9.85 -0.92 9.17
N ALA A 82 -9.12 0.16 9.28
CA ALA A 82 -8.63 0.57 10.61
C ALA A 82 -9.58 1.56 11.27
N ASP A 83 -9.05 2.33 12.18
CA ASP A 83 -9.89 3.33 12.88
C ASP A 83 -9.04 4.49 13.39
N ASP A 84 -9.47 5.11 14.46
CA ASP A 84 -8.68 6.24 15.02
C ASP A 84 -7.45 5.71 15.74
N ALA A 85 -7.62 5.31 16.96
CA ALA A 85 -6.47 4.78 17.73
C ALA A 85 -5.71 3.77 16.88
N MET A 86 -6.44 3.04 16.07
CA MET A 86 -5.79 2.04 15.21
C MET A 86 -4.83 2.70 14.23
N ALA A 87 -5.28 3.75 13.60
CA ALA A 87 -4.40 4.45 12.63
C ALA A 87 -3.08 4.80 13.30
N LYS A 88 -3.16 5.25 14.52
CA LYS A 88 -1.90 5.62 15.23
C LYS A 88 -0.98 4.42 15.30
N GLN A 89 -1.49 3.32 15.79
CA GLN A 89 -0.64 2.11 15.89
C GLN A 89 -0.08 1.77 14.51
N LEU A 90 -0.98 1.61 13.56
CA LEU A 90 -0.55 1.28 12.20
C LEU A 90 0.59 2.19 11.77
N VAL A 91 0.51 3.42 12.18
CA VAL A 91 1.57 4.38 11.82
C VAL A 91 2.84 4.03 12.58
N ASP A 92 2.73 3.96 13.88
CA ASP A 92 3.92 3.63 14.68
C ASP A 92 4.54 2.32 14.22
N LEU A 93 3.72 1.52 13.58
CA LEU A 93 4.23 0.22 13.09
C LEU A 93 4.92 0.42 11.74
N ILE A 94 4.18 0.88 10.77
CA ILE A 94 4.80 1.11 9.45
C ILE A 94 6.10 1.84 9.64
N HIS A 95 6.09 2.76 10.57
CA HIS A 95 7.30 3.53 10.84
C HIS A 95 8.34 2.61 11.46
N GLY A 96 7.88 1.72 12.30
CA GLY A 96 8.84 0.79 12.93
C GLY A 96 9.63 0.10 11.83
N CYS A 97 8.91 -0.31 10.81
CA CYS A 97 9.58 -0.98 9.68
C CYS A 97 10.71 -0.11 9.19
N GLU A 98 10.45 1.16 9.05
CA GLU A 98 11.51 2.07 8.57
C GLU A 98 12.69 2.01 9.53
N LYS A 99 12.39 1.89 10.79
CA LYS A 99 13.49 1.83 11.78
C LYS A 99 14.15 0.47 11.72
N SER A 100 13.52 -0.43 10.98
CA SER A 100 14.08 -1.79 10.85
C SER A 100 15.09 -1.86 9.71
N ILE A 101 14.74 -1.28 8.60
CA ILE A 101 15.67 -1.31 7.46
C ILE A 101 16.82 -0.29 7.66
N PRO A 102 18.07 -0.77 7.67
CA PRO A 102 19.22 0.10 7.86
C PRO A 102 19.34 1.11 6.72
N PRO A 103 20.24 2.05 6.88
CA PRO A 103 20.46 3.08 5.87
C PRO A 103 20.82 2.43 4.53
N ASN A 104 19.81 2.04 3.82
CA ASN A 104 20.05 1.40 2.51
C ASN A 104 20.26 2.45 1.43
N ASP A 105 20.05 2.08 0.20
CA ASP A 105 20.24 3.05 -0.89
C ASP A 105 19.31 2.73 -2.07
N ASP A 106 18.24 2.06 -1.79
CA ASP A 106 17.29 1.70 -2.88
C ASP A 106 15.85 1.79 -2.41
N ARG A 107 15.15 2.79 -2.88
CA ARG A 107 13.74 2.96 -2.47
C ARG A 107 12.92 1.72 -2.84
N CYS A 108 13.00 1.35 -4.09
CA CYS A 108 12.22 0.16 -4.53
C CYS A 108 12.46 -1.02 -3.59
N MET A 109 13.70 -1.22 -3.20
CA MET A 109 13.99 -2.35 -2.29
C MET A 109 13.59 -2.00 -0.88
N GLU A 110 14.00 -0.86 -0.43
CA GLU A 110 13.65 -0.44 0.94
C GLU A 110 12.14 -0.43 1.11
N VAL A 111 11.45 -0.02 0.08
CA VAL A 111 9.98 0.02 0.15
C VAL A 111 9.38 -1.38 0.08
N LEU A 112 10.10 -2.29 -0.54
CA LEU A 112 9.57 -3.68 -0.66
C LEU A 112 9.64 -4.36 0.69
N SER A 113 10.73 -4.16 1.38
CA SER A 113 10.87 -4.79 2.71
C SER A 113 9.85 -4.23 3.69
N ILE A 114 9.68 -2.94 3.65
CA ILE A 114 8.70 -2.33 4.58
C ILE A 114 7.33 -2.95 4.42
N ALA A 115 6.84 -2.97 3.20
CA ALA A 115 5.51 -3.58 2.97
C ALA A 115 5.41 -4.93 3.62
N MET A 116 6.34 -5.80 3.29
CA MET A 116 6.31 -7.16 3.89
C MET A 116 6.44 -7.08 5.42
N CYS A 117 7.04 -6.02 5.89
CA CYS A 117 7.20 -5.86 7.36
C CYS A 117 5.91 -5.37 8.00
N PHE A 118 5.49 -4.19 7.61
CA PHE A 118 4.25 -3.63 8.18
C PHE A 118 3.16 -4.70 8.25
N LYS A 119 3.14 -5.57 7.28
CA LYS A 119 2.11 -6.64 7.29
C LYS A 119 2.43 -7.69 8.34
N LYS A 120 3.67 -8.11 8.38
CA LYS A 120 4.05 -9.13 9.39
C LYS A 120 3.72 -8.65 10.80
N GLU A 121 4.24 -7.50 11.14
CA GLU A 121 3.96 -6.96 12.49
C GLU A 121 2.46 -6.99 12.79
N ILE A 122 1.71 -6.41 11.91
CA ILE A 122 0.24 -6.38 12.11
C ILE A 122 -0.27 -7.75 12.51
N HIS A 123 0.16 -8.75 11.80
CA HIS A 123 -0.29 -10.13 12.11
C HIS A 123 0.23 -10.57 13.48
N ASN A 124 1.27 -9.93 13.94
CA ASN A 124 1.83 -10.31 15.26
C ASN A 124 1.14 -9.55 16.38
N LEU A 125 0.45 -8.49 16.03
CA LEU A 125 -0.26 -7.72 17.08
C LEU A 125 -1.48 -8.48 17.58
N LYS A 126 -2.42 -8.68 16.69
CA LYS A 126 -3.66 -9.40 17.08
C LYS A 126 -4.67 -9.34 15.95
N TRP A 127 -4.88 -8.15 15.44
CA TRP A 127 -5.86 -7.96 14.34
C TRP A 127 -5.15 -7.49 13.07
N ALA A 128 -5.92 -6.99 12.15
CA ALA A 128 -5.31 -6.50 10.87
C ALA A 128 -6.35 -5.79 9.99
N PRO A 129 -6.04 -4.57 9.54
CA PRO A 129 -6.96 -3.82 8.70
C PRO A 129 -7.22 -4.54 7.38
N ASN A 130 -7.62 -3.79 6.37
CA ASN A 130 -7.89 -4.41 5.04
C ASN A 130 -6.81 -4.07 4.04
N MET A 131 -6.92 -4.65 2.87
CA MET A 131 -5.91 -4.39 1.81
C MET A 131 -5.81 -2.90 1.51
N GLU A 132 -6.92 -2.31 1.17
CA GLU A 132 -6.90 -0.85 0.86
C GLU A 132 -6.07 -0.09 1.88
N VAL A 133 -6.51 -0.10 3.11
CA VAL A 133 -5.75 0.61 4.16
C VAL A 133 -4.27 0.29 4.09
N VAL A 134 -3.95 -0.97 4.24
CA VAL A 134 -2.52 -1.39 4.19
C VAL A 134 -1.80 -0.71 3.03
N VAL A 135 -2.39 -0.77 1.87
CA VAL A 135 -1.75 -0.13 0.69
C VAL A 135 -1.63 1.37 0.89
N GLY A 136 -2.75 2.04 0.98
CA GLY A 136 -2.71 3.51 1.18
C GLY A 136 -1.69 3.86 2.27
N GLU A 137 -1.41 2.91 3.11
CA GLU A 137 -0.43 3.17 4.20
C GLU A 137 0.98 3.28 3.63
N VAL A 138 1.47 2.21 3.07
CA VAL A 138 2.84 2.25 2.50
C VAL A 138 2.98 3.41 1.52
N LEU A 139 1.93 3.66 0.78
CA LEU A 139 1.97 4.77 -0.20
C LEU A 139 2.17 6.10 0.50
N ALA A 140 1.23 6.46 1.34
CA ALA A 140 1.33 7.76 2.06
C ALA A 140 2.68 7.90 2.76
N GLU A 141 3.26 6.79 3.16
CA GLU A 141 4.57 6.86 3.85
C GLU A 141 5.57 7.66 3.02
N VAL A 142 6.20 7.01 2.08
CA VAL A 142 7.20 7.71 1.25
C VAL A 142 6.61 8.98 0.64
N SER A 1 -24.29 -11.08 -9.12
CA SER A 1 -25.33 -10.23 -8.47
C SER A 1 -24.79 -8.82 -8.27
N PRO A 2 -25.67 -7.84 -8.29
CA PRO A 2 -25.28 -6.44 -8.10
C PRO A 2 -24.55 -6.24 -6.78
N GLU A 3 -23.75 -5.21 -6.71
CA GLU A 3 -22.99 -4.93 -5.45
C GLU A 3 -23.25 -3.51 -4.99
N ILE A 4 -22.38 -3.02 -4.13
CA ILE A 4 -22.54 -1.64 -3.62
C ILE A 4 -21.52 -0.71 -4.22
N MET A 5 -20.75 -0.12 -3.37
CA MET A 5 -19.70 0.82 -3.85
C MET A 5 -18.49 0.76 -2.94
N LYS A 6 -17.89 -0.39 -2.88
CA LYS A 6 -16.69 -0.55 -2.02
C LYS A 6 -15.68 -1.48 -2.68
N ASP A 7 -16.08 -2.03 -3.79
CA ASP A 7 -15.16 -2.96 -4.50
C ASP A 7 -13.74 -2.39 -4.55
N LEU A 8 -13.65 -1.10 -4.70
CA LEU A 8 -12.31 -0.47 -4.75
C LEU A 8 -11.40 -1.21 -5.72
N SER A 9 -11.98 -2.05 -6.53
CA SER A 9 -11.17 -2.80 -7.51
C SER A 9 -10.90 -1.97 -8.75
N ILE A 10 -11.94 -1.52 -9.37
CA ILE A 10 -11.77 -0.69 -10.59
C ILE A 10 -10.96 0.56 -10.28
N ASN A 11 -11.25 1.17 -9.16
CA ASN A 11 -10.51 2.40 -8.79
C ASN A 11 -9.00 2.15 -8.82
N PHE A 12 -8.53 1.38 -7.89
CA PHE A 12 -7.09 1.08 -7.84
C PHE A 12 -6.59 0.55 -9.18
N GLY A 13 -7.51 0.07 -9.98
CA GLY A 13 -7.12 -0.46 -11.31
C GLY A 13 -6.77 0.68 -12.26
N LYS A 14 -7.50 1.75 -12.17
CA LYS A 14 -7.24 2.91 -13.06
C LYS A 14 -5.82 3.42 -12.85
N ALA A 15 -5.45 3.58 -11.62
CA ALA A 15 -4.07 4.07 -11.33
C ALA A 15 -3.04 3.01 -11.69
N LEU A 16 -3.31 1.79 -11.28
CA LEU A 16 -2.37 0.69 -11.57
C LEU A 16 -2.33 0.41 -13.07
N ASP A 17 -3.47 0.40 -13.69
CA ASP A 17 -3.51 0.14 -15.16
C ASP A 17 -2.74 1.21 -15.90
N THR A 18 -3.00 2.45 -15.55
CA THR A 18 -2.29 3.55 -16.23
C THR A 18 -0.79 3.39 -16.07
N CYS A 19 -0.37 3.02 -14.89
CA CYS A 19 1.08 2.83 -14.65
C CYS A 19 1.65 1.80 -15.61
N LYS A 20 1.00 0.66 -15.67
CA LYS A 20 1.48 -0.39 -16.59
C LYS A 20 1.65 0.16 -17.99
N LYS A 21 0.64 0.86 -18.45
CA LYS A 21 0.72 1.43 -19.81
C LYS A 21 1.89 2.42 -19.91
N GLU A 22 2.28 2.94 -18.78
CA GLU A 22 3.41 3.91 -18.79
C GLU A 22 4.74 3.19 -18.62
N LEU A 23 4.80 2.32 -17.65
CA LEU A 23 6.07 1.58 -17.42
C LEU A 23 6.09 0.28 -18.20
N ASP A 24 5.05 0.05 -18.97
CA ASP A 24 4.99 -1.21 -19.78
C ASP A 24 5.52 -2.38 -18.96
N LEU A 25 5.38 -2.29 -17.67
CA LEU A 25 5.86 -3.39 -16.80
C LEU A 25 5.06 -4.69 -17.08
N PRO A 26 5.69 -5.83 -16.84
CA PRO A 26 5.04 -7.12 -17.06
C PRO A 26 3.72 -7.24 -16.29
N ASP A 27 2.87 -8.14 -16.74
CA ASP A 27 1.57 -8.32 -16.05
C ASP A 27 1.63 -9.45 -15.03
N SER A 28 2.33 -10.51 -15.39
CA SER A 28 2.43 -11.65 -14.44
C SER A 28 2.69 -11.12 -13.04
N ILE A 29 3.38 -10.01 -12.97
CA ILE A 29 3.68 -9.43 -11.65
C ILE A 29 2.42 -8.84 -11.06
N ASN A 30 1.60 -8.26 -11.90
CA ASN A 30 0.35 -7.65 -11.39
C ASN A 30 -0.48 -8.70 -10.65
N GLU A 31 -0.61 -9.85 -11.24
CA GLU A 31 -1.38 -10.92 -10.59
C GLU A 31 -0.76 -11.30 -9.25
N ASP A 32 0.47 -11.71 -9.30
CA ASP A 32 1.15 -12.10 -8.03
C ASP A 32 1.23 -10.91 -7.10
N PHE A 33 1.48 -9.75 -7.66
CA PHE A 33 1.58 -8.54 -6.81
C PHE A 33 0.22 -8.18 -6.24
N TYR A 34 -0.82 -8.69 -6.85
CA TYR A 34 -2.19 -8.38 -6.34
C TYR A 34 -2.44 -9.14 -5.04
N LYS A 35 -2.17 -10.41 -5.06
CA LYS A 35 -2.38 -11.22 -3.85
C LYS A 35 -1.38 -10.84 -2.75
N PHE A 36 -0.27 -10.29 -3.16
CA PHE A 36 0.75 -9.88 -2.15
C PHE A 36 0.13 -9.08 -1.01
N TRP A 37 -0.67 -8.11 -1.36
CA TRP A 37 -1.32 -7.27 -0.31
C TRP A 37 -2.44 -8.00 0.43
N LYS A 38 -2.83 -9.16 -0.05
CA LYS A 38 -3.92 -9.90 0.63
C LYS A 38 -3.39 -11.10 1.38
N GLU A 39 -2.89 -12.06 0.66
CA GLU A 39 -2.35 -13.27 1.33
C GLU A 39 -1.18 -12.92 2.22
N ASP A 40 -0.02 -13.21 1.75
CA ASP A 40 1.21 -12.92 2.53
C ASP A 40 2.43 -13.29 1.70
N TYR A 41 2.18 -13.49 0.45
CA TYR A 41 3.27 -13.85 -0.46
C TYR A 41 4.38 -12.82 -0.38
N GLU A 42 5.47 -13.09 -1.05
CA GLU A 42 6.61 -12.13 -1.03
C GLU A 42 7.10 -11.85 -2.43
N ILE A 43 7.02 -10.61 -2.81
CA ILE A 43 7.46 -10.24 -4.16
C ILE A 43 8.86 -10.76 -4.43
N THR A 44 9.20 -10.76 -5.68
CA THR A 44 10.54 -11.24 -6.08
C THR A 44 11.04 -10.37 -7.20
N ASN A 45 10.31 -9.32 -7.41
CA ASN A 45 10.67 -8.35 -8.47
C ASN A 45 10.67 -6.95 -7.89
N ARG A 46 11.84 -6.41 -7.71
CA ARG A 46 11.93 -5.05 -7.15
C ARG A 46 10.96 -4.10 -7.85
N LEU A 47 10.38 -4.54 -8.93
CA LEU A 47 9.45 -3.67 -9.65
C LEU A 47 8.36 -3.18 -8.71
N THR A 48 7.70 -4.11 -8.06
CA THR A 48 6.63 -3.69 -7.13
C THR A 48 7.14 -2.56 -6.28
N GLY A 49 8.41 -2.58 -6.04
CA GLY A 49 9.02 -1.51 -5.21
C GLY A 49 8.87 -0.18 -5.92
N CYS A 50 9.23 -0.17 -7.17
CA CYS A 50 9.10 1.08 -7.93
C CYS A 50 7.63 1.47 -8.01
N ALA A 51 6.82 0.52 -8.44
CA ALA A 51 5.36 0.80 -8.55
C ALA A 51 4.89 1.58 -7.32
N ILE A 52 5.02 0.98 -6.16
CA ILE A 52 4.58 1.69 -4.94
C ILE A 52 5.16 3.09 -4.96
N LYS A 53 6.36 3.21 -5.45
CA LYS A 53 6.99 4.55 -5.50
C LYS A 53 6.17 5.42 -6.42
N CYS A 54 5.98 4.96 -7.63
CA CYS A 54 5.21 5.74 -8.60
C CYS A 54 3.79 5.89 -8.07
N LEU A 55 3.32 4.86 -7.41
CA LEU A 55 1.96 4.91 -6.85
C LEU A 55 1.84 6.11 -5.93
N SER A 56 2.95 6.50 -5.37
CA SER A 56 2.93 7.66 -4.46
C SER A 56 2.83 8.93 -5.27
N GLU A 57 3.67 9.04 -6.26
CA GLU A 57 3.61 10.27 -7.10
C GLU A 57 2.26 10.35 -7.79
N LYS A 58 1.53 9.26 -7.73
CA LYS A 58 0.20 9.22 -8.35
C LYS A 58 -0.89 9.67 -7.38
N LEU A 59 -0.51 9.83 -6.13
CA LEU A 59 -1.49 10.27 -5.08
C LEU A 59 -2.60 11.14 -5.66
N GLU A 60 -2.26 11.97 -6.62
CA GLU A 60 -3.30 12.85 -7.21
C GLU A 60 -4.44 12.02 -7.82
N MET A 61 -4.10 10.87 -8.33
CA MET A 61 -5.14 10.00 -8.94
C MET A 61 -5.72 9.05 -7.90
N VAL A 62 -4.88 8.57 -7.01
CA VAL A 62 -5.35 7.63 -5.97
C VAL A 62 -6.58 8.20 -5.25
N ASP A 63 -6.32 8.91 -4.19
CA ASP A 63 -7.44 9.51 -3.41
C ASP A 63 -7.06 10.90 -2.94
N ALA A 64 -7.14 11.84 -3.85
CA ALA A 64 -6.78 13.24 -3.48
C ALA A 64 -7.98 14.00 -2.94
N ASP A 65 -8.92 13.29 -2.37
CA ASP A 65 -10.10 13.99 -1.82
C ASP A 65 -9.70 14.87 -0.64
N GLY A 66 -8.42 15.03 -0.46
CA GLY A 66 -7.94 15.88 0.66
C GLY A 66 -7.72 15.03 1.91
N LYS A 67 -7.94 13.73 1.77
CA LYS A 67 -7.75 12.82 2.93
C LYS A 67 -6.44 12.03 2.81
N LEU A 68 -6.30 11.31 1.73
CA LEU A 68 -5.06 10.53 1.54
C LEU A 68 -3.97 11.35 0.86
N HIS A 69 -2.99 11.74 1.64
CA HIS A 69 -1.89 12.55 1.07
C HIS A 69 -0.59 12.27 1.82
N HIS A 70 0.51 12.50 1.18
CA HIS A 70 1.80 12.23 1.86
C HIS A 70 1.86 12.94 3.21
N GLY A 71 1.75 12.16 4.27
CA GLY A 71 1.80 12.77 5.64
C GLY A 71 0.43 12.70 6.31
N ASN A 72 -0.52 12.11 5.64
CA ASN A 72 -1.88 12.00 6.24
C ASN A 72 -2.62 10.77 5.75
N ALA A 73 -2.61 9.75 6.56
CA ALA A 73 -3.30 8.48 6.19
C ALA A 73 -4.42 8.24 7.18
N ARG A 74 -4.17 8.63 8.40
CA ARG A 74 -5.17 8.47 9.47
C ARG A 74 -6.61 8.66 8.95
N GLU A 75 -6.93 9.87 8.61
CA GLU A 75 -8.30 10.14 8.10
C GLU A 75 -8.69 9.16 6.99
N PHE A 76 -7.73 8.71 6.25
CA PHE A 76 -8.03 7.75 5.15
C PHE A 76 -7.98 6.32 5.65
N ALA A 77 -7.20 6.09 6.67
CA ALA A 77 -7.10 4.73 7.20
C ALA A 77 -8.30 4.40 8.08
N MET A 78 -8.73 5.36 8.85
CA MET A 78 -9.89 5.12 9.73
C MET A 78 -11.18 5.09 8.93
N LYS A 79 -11.22 5.87 7.89
CA LYS A 79 -12.43 5.91 7.03
C LYS A 79 -12.33 4.92 5.88
N HIS A 80 -12.08 3.68 6.19
CA HIS A 80 -11.97 2.68 5.10
C HIS A 80 -11.62 1.29 5.63
N GLY A 81 -11.18 1.22 6.87
CA GLY A 81 -10.82 -0.12 7.43
C GLY A 81 -10.24 -0.01 8.85
N ALA A 82 -9.25 0.81 9.02
CA ALA A 82 -8.64 0.96 10.36
C ALA A 82 -9.46 1.93 11.21
N ASP A 83 -8.82 2.54 12.18
CA ASP A 83 -9.56 3.49 13.04
C ASP A 83 -8.59 4.41 13.78
N ASP A 84 -9.13 5.27 14.60
CA ASP A 84 -8.26 6.20 15.36
C ASP A 84 -7.08 5.45 15.98
N ALA A 85 -7.32 4.80 17.09
CA ALA A 85 -6.22 4.04 17.73
C ALA A 85 -5.53 3.16 16.71
N MET A 86 -6.33 2.42 16.00
CA MET A 86 -5.78 1.52 14.96
C MET A 86 -4.72 2.23 14.14
N ALA A 87 -5.14 3.22 13.37
CA ALA A 87 -4.17 3.97 12.53
C ALA A 87 -2.91 4.27 13.33
N LYS A 88 -3.08 4.86 14.48
CA LYS A 88 -1.89 5.18 15.30
C LYS A 88 -0.97 3.97 15.37
N GLN A 89 -1.54 2.84 15.65
CA GLN A 89 -0.71 1.61 15.74
C GLN A 89 -0.10 1.31 14.38
N LEU A 90 -0.89 1.47 13.35
CA LEU A 90 -0.38 1.20 11.99
C LEU A 90 0.84 2.07 11.70
N VAL A 91 0.75 3.29 12.11
CA VAL A 91 1.87 4.22 11.87
C VAL A 91 3.09 3.80 12.69
N ASP A 92 2.87 3.47 13.92
CA ASP A 92 4.00 3.04 14.78
C ASP A 92 4.71 1.84 14.16
N LEU A 93 3.97 1.10 13.37
CA LEU A 93 4.57 -0.09 12.73
C LEU A 93 5.19 0.28 11.39
N ILE A 94 4.39 0.81 10.51
CA ILE A 94 4.94 1.19 9.18
C ILE A 94 6.26 1.92 9.37
N HIS A 95 6.37 2.62 10.46
CA HIS A 95 7.60 3.37 10.72
C HIS A 95 8.66 2.42 11.25
N GLY A 96 8.32 1.66 12.26
CA GLY A 96 9.32 0.71 12.80
C GLY A 96 9.86 -0.11 11.64
N CYS A 97 8.99 -0.40 10.71
CA CYS A 97 9.41 -1.20 9.54
C CYS A 97 10.54 -0.48 8.83
N GLU A 98 10.34 0.79 8.56
CA GLU A 98 11.40 1.54 7.86
C GLU A 98 12.70 1.43 8.63
N LYS A 99 12.59 1.25 9.90
CA LYS A 99 13.80 1.13 10.72
C LYS A 99 14.25 -0.33 10.75
N SER A 100 13.42 -1.19 10.20
CA SER A 100 13.77 -2.63 10.17
C SER A 100 14.54 -3.03 8.91
N ILE A 101 13.99 -2.72 7.76
CA ILE A 101 14.70 -3.10 6.51
C ILE A 101 16.20 -2.72 6.59
N PRO A 102 17.09 -3.66 6.22
CA PRO A 102 18.52 -3.40 6.27
C PRO A 102 18.91 -2.26 5.32
N PRO A 103 20.14 -1.81 5.44
CA PRO A 103 20.64 -0.72 4.62
C PRO A 103 20.62 -1.12 3.14
N ASN A 104 20.04 -0.26 2.32
CA ASN A 104 19.99 -0.57 0.87
C ASN A 104 20.12 0.69 0.05
N ASP A 105 19.95 1.78 0.69
CA ASP A 105 20.07 3.09 -0.02
C ASP A 105 18.97 3.26 -1.07
N ASP A 106 18.66 2.19 -1.77
CA ASP A 106 17.61 2.28 -2.80
C ASP A 106 16.22 2.31 -2.19
N ARG A 107 15.37 3.15 -2.71
CA ARG A 107 14.00 3.24 -2.16
C ARG A 107 13.20 2.01 -2.57
N CYS A 108 13.14 1.75 -3.84
CA CYS A 108 12.38 0.57 -4.32
C CYS A 108 12.67 -0.64 -3.43
N MET A 109 13.89 -0.74 -2.97
CA MET A 109 14.25 -1.88 -2.11
C MET A 109 13.68 -1.70 -0.72
N GLU A 110 13.86 -0.53 -0.19
CA GLU A 110 13.33 -0.26 1.16
C GLU A 110 11.82 -0.44 1.18
N VAL A 111 11.18 0.12 0.19
CA VAL A 111 9.71 0.00 0.11
C VAL A 111 9.27 -1.46 0.01
N LEU A 112 10.08 -2.26 -0.62
CA LEU A 112 9.73 -3.68 -0.77
C LEU A 112 9.66 -4.35 0.60
N SER A 113 10.63 -4.03 1.42
CA SER A 113 10.66 -4.62 2.76
C SER A 113 9.53 -4.07 3.66
N ILE A 114 9.43 -2.78 3.72
CA ILE A 114 8.37 -2.18 4.57
C ILE A 114 7.03 -2.89 4.36
N ALA A 115 6.57 -2.92 3.15
CA ALA A 115 5.29 -3.59 2.87
C ALA A 115 5.28 -5.00 3.43
N MET A 116 6.33 -5.72 3.13
CA MET A 116 6.42 -7.12 3.63
C MET A 116 6.36 -7.17 5.16
N CYS A 117 7.09 -6.29 5.80
CA CYS A 117 7.09 -6.29 7.28
C CYS A 117 5.77 -5.76 7.85
N PHE A 118 5.43 -4.53 7.51
CA PHE A 118 4.16 -3.95 8.04
C PHE A 118 3.03 -4.98 8.00
N LYS A 119 3.03 -5.82 6.99
CA LYS A 119 1.96 -6.84 6.90
C LYS A 119 2.15 -7.92 7.96
N LYS A 120 3.37 -8.36 8.10
CA LYS A 120 3.64 -9.42 9.11
C LYS A 120 3.16 -8.98 10.49
N GLU A 121 3.65 -7.85 10.94
CA GLU A 121 3.23 -7.36 12.27
C GLU A 121 1.70 -7.28 12.37
N ILE A 122 1.09 -6.79 11.33
CA ILE A 122 -0.39 -6.67 11.34
C ILE A 122 -1.03 -7.99 11.78
N HIS A 123 -0.58 -9.07 11.18
CA HIS A 123 -1.15 -10.39 11.53
C HIS A 123 -0.84 -10.75 12.99
N ASN A 124 0.26 -10.26 13.49
CA ASN A 124 0.63 -10.57 14.89
C ASN A 124 -0.27 -9.81 15.87
N LEU A 125 -0.88 -8.75 15.41
CA LEU A 125 -1.76 -7.97 16.32
C LEU A 125 -3.13 -8.65 16.49
N LYS A 126 -3.37 -9.65 15.67
CA LYS A 126 -4.67 -10.42 15.73
C LYS A 126 -5.78 -9.83 14.84
N TRP A 127 -5.48 -8.80 14.08
CA TRP A 127 -6.53 -8.21 13.20
C TRP A 127 -5.95 -7.75 11.87
N ALA A 128 -6.79 -7.13 11.07
CA ALA A 128 -6.32 -6.64 9.74
C ALA A 128 -7.00 -5.30 9.37
N PRO A 129 -6.22 -4.22 9.28
CA PRO A 129 -6.77 -2.91 8.93
C PRO A 129 -7.25 -2.86 7.48
N ASN A 130 -7.61 -3.99 6.97
CA ASN A 130 -8.10 -4.05 5.56
C ASN A 130 -6.99 -3.68 4.58
N MET A 131 -7.14 -4.12 3.36
CA MET A 131 -6.11 -3.83 2.32
C MET A 131 -6.13 -2.35 1.92
N GLU A 132 -7.30 -1.85 1.62
CA GLU A 132 -7.41 -0.43 1.21
C GLU A 132 -6.52 0.46 2.06
N VAL A 133 -6.79 0.45 3.34
CA VAL A 133 -5.97 1.28 4.26
C VAL A 133 -4.49 0.95 4.10
N VAL A 134 -4.15 -0.27 4.40
CA VAL A 134 -2.73 -0.71 4.28
C VAL A 134 -2.04 -0.08 3.08
N VAL A 135 -2.68 -0.14 1.95
CA VAL A 135 -2.07 0.46 0.73
C VAL A 135 -1.82 1.95 0.92
N GLY A 136 -2.88 2.71 0.99
CA GLY A 136 -2.72 4.18 1.16
C GLY A 136 -1.81 4.46 2.37
N GLU A 137 -1.55 3.44 3.14
CA GLU A 137 -0.68 3.62 4.32
C GLU A 137 0.76 3.79 3.91
N VAL A 138 1.31 2.80 3.25
CA VAL A 138 2.71 2.91 2.81
C VAL A 138 2.89 4.19 2.01
N LEU A 139 1.91 4.48 1.19
CA LEU A 139 2.00 5.71 0.37
C LEU A 139 2.18 6.94 1.27
N ALA A 140 1.29 7.09 2.20
CA ALA A 140 1.38 8.25 3.11
C ALA A 140 2.77 8.34 3.71
N GLU A 141 3.31 7.21 4.07
CA GLU A 141 4.66 7.21 4.68
C GLU A 141 5.64 7.97 3.79
N VAL A 142 5.78 7.53 2.57
CA VAL A 142 6.71 8.22 1.65
C VAL A 142 6.25 9.64 1.38
N SER A 1 -15.48 -16.53 -4.86
CA SER A 1 -15.52 -15.19 -4.22
C SER A 1 -15.20 -14.10 -5.23
N PRO A 2 -16.09 -13.94 -6.17
CA PRO A 2 -15.93 -12.94 -7.22
C PRO A 2 -15.94 -11.53 -6.65
N GLU A 3 -15.47 -11.40 -5.44
CA GLU A 3 -15.44 -10.07 -4.79
C GLU A 3 -16.73 -9.33 -5.03
N ILE A 4 -16.70 -8.02 -4.93
CA ILE A 4 -17.92 -7.22 -5.15
C ILE A 4 -17.94 -6.66 -6.54
N MET A 5 -16.83 -6.18 -6.94
CA MET A 5 -16.70 -5.60 -8.29
C MET A 5 -17.34 -4.23 -8.34
N LYS A 6 -16.53 -3.25 -8.61
CA LYS A 6 -17.05 -1.84 -8.70
C LYS A 6 -17.15 -1.20 -7.30
N ASP A 7 -16.07 -1.26 -6.58
CA ASP A 7 -16.07 -0.67 -5.22
C ASP A 7 -14.68 -0.18 -4.84
N LEU A 8 -13.71 -1.02 -5.08
CA LEU A 8 -12.31 -0.63 -4.75
C LEU A 8 -11.33 -1.27 -5.74
N SER A 9 -11.84 -2.16 -6.55
CA SER A 9 -10.96 -2.83 -7.53
C SER A 9 -10.71 -1.92 -8.73
N ILE A 10 -11.77 -1.38 -9.27
CA ILE A 10 -11.60 -0.49 -10.45
C ILE A 10 -10.79 0.74 -10.07
N ASN A 11 -11.10 1.32 -8.94
CA ASN A 11 -10.35 2.52 -8.51
C ASN A 11 -8.86 2.27 -8.62
N PHE A 12 -8.36 1.44 -7.75
CA PHE A 12 -6.91 1.15 -7.77
C PHE A 12 -6.51 0.62 -9.13
N GLY A 13 -7.41 -0.07 -9.78
CA GLY A 13 -7.09 -0.62 -11.14
C GLY A 13 -6.68 0.50 -12.08
N LYS A 14 -7.41 1.59 -12.04
CA LYS A 14 -7.07 2.72 -12.92
C LYS A 14 -5.63 3.16 -12.70
N ALA A 15 -5.31 3.47 -11.47
CA ALA A 15 -3.94 3.92 -11.15
C ALA A 15 -2.92 2.90 -11.66
N LEU A 16 -3.11 1.65 -11.29
CA LEU A 16 -2.16 0.60 -11.74
C LEU A 16 -2.01 0.64 -13.27
N ASP A 17 -3.11 0.59 -13.96
CA ASP A 17 -3.05 0.62 -15.44
C ASP A 17 -2.19 1.79 -15.92
N THR A 18 -2.52 2.97 -15.48
CA THR A 18 -1.72 4.14 -15.92
C THR A 18 -0.24 3.84 -15.79
N CYS A 19 0.15 3.41 -14.61
CA CYS A 19 1.58 3.10 -14.40
C CYS A 19 2.03 2.06 -15.41
N LYS A 20 1.34 0.94 -15.42
CA LYS A 20 1.70 -0.14 -16.37
C LYS A 20 2.02 0.44 -17.74
N LYS A 21 1.32 1.48 -18.10
CA LYS A 21 1.56 2.12 -19.42
C LYS A 21 2.96 2.70 -19.46
N GLU A 22 3.33 3.39 -18.42
CA GLU A 22 4.68 4.00 -18.37
C GLU A 22 5.70 3.04 -17.74
N LEU A 23 5.20 2.09 -17.00
CA LEU A 23 6.11 1.12 -16.34
C LEU A 23 6.19 -0.19 -17.11
N ASP A 24 5.20 -0.44 -17.94
CA ASP A 24 5.20 -1.69 -18.73
C ASP A 24 5.35 -2.90 -17.80
N LEU A 25 4.63 -2.85 -16.70
CA LEU A 25 4.72 -3.98 -15.73
C LEU A 25 4.36 -5.31 -16.40
N PRO A 26 5.27 -6.27 -16.39
CA PRO A 26 5.02 -7.56 -17.00
C PRO A 26 3.83 -8.25 -16.31
N ASP A 27 2.83 -8.57 -17.06
CA ASP A 27 1.63 -9.24 -16.47
C ASP A 27 2.03 -10.26 -15.41
N SER A 28 2.85 -11.20 -15.79
CA SER A 28 3.29 -12.23 -14.82
C SER A 28 3.49 -11.62 -13.45
N ILE A 29 4.17 -10.50 -13.42
CA ILE A 29 4.41 -9.84 -12.13
C ILE A 29 3.15 -9.14 -11.65
N ASN A 30 2.34 -8.66 -12.58
CA ASN A 30 1.09 -7.95 -12.14
C ASN A 30 0.15 -8.94 -11.47
N GLU A 31 0.20 -10.17 -11.90
CA GLU A 31 -0.68 -11.19 -11.30
C GLU A 31 -0.22 -11.51 -9.88
N ASP A 32 1.04 -11.81 -9.74
CA ASP A 32 1.56 -12.13 -8.39
C ASP A 32 1.54 -10.88 -7.51
N PHE A 33 1.82 -9.75 -8.12
CA PHE A 33 1.83 -8.48 -7.35
C PHE A 33 0.44 -8.17 -6.83
N TYR A 34 -0.56 -8.69 -7.50
CA TYR A 34 -1.94 -8.43 -7.05
C TYR A 34 -2.26 -9.27 -5.81
N LYS A 35 -1.93 -10.53 -5.88
CA LYS A 35 -2.20 -11.43 -4.73
C LYS A 35 -1.45 -10.96 -3.48
N PHE A 36 -0.37 -10.26 -3.68
CA PHE A 36 0.42 -9.77 -2.52
C PHE A 36 -0.45 -8.99 -1.54
N TRP A 37 -1.16 -8.01 -2.05
CA TRP A 37 -2.04 -7.21 -1.16
C TRP A 37 -3.30 -7.97 -0.74
N LYS A 38 -3.33 -9.25 -0.99
CA LYS A 38 -4.53 -10.05 -0.61
C LYS A 38 -4.16 -11.17 0.35
N GLU A 39 -3.23 -11.99 -0.06
CA GLU A 39 -2.81 -13.10 0.81
C GLU A 39 -1.71 -12.66 1.77
N ASP A 40 -0.51 -13.08 1.50
CA ASP A 40 0.63 -12.71 2.37
C ASP A 40 1.94 -13.03 1.67
N TYR A 41 1.91 -12.96 0.37
CA TYR A 41 3.15 -13.25 -0.41
C TYR A 41 4.14 -12.11 -0.32
N GLU A 42 5.40 -12.45 -0.16
CA GLU A 42 6.43 -11.38 -0.06
C GLU A 42 7.13 -11.18 -1.40
N ILE A 43 7.07 -9.97 -1.88
CA ILE A 43 7.72 -9.66 -3.17
C ILE A 43 9.20 -9.97 -3.13
N THR A 44 9.79 -9.95 -4.28
CA THR A 44 11.24 -10.24 -4.37
C THR A 44 11.80 -9.65 -5.64
N ASN A 45 11.08 -8.71 -6.20
CA ASN A 45 11.52 -8.06 -7.45
C ASN A 45 11.89 -6.61 -7.20
N ARG A 46 12.48 -5.99 -8.19
CA ARG A 46 12.88 -4.57 -8.03
C ARG A 46 11.76 -3.65 -8.49
N LEU A 47 11.36 -3.80 -9.72
CA LEU A 47 10.28 -2.92 -10.25
C LEU A 47 9.07 -2.94 -9.34
N THR A 48 8.65 -4.11 -8.95
CA THR A 48 7.46 -4.20 -8.07
C THR A 48 7.53 -3.12 -6.99
N GLY A 49 8.73 -2.79 -6.58
CA GLY A 49 8.87 -1.75 -5.54
C GLY A 49 8.72 -0.40 -6.19
N CYS A 50 9.43 -0.21 -7.27
CA CYS A 50 9.32 1.08 -7.96
C CYS A 50 7.86 1.38 -8.16
N ALA A 51 7.10 0.34 -8.38
CA ALA A 51 5.66 0.52 -8.59
C ALA A 51 5.04 1.15 -7.34
N ILE A 52 5.34 0.58 -6.20
CA ILE A 52 4.78 1.14 -4.94
C ILE A 52 4.88 2.66 -4.97
N LYS A 53 6.03 3.14 -5.38
CA LYS A 53 6.23 4.62 -5.44
C LYS A 53 5.23 5.26 -6.40
N CYS A 54 5.19 4.77 -7.60
CA CYS A 54 4.24 5.35 -8.58
C CYS A 54 2.87 5.53 -7.94
N LEU A 55 2.30 4.43 -7.48
CA LEU A 55 0.97 4.52 -6.85
C LEU A 55 0.91 5.72 -5.92
N SER A 56 1.89 5.84 -5.07
CA SER A 56 1.90 6.98 -4.13
C SER A 56 1.58 8.28 -4.86
N GLU A 57 2.37 8.62 -5.84
CA GLU A 57 2.10 9.85 -6.60
C GLU A 57 0.69 9.84 -7.15
N LYS A 58 0.15 8.66 -7.26
CA LYS A 58 -1.24 8.53 -7.77
C LYS A 58 -2.25 8.59 -6.64
N LEU A 59 -1.75 8.59 -5.43
CA LEU A 59 -2.67 8.64 -4.26
C LEU A 59 -3.81 9.62 -4.53
N GLU A 60 -3.58 10.52 -5.44
CA GLU A 60 -4.64 11.51 -5.76
C GLU A 60 -5.82 10.81 -6.43
N MET A 61 -5.52 9.83 -7.24
CA MET A 61 -6.60 9.09 -7.94
C MET A 61 -7.18 8.01 -7.03
N VAL A 62 -6.43 7.64 -6.03
CA VAL A 62 -6.91 6.59 -5.10
C VAL A 62 -8.20 7.02 -4.40
N ASP A 63 -8.23 8.25 -3.92
CA ASP A 63 -9.44 8.75 -3.22
C ASP A 63 -9.83 10.13 -3.73
N ALA A 64 -11.11 10.34 -3.90
CA ALA A 64 -11.59 11.65 -4.40
C ALA A 64 -11.18 12.76 -3.45
N ASP A 65 -11.92 12.90 -2.38
CA ASP A 65 -11.59 13.96 -1.40
C ASP A 65 -10.10 13.99 -1.14
N GLY A 66 -9.54 12.82 -1.00
CA GLY A 66 -8.09 12.70 -0.74
C GLY A 66 -7.89 11.87 0.51
N LYS A 67 -7.89 12.54 1.64
CA LYS A 67 -7.70 11.84 2.93
C LYS A 67 -6.34 11.14 3.00
N LEU A 68 -5.96 10.51 1.92
CA LEU A 68 -4.65 9.80 1.90
C LEU A 68 -3.57 10.70 1.34
N HIS A 69 -2.54 10.93 2.11
CA HIS A 69 -1.43 11.78 1.63
C HIS A 69 -0.11 11.35 2.24
N HIS A 70 0.96 11.72 1.61
CA HIS A 70 2.29 11.34 2.14
C HIS A 70 2.48 11.87 3.55
N GLY A 71 2.40 10.99 4.51
CA GLY A 71 2.56 11.42 5.93
C GLY A 71 1.21 11.67 6.58
N ASN A 72 0.16 11.37 5.86
CA ASN A 72 -1.19 11.60 6.43
C ASN A 72 -2.20 10.59 5.91
N ALA A 73 -2.43 9.58 6.70
CA ALA A 73 -3.39 8.53 6.32
C ALA A 73 -4.38 8.38 7.44
N ARG A 74 -4.00 8.95 8.55
CA ARG A 74 -4.83 8.91 9.75
C ARG A 74 -6.32 9.02 9.40
N GLU A 75 -6.68 10.09 8.75
CA GLU A 75 -8.10 10.28 8.38
C GLU A 75 -8.56 9.23 7.35
N PHE A 76 -7.65 8.82 6.50
CA PHE A 76 -8.01 7.81 5.48
C PHE A 76 -8.28 6.46 6.14
N ALA A 77 -7.61 6.22 7.24
CA ALA A 77 -7.81 4.93 7.95
C ALA A 77 -8.92 5.04 8.99
N MET A 78 -9.30 6.25 9.31
CA MET A 78 -10.37 6.44 10.32
C MET A 78 -11.73 6.26 9.69
N LYS A 79 -11.77 6.19 8.39
CA LYS A 79 -13.06 6.03 7.68
C LYS A 79 -13.26 4.58 7.26
N HIS A 80 -12.18 3.88 7.06
CA HIS A 80 -12.29 2.46 6.65
C HIS A 80 -12.24 1.52 7.85
N GLY A 81 -11.27 1.72 8.69
CA GLY A 81 -11.15 0.84 9.88
C GLY A 81 -9.77 0.99 10.54
N ALA A 82 -9.57 2.10 11.20
CA ALA A 82 -8.26 2.34 11.86
C ALA A 82 -8.27 3.70 12.55
N ASP A 83 -8.99 3.80 13.64
CA ASP A 83 -9.06 5.09 14.37
C ASP A 83 -7.69 5.55 14.83
N ASP A 84 -7.66 6.63 15.56
CA ASP A 84 -6.36 7.16 16.05
C ASP A 84 -5.49 6.03 16.58
N ALA A 85 -5.97 5.37 17.60
CA ALA A 85 -5.17 4.26 18.17
C ALA A 85 -4.59 3.42 17.06
N MET A 86 -5.45 2.87 16.25
CA MET A 86 -4.98 2.03 15.13
C MET A 86 -4.04 2.84 14.24
N ALA A 87 -4.58 3.85 13.60
CA ALA A 87 -3.74 4.70 12.72
C ALA A 87 -2.38 4.96 13.35
N LYS A 88 -2.38 5.34 14.59
CA LYS A 88 -1.09 5.61 15.26
C LYS A 88 -0.22 4.38 15.22
N GLN A 89 -0.62 3.37 15.93
CA GLN A 89 0.19 2.13 15.95
C GLN A 89 0.45 1.65 14.52
N LEU A 90 -0.50 1.89 13.66
CA LEU A 90 -0.33 1.48 12.26
C LEU A 90 0.85 2.22 11.65
N VAL A 91 0.89 3.50 11.88
CA VAL A 91 1.99 4.32 11.34
C VAL A 91 3.27 3.99 12.10
N ASP A 92 3.13 3.86 13.40
CA ASP A 92 4.31 3.54 14.22
C ASP A 92 4.86 2.18 13.82
N LEU A 93 4.06 1.43 13.13
CA LEU A 93 4.51 0.09 12.69
C LEU A 93 5.21 0.21 11.36
N ILE A 94 4.54 0.80 10.40
CA ILE A 94 5.16 0.94 9.07
C ILE A 94 6.53 1.60 9.24
N HIS A 95 6.59 2.52 10.15
CA HIS A 95 7.87 3.22 10.39
C HIS A 95 8.77 2.34 11.23
N GLY A 96 8.17 1.61 12.15
CA GLY A 96 8.99 0.72 13.00
C GLY A 96 9.89 -0.11 12.10
N CYS A 97 9.30 -0.68 11.08
CA CYS A 97 10.09 -1.50 10.15
C CYS A 97 11.06 -0.61 9.41
N GLU A 98 10.65 0.61 9.19
CA GLU A 98 11.54 1.54 8.46
C GLU A 98 12.77 1.84 9.29
N LYS A 99 12.61 1.82 10.57
CA LYS A 99 13.75 2.10 11.46
C LYS A 99 14.47 0.80 11.78
N SER A 100 13.85 -0.30 11.43
CA SER A 100 14.48 -1.62 11.71
C SER A 100 15.32 -2.12 10.54
N ILE A 101 14.77 -2.02 9.36
CA ILE A 101 15.50 -2.49 8.15
C ILE A 101 17.01 -2.17 8.25
N PRO A 102 17.86 -3.15 7.91
CA PRO A 102 19.30 -2.94 7.97
C PRO A 102 19.70 -1.79 7.05
N PRO A 103 20.94 -1.41 7.12
CA PRO A 103 21.44 -0.32 6.31
C PRO A 103 21.11 -0.54 4.83
N ASN A 104 20.04 0.09 4.39
CA ASN A 104 19.63 -0.06 2.98
C ASN A 104 18.70 1.09 2.59
N ASP A 105 19.29 2.15 2.12
CA ASP A 105 18.46 3.32 1.71
C ASP A 105 18.02 3.23 0.25
N ASP A 106 17.42 2.13 -0.13
CA ASP A 106 16.98 1.99 -1.54
C ASP A 106 15.55 2.47 -1.68
N ARG A 107 15.11 2.69 -2.88
CA ARG A 107 13.72 3.15 -3.07
C ARG A 107 12.76 1.98 -3.21
N CYS A 108 12.99 1.18 -4.20
CA CYS A 108 12.11 0.01 -4.43
C CYS A 108 12.41 -1.15 -3.45
N MET A 109 13.63 -1.23 -2.98
CA MET A 109 13.96 -2.33 -2.03
C MET A 109 13.54 -1.98 -0.62
N GLU A 110 13.82 -0.80 -0.21
CA GLU A 110 13.44 -0.38 1.15
C GLU A 110 11.92 -0.31 1.29
N VAL A 111 11.27 0.11 0.24
CA VAL A 111 9.79 0.21 0.30
C VAL A 111 9.13 -1.16 0.18
N LEU A 112 9.78 -2.08 -0.47
CA LEU A 112 9.19 -3.43 -0.61
C LEU A 112 9.28 -4.19 0.70
N SER A 113 10.33 -3.96 1.42
CA SER A 113 10.50 -4.66 2.71
C SER A 113 9.54 -4.13 3.77
N ILE A 114 9.39 -2.84 3.82
CA ILE A 114 8.47 -2.26 4.81
C ILE A 114 7.02 -2.66 4.53
N ALA A 115 6.67 -2.74 3.28
CA ALA A 115 5.29 -3.13 2.93
C ALA A 115 5.01 -4.57 3.36
N MET A 116 5.97 -5.42 3.14
CA MET A 116 5.77 -6.84 3.53
C MET A 116 5.75 -6.99 5.06
N CYS A 117 6.49 -6.16 5.73
CA CYS A 117 6.52 -6.24 7.21
C CYS A 117 5.24 -5.67 7.84
N PHE A 118 4.83 -4.51 7.37
CA PHE A 118 3.59 -3.91 7.93
C PHE A 118 2.42 -4.86 7.79
N LYS A 119 2.29 -5.46 6.64
CA LYS A 119 1.16 -6.40 6.44
C LYS A 119 1.30 -7.63 7.35
N LYS A 120 2.51 -8.05 7.59
CA LYS A 120 2.69 -9.24 8.47
C LYS A 120 2.30 -8.89 9.90
N GLU A 121 3.03 -8.00 10.50
CA GLU A 121 2.71 -7.61 11.89
C GLU A 121 1.25 -7.18 11.99
N ILE A 122 0.73 -6.67 10.92
CA ILE A 122 -0.68 -6.23 10.91
C ILE A 122 -1.60 -7.40 11.23
N HIS A 123 -1.40 -8.48 10.53
CA HIS A 123 -2.26 -9.66 10.78
C HIS A 123 -2.05 -10.18 12.20
N ASN A 124 -0.90 -9.90 12.74
CA ASN A 124 -0.62 -10.37 14.12
C ASN A 124 -1.30 -9.46 15.15
N LEU A 125 -1.65 -8.28 14.73
CA LEU A 125 -2.32 -7.34 15.68
C LEU A 125 -3.71 -7.83 16.06
N LYS A 126 -3.90 -9.12 15.97
CA LYS A 126 -5.22 -9.76 16.31
C LYS A 126 -6.44 -9.17 15.56
N TRP A 127 -6.41 -7.90 15.16
CA TRP A 127 -7.60 -7.33 14.42
C TRP A 127 -7.30 -7.11 12.94
N ALA A 128 -6.30 -6.32 12.65
CA ALA A 128 -5.96 -6.07 11.21
C ALA A 128 -7.01 -5.16 10.53
N PRO A 129 -6.56 -4.03 9.97
CA PRO A 129 -7.47 -3.09 9.29
C PRO A 129 -7.98 -3.65 7.96
N ASN A 130 -8.34 -2.74 7.08
CA ASN A 130 -8.85 -3.17 5.75
C ASN A 130 -7.77 -3.04 4.68
N MET A 131 -8.08 -3.50 3.50
CA MET A 131 -7.10 -3.42 2.39
C MET A 131 -6.77 -1.97 2.04
N GLU A 132 -7.77 -1.22 1.69
CA GLU A 132 -7.53 0.20 1.32
C GLU A 132 -6.60 0.86 2.33
N VAL A 133 -6.90 0.71 3.58
CA VAL A 133 -6.03 1.32 4.62
C VAL A 133 -4.59 0.85 4.47
N VAL A 134 -4.40 -0.43 4.66
CA VAL A 134 -3.03 -0.99 4.54
C VAL A 134 -2.32 -0.45 3.30
N VAL A 135 -2.95 -0.60 2.17
CA VAL A 135 -2.33 -0.09 0.92
C VAL A 135 -1.94 1.37 1.06
N GLY A 136 -2.92 2.22 1.12
CA GLY A 136 -2.64 3.68 1.26
C GLY A 136 -1.51 3.92 2.26
N GLU A 137 -1.47 3.13 3.29
CA GLU A 137 -0.39 3.32 4.30
C GLU A 137 0.99 3.25 3.65
N VAL A 138 1.33 2.11 3.11
CA VAL A 138 2.65 1.97 2.47
C VAL A 138 2.92 3.16 1.56
N LEU A 139 1.90 3.63 0.92
CA LEU A 139 2.07 4.79 0.01
C LEU A 139 2.24 6.07 0.82
N ALA A 140 1.44 6.21 1.85
CA ALA A 140 1.55 7.44 2.68
C ALA A 140 2.93 7.53 3.31
N GLU A 141 3.67 6.46 3.24
CA GLU A 141 5.03 6.46 3.83
C GLU A 141 5.94 7.43 3.08
N VAL A 142 6.39 7.03 1.93
CA VAL A 142 7.28 7.92 1.15
C VAL A 142 6.53 9.13 0.63
N SER A 1 -24.10 -3.84 -16.51
CA SER A 1 -23.87 -4.20 -15.09
C SER A 1 -22.47 -4.79 -14.92
N PRO A 2 -21.48 -3.97 -15.17
CA PRO A 2 -20.09 -4.38 -15.04
C PRO A 2 -19.75 -4.75 -13.61
N GLU A 3 -18.51 -4.58 -13.24
CA GLU A 3 -18.10 -4.91 -11.85
C GLU A 3 -18.95 -4.14 -10.84
N ILE A 4 -18.65 -4.32 -9.59
CA ILE A 4 -19.42 -3.61 -8.54
C ILE A 4 -19.45 -2.13 -8.81
N MET A 5 -18.36 -1.65 -9.24
CA MET A 5 -18.25 -0.19 -9.55
C MET A 5 -18.71 0.65 -8.37
N LYS A 6 -17.77 1.04 -7.54
CA LYS A 6 -18.12 1.87 -6.36
C LYS A 6 -17.13 3.02 -6.18
N ASP A 7 -16.72 3.58 -7.28
CA ASP A 7 -15.75 4.71 -7.21
C ASP A 7 -14.66 4.42 -6.18
N LEU A 8 -13.95 3.34 -6.39
CA LEU A 8 -12.86 2.99 -5.45
C LEU A 8 -11.98 1.90 -6.03
N SER A 9 -12.53 0.72 -6.16
CA SER A 9 -11.73 -0.40 -6.74
C SER A 9 -11.31 -0.05 -8.15
N ILE A 10 -12.18 0.58 -8.88
CA ILE A 10 -11.85 0.96 -10.27
C ILE A 10 -10.69 1.95 -10.29
N ASN A 11 -10.84 3.01 -9.55
CA ASN A 11 -9.75 4.02 -9.52
C ASN A 11 -8.42 3.34 -9.27
N PHE A 12 -8.37 2.57 -8.21
CA PHE A 12 -7.10 1.86 -7.90
C PHE A 12 -6.55 1.18 -9.14
N GLY A 13 -7.43 0.57 -9.89
CA GLY A 13 -6.99 -0.11 -11.14
C GLY A 13 -6.51 0.92 -12.14
N LYS A 14 -7.23 2.02 -12.23
CA LYS A 14 -6.83 3.07 -13.18
C LYS A 14 -5.42 3.57 -12.85
N ALA A 15 -5.23 3.93 -11.61
CA ALA A 15 -3.89 4.42 -11.20
C ALA A 15 -2.83 3.41 -11.61
N LEU A 16 -3.10 2.16 -11.35
CA LEU A 16 -2.12 1.12 -11.72
C LEU A 16 -1.98 1.06 -13.23
N ASP A 17 -3.09 1.25 -13.90
CA ASP A 17 -3.04 1.21 -15.37
C ASP A 17 -2.10 2.29 -15.87
N THR A 18 -2.22 3.45 -15.30
CA THR A 18 -1.33 4.55 -15.74
C THR A 18 0.12 4.09 -15.66
N CYS A 19 0.49 3.55 -14.53
CA CYS A 19 1.88 3.07 -14.39
C CYS A 19 2.20 2.15 -15.55
N LYS A 20 1.25 1.32 -15.89
CA LYS A 20 1.47 0.38 -17.01
C LYS A 20 1.99 1.16 -18.21
N LYS A 21 1.37 2.27 -18.48
CA LYS A 21 1.82 3.08 -19.63
C LYS A 21 3.16 3.72 -19.31
N GLU A 22 3.51 3.71 -18.06
CA GLU A 22 4.80 4.31 -17.64
C GLU A 22 5.94 3.29 -17.66
N LEU A 23 5.62 2.04 -17.38
CA LEU A 23 6.70 1.01 -17.38
C LEU A 23 6.18 -0.36 -17.84
N ASP A 24 4.94 -0.41 -18.26
CA ASP A 24 4.37 -1.70 -18.72
C ASP A 24 4.43 -2.75 -17.60
N LEU A 25 3.31 -2.92 -16.94
CA LEU A 25 3.26 -3.91 -15.83
C LEU A 25 2.65 -5.23 -16.34
N PRO A 26 3.40 -6.33 -16.24
CA PRO A 26 2.90 -7.62 -16.70
C PRO A 26 1.62 -8.00 -15.95
N ASP A 27 0.76 -8.73 -16.62
CA ASP A 27 -0.51 -9.14 -15.96
C ASP A 27 -0.26 -10.22 -14.95
N SER A 28 0.39 -11.28 -15.38
CA SER A 28 0.68 -12.38 -14.44
C SER A 28 1.19 -11.79 -13.15
N ILE A 29 1.90 -10.71 -13.27
CA ILE A 29 2.43 -10.05 -12.08
C ILE A 29 1.35 -9.21 -11.44
N ASN A 30 0.49 -8.63 -12.27
CA ASN A 30 -0.59 -7.79 -11.71
C ASN A 30 -1.43 -8.63 -10.75
N GLU A 31 -1.80 -9.80 -11.20
CA GLU A 31 -2.61 -10.69 -10.34
C GLU A 31 -1.84 -11.06 -9.08
N ASP A 32 -0.67 -11.63 -9.27
CA ASP A 32 0.14 -12.01 -8.09
C ASP A 32 0.20 -10.85 -7.11
N PHE A 33 0.30 -9.67 -7.66
CA PHE A 33 0.35 -8.47 -6.80
C PHE A 33 -0.81 -8.45 -5.82
N TYR A 34 -2.00 -8.51 -6.35
CA TYR A 34 -3.19 -8.50 -5.44
C TYR A 34 -3.13 -9.64 -4.43
N LYS A 35 -2.52 -10.71 -4.82
CA LYS A 35 -2.42 -11.88 -3.89
C LYS A 35 -1.40 -11.63 -2.76
N PHE A 36 -0.51 -10.71 -2.98
CA PHE A 36 0.51 -10.42 -1.92
C PHE A 36 -0.11 -9.74 -0.71
N TRP A 37 -0.98 -8.79 -0.95
CA TRP A 37 -1.62 -8.09 0.19
C TRP A 37 -2.93 -8.77 0.60
N LYS A 38 -2.88 -10.05 0.87
CA LYS A 38 -4.13 -10.74 1.27
C LYS A 38 -3.86 -12.04 2.02
N GLU A 39 -3.18 -12.94 1.37
CA GLU A 39 -2.87 -14.23 2.03
C GLU A 39 -1.61 -14.13 2.89
N ASP A 40 -0.59 -14.84 2.50
CA ASP A 40 0.68 -14.79 3.26
C ASP A 40 1.86 -14.82 2.30
N TYR A 41 1.59 -14.45 1.08
CA TYR A 41 2.65 -14.43 0.06
C TYR A 41 3.58 -13.25 0.27
N GLU A 42 4.70 -13.24 -0.41
CA GLU A 42 5.64 -12.12 -0.25
C GLU A 42 6.38 -11.83 -1.55
N ILE A 43 5.89 -10.88 -2.31
CA ILE A 43 6.56 -10.56 -3.59
C ILE A 43 8.05 -10.31 -3.34
N THR A 44 8.84 -10.57 -4.35
CA THR A 44 10.31 -10.35 -4.19
C THR A 44 10.90 -9.83 -5.50
N ASN A 45 10.10 -9.10 -6.23
CA ASN A 45 10.59 -8.55 -7.53
C ASN A 45 10.91 -7.06 -7.39
N ARG A 46 12.16 -6.71 -7.59
CA ARG A 46 12.53 -5.28 -7.48
C ARG A 46 11.52 -4.43 -8.21
N LEU A 47 10.78 -5.05 -9.09
CA LEU A 47 9.76 -4.28 -9.85
C LEU A 47 8.59 -3.95 -8.95
N THR A 48 7.95 -4.98 -8.45
CA THR A 48 6.80 -4.73 -7.56
C THR A 48 7.16 -3.68 -6.54
N GLY A 49 8.45 -3.50 -6.35
CA GLY A 49 8.92 -2.49 -5.36
C GLY A 49 8.78 -1.10 -5.95
N CYS A 50 9.46 -0.87 -7.04
CA CYS A 50 9.38 0.46 -7.68
C CYS A 50 7.91 0.85 -7.81
N ALA A 51 7.07 -0.14 -7.95
CA ALA A 51 5.63 0.13 -8.09
C ALA A 51 5.09 0.79 -6.83
N ILE A 52 5.28 0.13 -5.71
CA ILE A 52 4.77 0.71 -4.45
C ILE A 52 5.16 2.18 -4.37
N LYS A 53 6.40 2.47 -4.70
CA LYS A 53 6.86 3.88 -4.65
C LYS A 53 6.12 4.72 -5.69
N CYS A 54 6.13 4.24 -6.91
CA CYS A 54 5.43 4.99 -7.99
C CYS A 54 4.07 5.47 -7.52
N LEU A 55 3.33 4.57 -6.91
CA LEU A 55 1.99 4.95 -6.41
C LEU A 55 2.10 6.08 -5.40
N SER A 56 3.00 5.93 -4.47
CA SER A 56 3.16 6.98 -3.43
C SER A 56 3.12 8.37 -4.07
N GLU A 57 3.87 8.54 -5.12
CA GLU A 57 3.89 9.85 -5.79
C GLU A 57 2.56 10.15 -6.48
N LYS A 58 1.88 9.10 -6.87
CA LYS A 58 0.58 9.30 -7.55
C LYS A 58 -0.58 9.32 -6.55
N LEU A 59 -0.27 9.02 -5.31
CA LEU A 59 -1.33 9.00 -4.25
C LEU A 59 -2.41 10.06 -4.55
N GLU A 60 -2.00 11.17 -5.10
CA GLU A 60 -2.99 12.23 -5.42
C GLU A 60 -4.02 11.71 -6.41
N MET A 61 -3.55 11.02 -7.41
CA MET A 61 -4.49 10.48 -8.43
C MET A 61 -5.39 9.42 -7.82
N VAL A 62 -4.85 8.67 -6.90
CA VAL A 62 -5.67 7.61 -6.25
C VAL A 62 -6.95 8.21 -5.69
N ASP A 63 -6.90 8.62 -4.45
CA ASP A 63 -8.11 9.21 -3.84
C ASP A 63 -8.38 10.60 -4.44
N ALA A 64 -9.50 10.73 -5.09
CA ALA A 64 -9.84 12.04 -5.72
C ALA A 64 -10.42 13.01 -4.69
N ASP A 65 -11.54 12.65 -4.14
CA ASP A 65 -12.19 13.55 -3.13
C ASP A 65 -11.16 14.21 -2.23
N GLY A 66 -10.10 13.50 -1.94
CA GLY A 66 -9.04 14.07 -1.06
C GLY A 66 -9.19 13.55 0.38
N LYS A 67 -8.73 12.34 0.59
CA LYS A 67 -8.83 11.75 1.95
C LYS A 67 -7.61 10.89 2.26
N LEU A 68 -6.75 10.77 1.28
CA LEU A 68 -5.52 9.95 1.47
C LEU A 68 -4.33 10.64 0.84
N HIS A 69 -3.71 11.52 1.60
CA HIS A 69 -2.53 12.25 1.08
C HIS A 69 -1.29 11.92 1.90
N HIS A 70 -0.15 12.09 1.31
CA HIS A 70 1.09 11.78 2.05
C HIS A 70 1.13 12.52 3.38
N GLY A 71 0.81 11.81 4.44
CA GLY A 71 0.80 12.43 5.79
C GLY A 71 -0.59 12.31 6.42
N ASN A 72 -1.49 11.72 5.70
CA ASN A 72 -2.87 11.56 6.25
C ASN A 72 -3.54 10.30 5.70
N ALA A 73 -3.52 9.27 6.50
CA ALA A 73 -4.14 7.99 6.08
C ALA A 73 -5.23 7.61 7.07
N ARG A 74 -5.23 8.30 8.17
CA ARG A 74 -6.24 8.03 9.23
C ARG A 74 -7.62 7.83 8.61
N GLU A 75 -8.26 8.91 8.25
CA GLU A 75 -9.61 8.80 7.65
C GLU A 75 -9.65 7.68 6.60
N PHE A 76 -8.83 7.80 5.60
CA PHE A 76 -8.80 6.76 4.54
C PHE A 76 -8.80 5.36 5.15
N ALA A 77 -8.33 5.28 6.36
CA ALA A 77 -8.30 3.96 7.04
C ALA A 77 -9.61 3.69 7.77
N MET A 78 -10.04 4.65 8.54
CA MET A 78 -11.30 4.47 9.30
C MET A 78 -12.44 4.04 8.37
N LYS A 79 -12.34 4.39 7.12
CA LYS A 79 -13.40 4.00 6.17
C LYS A 79 -13.14 2.61 5.59
N HIS A 80 -12.56 1.77 6.38
CA HIS A 80 -12.27 0.40 5.91
C HIS A 80 -12.01 -0.55 7.07
N GLY A 81 -11.15 -0.13 7.96
CA GLY A 81 -10.84 -1.02 9.12
C GLY A 81 -9.62 -0.49 9.90
N ALA A 82 -9.74 0.70 10.42
CA ALA A 82 -8.61 1.28 11.19
C ALA A 82 -8.97 2.70 11.65
N ASP A 83 -9.51 2.78 12.85
CA ASP A 83 -9.89 4.11 13.40
C ASP A 83 -8.71 4.80 14.07
N ASP A 84 -9.01 5.55 15.10
CA ASP A 84 -7.93 6.27 15.83
C ASP A 84 -6.79 5.33 16.21
N ALA A 85 -7.00 4.57 17.25
CA ALA A 85 -5.94 3.62 17.69
C ALA A 85 -5.30 2.92 16.50
N MET A 86 -6.07 2.09 15.84
CA MET A 86 -5.54 1.36 14.65
C MET A 86 -4.65 2.26 13.82
N ALA A 87 -5.25 3.21 13.15
CA ALA A 87 -4.46 4.15 12.29
C ALA A 87 -3.15 4.54 12.98
N LYS A 88 -3.24 5.08 14.14
CA LYS A 88 -2.00 5.48 14.86
C LYS A 88 -1.04 4.32 14.91
N GLN A 89 -1.52 3.19 15.36
CA GLN A 89 -0.64 2.01 15.45
C GLN A 89 -0.11 1.63 14.07
N LEU A 90 -0.96 1.77 13.08
CA LEU A 90 -0.52 1.43 11.70
C LEU A 90 0.62 2.33 11.26
N VAL A 91 0.45 3.61 11.44
CA VAL A 91 1.51 4.55 11.03
C VAL A 91 2.77 4.37 11.89
N ASP A 92 2.58 4.15 13.16
CA ASP A 92 3.76 3.97 14.04
C ASP A 92 4.52 2.69 13.68
N LEU A 93 3.84 1.75 13.08
CA LEU A 93 4.52 0.49 12.72
C LEU A 93 5.11 0.59 11.33
N ILE A 94 4.33 1.09 10.40
CA ILE A 94 4.84 1.22 9.02
C ILE A 94 6.07 2.10 9.01
N HIS A 95 6.09 3.08 9.89
CA HIS A 95 7.25 3.98 9.94
C HIS A 95 8.43 3.28 10.61
N GLY A 96 8.16 2.64 11.72
CA GLY A 96 9.27 1.94 12.42
C GLY A 96 10.05 1.11 11.41
N CYS A 97 9.31 0.48 10.52
CA CYS A 97 9.97 -0.36 9.49
C CYS A 97 10.84 0.49 8.60
N GLU A 98 10.28 1.57 8.13
CA GLU A 98 11.07 2.47 7.25
C GLU A 98 12.31 2.97 7.96
N LYS A 99 12.17 3.24 9.21
CA LYS A 99 13.31 3.74 10.00
C LYS A 99 14.11 2.58 10.58
N SER A 100 13.64 1.37 10.39
CA SER A 100 14.38 0.21 10.95
C SER A 100 15.36 -0.30 9.93
N ILE A 101 14.96 -0.20 8.71
CA ILE A 101 15.81 -0.67 7.62
C ILE A 101 16.67 0.49 7.07
N PRO A 102 18.00 0.36 7.16
CA PRO A 102 18.90 1.41 6.66
C PRO A 102 18.85 1.52 5.12
N PRO A 103 19.44 2.57 4.61
CA PRO A 103 19.48 2.80 3.17
C PRO A 103 20.18 1.66 2.44
N ASN A 104 19.42 0.88 1.73
CA ASN A 104 20.03 -0.26 0.99
C ASN A 104 20.54 0.18 -0.37
N ASP A 105 20.72 -0.76 -1.25
CA ASP A 105 21.22 -0.42 -2.60
C ASP A 105 20.27 0.55 -3.29
N ASP A 106 19.02 0.18 -3.35
CA ASP A 106 18.00 1.05 -4.01
C ASP A 106 16.84 1.31 -3.06
N ARG A 107 16.03 2.28 -3.39
CA ARG A 107 14.87 2.59 -2.51
C ARG A 107 13.71 1.62 -2.78
N CYS A 108 13.65 1.12 -3.99
CA CYS A 108 12.56 0.18 -4.33
C CYS A 108 12.67 -1.09 -3.49
N MET A 109 13.88 -1.46 -3.17
CA MET A 109 14.07 -2.68 -2.36
C MET A 109 13.63 -2.42 -0.94
N GLU A 110 14.03 -1.29 -0.42
CA GLU A 110 13.65 -0.95 0.96
C GLU A 110 12.15 -0.91 1.09
N VAL A 111 11.51 -0.16 0.22
CA VAL A 111 10.05 -0.05 0.27
C VAL A 111 9.41 -1.44 0.22
N LEU A 112 10.02 -2.32 -0.52
CA LEU A 112 9.45 -3.69 -0.63
C LEU A 112 9.55 -4.39 0.71
N SER A 113 10.57 -4.05 1.46
CA SER A 113 10.73 -4.69 2.78
C SER A 113 9.70 -4.16 3.76
N ILE A 114 9.55 -2.87 3.79
CA ILE A 114 8.57 -2.29 4.73
C ILE A 114 7.19 -2.87 4.48
N ALA A 115 6.92 -3.21 3.24
CA ALA A 115 5.60 -3.77 2.91
C ALA A 115 5.47 -5.15 3.55
N MET A 116 6.45 -5.98 3.30
CA MET A 116 6.41 -7.33 3.88
C MET A 116 6.52 -7.22 5.40
N CYS A 117 7.03 -6.10 5.85
CA CYS A 117 7.18 -5.90 7.31
C CYS A 117 5.85 -5.45 7.90
N PHE A 118 5.36 -4.33 7.41
CA PHE A 118 4.07 -3.82 7.94
C PHE A 118 3.07 -4.97 8.05
N LYS A 119 3.19 -5.91 7.15
CA LYS A 119 2.28 -7.06 7.18
C LYS A 119 2.69 -8.05 8.28
N LYS A 120 3.93 -8.49 8.22
CA LYS A 120 4.40 -9.44 9.25
C LYS A 120 4.01 -8.95 10.63
N GLU A 121 4.45 -7.77 10.96
CA GLU A 121 4.11 -7.22 12.30
C GLU A 121 2.61 -7.25 12.53
N ILE A 122 1.87 -6.75 11.57
CA ILE A 122 0.40 -6.75 11.72
C ILE A 122 -0.09 -8.16 12.03
N HIS A 123 0.61 -9.14 11.53
CA HIS A 123 0.20 -10.54 11.78
C HIS A 123 0.33 -10.86 13.25
N ASN A 124 1.42 -10.45 13.84
CA ASN A 124 1.63 -10.73 15.27
C ASN A 124 0.48 -10.16 16.11
N LEU A 125 0.04 -8.96 15.78
CA LEU A 125 -1.07 -8.35 16.56
C LEU A 125 -2.36 -9.19 16.41
N LYS A 126 -2.38 -10.04 15.42
CA LYS A 126 -3.59 -10.89 15.19
C LYS A 126 -4.76 -10.15 14.51
N TRP A 127 -4.46 -9.39 13.50
CA TRP A 127 -5.56 -8.64 12.79
C TRP A 127 -5.03 -8.00 11.52
N ALA A 128 -5.90 -7.41 10.76
CA ALA A 128 -5.44 -6.78 9.50
C ALA A 128 -6.42 -5.66 9.03
N PRO A 129 -5.94 -4.43 8.94
CA PRO A 129 -6.78 -3.30 8.50
C PRO A 129 -7.23 -3.46 7.05
N ASN A 130 -7.30 -4.68 6.61
CA ASN A 130 -7.73 -4.96 5.19
C ASN A 130 -6.68 -4.52 4.18
N MET A 131 -7.04 -4.64 2.92
CA MET A 131 -6.10 -4.24 1.84
C MET A 131 -6.12 -2.74 1.59
N GLU A 132 -7.29 -2.21 1.31
CA GLU A 132 -7.42 -0.75 1.07
C GLU A 132 -6.49 0.05 1.96
N VAL A 133 -6.81 0.08 3.22
CA VAL A 133 -5.97 0.84 4.17
C VAL A 133 -4.49 0.50 4.00
N VAL A 134 -4.15 -0.75 4.18
CA VAL A 134 -2.73 -1.18 4.03
C VAL A 134 -2.08 -0.52 2.82
N VAL A 135 -2.67 -0.69 1.67
CA VAL A 135 -2.09 -0.08 0.46
C VAL A 135 -1.87 1.41 0.67
N GLY A 136 -2.94 2.12 0.86
CA GLY A 136 -2.82 3.59 1.07
C GLY A 136 -1.81 3.90 2.19
N GLU A 137 -1.65 2.97 3.10
CA GLU A 137 -0.69 3.20 4.20
C GLU A 137 0.74 3.26 3.68
N VAL A 138 1.20 2.19 3.10
CA VAL A 138 2.59 2.18 2.57
C VAL A 138 2.77 3.31 1.56
N LEU A 139 1.68 3.79 1.04
CA LEU A 139 1.76 4.89 0.05
C LEU A 139 1.88 6.24 0.77
N ALA A 140 0.98 6.47 1.69
CA ALA A 140 1.01 7.76 2.43
C ALA A 140 2.30 7.89 3.24
N GLU A 141 3.00 6.80 3.40
CA GLU A 141 4.27 6.84 4.17
C GLU A 141 5.14 8.01 3.72
N VAL A 142 5.88 7.80 2.67
CA VAL A 142 6.76 8.88 2.17
C VAL A 142 5.93 10.06 1.68
N SER A 1 -19.55 -15.84 -4.29
CA SER A 1 -18.83 -15.20 -3.17
C SER A 1 -19.02 -13.68 -3.23
N PRO A 2 -20.26 -13.26 -3.12
CA PRO A 2 -20.60 -11.84 -3.15
C PRO A 2 -19.89 -11.08 -2.03
N GLU A 3 -19.27 -9.99 -2.39
CA GLU A 3 -18.55 -9.18 -1.37
C GLU A 3 -18.65 -7.70 -1.70
N ILE A 4 -18.21 -6.88 -0.78
CA ILE A 4 -18.26 -5.43 -1.00
C ILE A 4 -16.91 -4.91 -1.41
N MET A 5 -16.41 -3.99 -0.67
CA MET A 5 -15.09 -3.41 -0.98
C MET A 5 -14.95 -3.13 -2.48
N LYS A 6 -16.07 -2.99 -3.14
CA LYS A 6 -16.02 -2.71 -4.61
C LYS A 6 -16.12 -1.22 -4.88
N ASP A 7 -16.11 -0.43 -3.84
CA ASP A 7 -16.20 1.04 -4.04
C ASP A 7 -14.81 1.67 -4.13
N LEU A 8 -13.81 0.83 -4.16
CA LEU A 8 -12.42 1.35 -4.25
C LEU A 8 -11.56 0.45 -5.13
N SER A 9 -12.17 -0.56 -5.69
CA SER A 9 -11.41 -1.48 -6.56
C SER A 9 -11.10 -0.82 -7.89
N ILE A 10 -12.12 -0.34 -8.54
CA ILE A 10 -11.91 0.32 -9.85
C ILE A 10 -11.01 1.54 -9.70
N ASN A 11 -11.28 2.30 -8.67
CA ASN A 11 -10.45 3.52 -8.45
C ASN A 11 -8.97 3.16 -8.43
N PHE A 12 -8.60 2.35 -7.47
CA PHE A 12 -7.17 1.95 -7.37
C PHE A 12 -6.68 1.40 -8.70
N GLY A 13 -7.57 0.83 -9.46
CA GLY A 13 -7.17 0.26 -10.78
C GLY A 13 -6.58 1.35 -11.66
N LYS A 14 -7.25 2.48 -11.71
CA LYS A 14 -6.75 3.59 -12.55
C LYS A 14 -5.27 3.82 -12.32
N ALA A 15 -4.92 4.19 -11.12
CA ALA A 15 -3.49 4.44 -10.81
C ALA A 15 -2.62 3.29 -11.33
N LEU A 16 -2.91 2.10 -10.87
CA LEU A 16 -2.11 0.93 -11.33
C LEU A 16 -2.06 0.88 -12.85
N ASP A 17 -3.20 1.06 -13.46
CA ASP A 17 -3.25 1.02 -14.94
C ASP A 17 -2.30 2.05 -15.54
N THR A 18 -2.46 3.28 -15.14
CA THR A 18 -1.58 4.34 -15.68
C THR A 18 -0.12 3.87 -15.70
N CYS A 19 0.29 3.24 -14.63
CA CYS A 19 1.68 2.76 -14.57
C CYS A 19 1.93 1.72 -15.65
N LYS A 20 1.17 0.65 -15.60
CA LYS A 20 1.34 -0.42 -16.62
C LYS A 20 1.52 0.18 -18.02
N LYS A 21 0.65 1.09 -18.36
CA LYS A 21 0.74 1.73 -19.70
C LYS A 21 2.12 2.37 -19.91
N GLU A 22 2.63 2.99 -18.89
CA GLU A 22 3.96 3.63 -19.02
C GLU A 22 5.09 2.68 -18.65
N LEU A 23 4.91 1.97 -17.57
CA LEU A 23 5.95 1.02 -17.14
C LEU A 23 5.91 -0.26 -17.97
N ASP A 24 4.82 -0.50 -18.62
CA ASP A 24 4.72 -1.73 -19.46
C ASP A 24 5.12 -2.96 -18.64
N LEU A 25 4.49 -3.12 -17.51
CA LEU A 25 4.81 -4.29 -16.65
C LEU A 25 4.10 -5.56 -17.17
N PRO A 26 4.82 -6.68 -17.22
CA PRO A 26 4.23 -7.92 -17.68
C PRO A 26 3.06 -8.30 -16.78
N ASP A 27 1.86 -8.14 -17.29
CA ASP A 27 0.67 -8.49 -16.48
C ASP A 27 0.91 -9.69 -15.58
N SER A 28 1.61 -10.68 -16.10
CA SER A 28 1.88 -11.87 -15.27
C SER A 28 2.31 -11.43 -13.89
N ILE A 29 3.01 -10.32 -13.85
CA ILE A 29 3.47 -9.80 -12.55
C ILE A 29 2.34 -9.07 -11.85
N ASN A 30 1.58 -8.32 -12.62
CA ASN A 30 0.45 -7.57 -12.02
C ASN A 30 -0.46 -8.54 -11.27
N GLU A 31 -0.64 -9.70 -11.84
CA GLU A 31 -1.50 -10.70 -11.19
C GLU A 31 -0.85 -11.21 -9.91
N ASP A 32 0.34 -11.76 -10.06
CA ASP A 32 1.05 -12.28 -8.88
C ASP A 32 1.31 -11.15 -7.89
N PHE A 33 1.49 -9.96 -8.42
CA PHE A 33 1.75 -8.81 -7.54
C PHE A 33 0.48 -8.39 -6.83
N TYR A 34 -0.64 -8.79 -7.37
CA TYR A 34 -1.92 -8.41 -6.73
C TYR A 34 -2.19 -9.33 -5.55
N LYS A 35 -2.01 -10.61 -5.77
CA LYS A 35 -2.25 -11.58 -4.68
C LYS A 35 -1.29 -11.31 -3.52
N PHE A 36 -0.12 -10.82 -3.84
CA PHE A 36 0.86 -10.53 -2.76
C PHE A 36 0.15 -9.85 -1.59
N TRP A 37 -0.72 -8.93 -1.91
CA TRP A 37 -1.46 -8.21 -0.84
C TRP A 37 -2.75 -8.94 -0.48
N LYS A 38 -2.79 -10.21 -0.78
CA LYS A 38 -4.02 -11.01 -0.47
C LYS A 38 -3.67 -12.37 0.10
N GLU A 39 -2.96 -13.15 -0.67
CA GLU A 39 -2.57 -14.50 -0.20
C GLU A 39 -1.41 -14.41 0.78
N ASP A 40 -0.28 -14.89 0.36
CA ASP A 40 0.91 -14.86 1.24
C ASP A 40 2.18 -14.89 0.42
N TYR A 41 2.04 -14.56 -0.83
CA TYR A 41 3.22 -14.56 -1.73
C TYR A 41 4.23 -13.52 -1.27
N GLU A 42 5.36 -13.48 -1.91
CA GLU A 42 6.39 -12.48 -1.52
C GLU A 42 7.12 -11.96 -2.75
N ILE A 43 6.48 -11.04 -3.43
CA ILE A 43 7.12 -10.46 -4.66
C ILE A 43 8.62 -10.25 -4.44
N THR A 44 9.39 -10.68 -5.42
CA THR A 44 10.87 -10.52 -5.32
C THR A 44 11.44 -9.87 -6.57
N ASN A 45 10.78 -8.82 -7.01
CA ASN A 45 11.25 -8.11 -8.23
C ASN A 45 11.53 -6.64 -7.92
N ARG A 46 12.77 -6.25 -8.03
CA ARG A 46 13.12 -4.85 -7.74
C ARG A 46 12.10 -3.90 -8.36
N LEU A 47 11.47 -4.35 -9.41
CA LEU A 47 10.46 -3.49 -10.07
C LEU A 47 9.24 -3.35 -9.19
N THR A 48 8.69 -4.46 -8.78
CA THR A 48 7.50 -4.40 -7.91
C THR A 48 7.69 -3.36 -6.82
N GLY A 49 8.93 -3.11 -6.49
CA GLY A 49 9.22 -2.11 -5.43
C GLY A 49 9.04 -0.72 -6.00
N CYS A 50 9.74 -0.44 -7.05
CA CYS A 50 9.62 0.89 -7.65
C CYS A 50 8.14 1.20 -7.87
N ALA A 51 7.40 0.17 -8.17
CA ALA A 51 5.95 0.36 -8.40
C ALA A 51 5.31 1.01 -7.17
N ILE A 52 5.44 0.36 -6.04
CA ILE A 52 4.83 0.94 -4.82
C ILE A 52 5.19 2.42 -4.73
N LYS A 53 6.41 2.75 -5.08
CA LYS A 53 6.84 4.17 -5.03
C LYS A 53 6.00 5.02 -6.00
N CYS A 54 5.80 4.50 -7.18
CA CYS A 54 5.01 5.26 -8.18
C CYS A 54 3.61 5.54 -7.65
N LEU A 55 3.03 4.56 -7.01
CA LEU A 55 1.67 4.77 -6.46
C LEU A 55 1.66 5.97 -5.53
N SER A 56 2.45 5.91 -4.49
CA SER A 56 2.49 7.05 -3.54
C SER A 56 2.55 8.36 -4.30
N GLU A 57 3.50 8.47 -5.20
CA GLU A 57 3.61 9.73 -5.97
C GLU A 57 2.32 10.00 -6.71
N LYS A 58 1.62 8.95 -7.03
CA LYS A 58 0.33 9.10 -7.76
C LYS A 58 -0.84 9.23 -6.79
N LEU A 59 -0.57 9.05 -5.52
CA LEU A 59 -1.65 9.16 -4.50
C LEU A 59 -2.65 10.25 -4.87
N GLU A 60 -2.19 11.24 -5.57
CA GLU A 60 -3.12 12.33 -5.96
C GLU A 60 -4.27 11.78 -6.78
N MET A 61 -3.97 10.83 -7.64
CA MET A 61 -5.04 10.24 -8.47
C MET A 61 -5.80 9.18 -7.69
N VAL A 62 -5.12 8.51 -6.81
CA VAL A 62 -5.80 7.45 -6.00
C VAL A 62 -7.05 8.01 -5.33
N ASP A 63 -6.84 8.77 -4.29
CA ASP A 63 -8.00 9.37 -3.57
C ASP A 63 -7.80 10.86 -3.34
N ALA A 64 -8.32 11.65 -4.25
CA ALA A 64 -8.16 13.11 -4.11
C ALA A 64 -9.22 13.69 -3.17
N ASP A 65 -10.06 12.83 -2.65
CA ASP A 65 -11.11 13.30 -1.72
C ASP A 65 -10.49 14.07 -0.56
N GLY A 66 -9.19 14.19 -0.57
CA GLY A 66 -8.51 14.92 0.53
C GLY A 66 -8.53 14.10 1.82
N LYS A 67 -8.17 12.85 1.71
CA LYS A 67 -8.16 11.98 2.91
C LYS A 67 -7.01 10.99 2.87
N LEU A 68 -6.34 10.95 1.74
CA LEU A 68 -5.19 10.01 1.60
C LEU A 68 -3.97 10.72 1.05
N HIS A 69 -3.24 11.35 1.92
CA HIS A 69 -2.03 12.07 1.48
C HIS A 69 -0.93 11.95 2.53
N HIS A 70 0.29 11.81 2.06
CA HIS A 70 1.44 11.68 3.00
C HIS A 70 1.27 12.57 4.22
N GLY A 71 0.69 12.01 5.25
CA GLY A 71 0.47 12.79 6.51
C GLY A 71 -0.98 12.64 6.95
N ASN A 72 -1.77 11.94 6.17
CA ASN A 72 -3.19 11.77 6.54
C ASN A 72 -3.75 10.44 6.04
N ALA A 73 -3.78 9.48 6.91
CA ALA A 73 -4.29 8.14 6.55
C ALA A 73 -5.43 7.84 7.49
N ARG A 74 -5.49 8.63 8.51
CA ARG A 74 -6.54 8.50 9.53
C ARG A 74 -7.91 8.22 8.90
N GLU A 75 -8.61 9.27 8.58
CA GLU A 75 -9.96 9.10 7.97
C GLU A 75 -9.97 7.97 6.95
N PHE A 76 -9.14 8.06 5.95
CA PHE A 76 -9.11 7.00 4.92
C PHE A 76 -8.97 5.62 5.56
N ALA A 77 -8.28 5.57 6.67
CA ALA A 77 -8.10 4.27 7.35
C ALA A 77 -9.21 4.03 8.37
N MET A 78 -9.61 5.08 9.05
CA MET A 78 -10.69 4.93 10.06
C MET A 78 -12.01 4.60 9.37
N LYS A 79 -12.24 5.19 8.25
CA LYS A 79 -13.50 4.92 7.53
C LYS A 79 -13.54 3.47 7.06
N HIS A 80 -12.65 2.68 7.60
CA HIS A 80 -12.61 1.25 7.20
C HIS A 80 -12.31 0.35 8.39
N GLY A 81 -11.49 0.82 9.31
CA GLY A 81 -11.18 -0.04 10.48
C GLY A 81 -10.12 0.61 11.39
N ALA A 82 -9.04 1.08 10.82
CA ALA A 82 -7.99 1.72 11.66
C ALA A 82 -8.50 3.02 12.29
N ASP A 83 -9.12 2.88 13.43
CA ASP A 83 -9.65 4.08 14.13
C ASP A 83 -8.52 4.97 14.64
N ASP A 84 -8.84 5.78 15.60
CA ASP A 84 -7.80 6.68 16.16
C ASP A 84 -6.54 5.92 16.55
N ALA A 85 -6.51 5.44 17.76
CA ALA A 85 -5.31 4.67 18.21
C ALA A 85 -4.84 3.72 17.13
N MET A 86 -5.77 2.99 16.57
CA MET A 86 -5.40 2.03 15.50
C MET A 86 -4.65 2.74 14.39
N ALA A 87 -5.29 3.71 13.80
CA ALA A 87 -4.62 4.45 12.70
C ALA A 87 -3.18 4.78 13.05
N LYS A 88 -3.00 5.43 14.17
CA LYS A 88 -1.61 5.78 14.58
C LYS A 88 -0.73 4.54 14.61
N GLN A 89 -1.21 3.51 15.24
CA GLN A 89 -0.42 2.26 15.32
C GLN A 89 0.06 1.84 13.93
N LEU A 90 -0.82 1.89 12.97
CA LEU A 90 -0.43 1.51 11.60
C LEU A 90 0.73 2.36 11.10
N VAL A 91 0.55 3.64 11.16
CA VAL A 91 1.63 4.53 10.70
C VAL A 91 2.87 4.40 11.59
N ASP A 92 2.65 4.21 12.86
CA ASP A 92 3.80 4.08 13.77
C ASP A 92 4.55 2.77 13.51
N LEU A 93 3.87 1.82 12.94
CA LEU A 93 4.52 0.53 12.66
C LEU A 93 5.20 0.57 11.31
N ILE A 94 4.47 1.00 10.30
CA ILE A 94 5.07 1.07 8.96
C ILE A 94 6.34 1.92 8.99
N HIS A 95 6.31 2.93 9.81
CA HIS A 95 7.47 3.81 9.90
C HIS A 95 8.59 3.14 10.68
N GLY A 96 8.23 2.45 11.74
CA GLY A 96 9.29 1.77 12.52
C GLY A 96 10.21 1.00 11.57
N CYS A 97 9.61 0.20 10.73
CA CYS A 97 10.42 -0.58 9.76
C CYS A 97 11.20 0.37 8.86
N GLU A 98 10.59 1.47 8.52
CA GLU A 98 11.28 2.46 7.64
C GLU A 98 12.61 2.88 8.23
N LYS A 99 12.59 3.33 9.45
CA LYS A 99 13.85 3.76 10.08
C LYS A 99 14.69 2.55 10.45
N SER A 100 14.10 1.40 10.31
CA SER A 100 14.84 0.15 10.66
C SER A 100 15.73 -0.33 9.51
N ILE A 101 15.11 -0.63 8.39
CA ILE A 101 15.89 -1.11 7.22
C ILE A 101 17.08 -0.17 6.90
N PRO A 102 18.31 -0.66 7.09
CA PRO A 102 19.49 0.15 6.80
C PRO A 102 19.64 0.36 5.29
N PRO A 103 20.54 1.23 4.92
CA PRO A 103 20.78 1.52 3.51
C PRO A 103 21.08 0.24 2.74
N ASN A 104 20.45 0.09 1.60
CA ASN A 104 20.69 -1.13 0.78
C ASN A 104 20.90 -0.78 -0.69
N ASP A 105 20.96 -1.79 -1.51
CA ASP A 105 21.17 -1.55 -2.96
C ASP A 105 20.37 -0.35 -3.45
N ASP A 106 19.07 -0.46 -3.34
CA ASP A 106 18.20 0.66 -3.80
C ASP A 106 17.02 0.87 -2.85
N ARG A 107 16.15 1.78 -3.20
CA ARG A 107 14.98 2.07 -2.34
C ARG A 107 13.84 1.10 -2.64
N CYS A 108 13.71 0.73 -3.88
CA CYS A 108 12.62 -0.21 -4.26
C CYS A 108 12.69 -1.49 -3.42
N MET A 109 13.89 -1.90 -3.09
CA MET A 109 14.03 -3.13 -2.27
C MET A 109 13.66 -2.85 -0.83
N GLU A 110 14.06 -1.71 -0.37
CA GLU A 110 13.74 -1.36 1.03
C GLU A 110 12.24 -1.22 1.20
N VAL A 111 11.61 -0.58 0.26
CA VAL A 111 10.14 -0.40 0.37
C VAL A 111 9.42 -1.74 0.26
N LEU A 112 10.01 -2.67 -0.44
CA LEU A 112 9.36 -3.99 -0.58
C LEU A 112 9.41 -4.73 0.74
N SER A 113 10.49 -4.57 1.44
CA SER A 113 10.62 -5.25 2.74
C SER A 113 9.64 -4.69 3.75
N ILE A 114 9.48 -3.40 3.75
CA ILE A 114 8.54 -2.77 4.71
C ILE A 114 7.14 -3.31 4.49
N ALA A 115 6.75 -3.44 3.25
CA ALA A 115 5.40 -3.96 2.96
C ALA A 115 5.23 -5.34 3.58
N MET A 116 6.21 -6.17 3.38
CA MET A 116 6.14 -7.54 3.93
C MET A 116 6.06 -7.50 5.46
N CYS A 117 6.81 -6.58 6.04
CA CYS A 117 6.80 -6.45 7.53
C CYS A 117 5.48 -5.90 8.03
N PHE A 118 5.16 -4.70 7.61
CA PHE A 118 3.90 -4.08 8.05
C PHE A 118 2.75 -5.10 8.10
N LYS A 119 2.63 -5.89 7.07
CA LYS A 119 1.53 -6.89 7.06
C LYS A 119 1.74 -7.97 8.13
N LYS A 120 2.92 -8.53 8.17
CA LYS A 120 3.19 -9.57 9.19
C LYS A 120 2.90 -9.07 10.60
N GLU A 121 3.53 -7.98 10.95
CA GLU A 121 3.31 -7.43 12.31
C GLU A 121 1.83 -7.26 12.62
N ILE A 122 1.08 -6.78 11.66
CA ILE A 122 -0.37 -6.60 11.89
C ILE A 122 -1.06 -7.93 12.17
N HIS A 123 -0.95 -8.84 11.25
CA HIS A 123 -1.59 -10.16 11.43
C HIS A 123 -1.27 -10.73 12.81
N ASN A 124 -0.10 -10.45 13.30
CA ASN A 124 0.27 -10.98 14.64
C ASN A 124 -0.13 -10.00 15.74
N LEU A 125 -0.49 -8.82 15.36
CA LEU A 125 -0.89 -7.82 16.39
C LEU A 125 -2.06 -8.36 17.21
N LYS A 126 -3.23 -8.28 16.64
CA LYS A 126 -4.44 -8.77 17.35
C LYS A 126 -5.67 -8.66 16.45
N TRP A 127 -5.76 -7.58 15.72
CA TRP A 127 -6.94 -7.38 14.80
C TRP A 127 -6.48 -7.40 13.34
N ALA A 128 -7.26 -6.79 12.49
CA ALA A 128 -6.86 -6.77 11.05
C ALA A 128 -7.64 -5.70 10.26
N PRO A 129 -6.94 -4.67 9.79
CA PRO A 129 -7.59 -3.60 9.03
C PRO A 129 -8.18 -4.13 7.73
N ASN A 130 -8.23 -3.27 6.73
CA ASN A 130 -8.79 -3.70 5.42
C ASN A 130 -7.76 -3.47 4.30
N MET A 131 -7.85 -4.29 3.29
CA MET A 131 -6.91 -4.16 2.15
C MET A 131 -6.70 -2.71 1.76
N GLU A 132 -7.76 -2.05 1.37
CA GLU A 132 -7.64 -0.62 0.98
C GLU A 132 -6.74 0.15 1.94
N VAL A 133 -7.15 0.25 3.17
CA VAL A 133 -6.34 0.99 4.17
C VAL A 133 -4.86 0.58 4.09
N VAL A 134 -4.60 -0.68 4.33
CA VAL A 134 -3.19 -1.16 4.27
C VAL A 134 -2.41 -0.53 3.12
N VAL A 135 -2.99 -0.55 1.95
CA VAL A 135 -2.29 0.06 0.80
C VAL A 135 -2.07 1.55 1.02
N GLY A 136 -3.16 2.25 1.24
CA GLY A 136 -3.04 3.71 1.48
C GLY A 136 -2.00 3.99 2.56
N GLU A 137 -1.65 2.97 3.31
CA GLU A 137 -0.65 3.16 4.37
C GLU A 137 0.75 3.24 3.78
N VAL A 138 1.18 2.18 3.13
CA VAL A 138 2.54 2.21 2.54
C VAL A 138 2.73 3.52 1.77
N LEU A 139 1.65 4.04 1.24
CA LEU A 139 1.74 5.32 0.47
C LEU A 139 1.83 6.51 1.42
N ALA A 140 0.91 6.58 2.34
CA ALA A 140 0.94 7.71 3.30
C ALA A 140 2.33 7.86 3.92
N GLU A 141 3.12 6.84 3.81
CA GLU A 141 4.48 6.89 4.37
C GLU A 141 5.39 7.78 3.52
N VAL A 142 5.82 7.26 2.41
CA VAL A 142 6.70 8.05 1.53
C VAL A 142 5.92 9.12 0.78
#